data_7WVD
#
_entry.id   7WVD
#
_cell.length_a   91.662
_cell.length_b   120.990
_cell.length_c   129.759
_cell.angle_alpha   90.000
_cell.angle_beta   107.730
_cell.angle_gamma   90.000
#
_symmetry.space_group_name_H-M   'P 1 21 1'
#
loop_
_entity.id
_entity.type
_entity.pdbx_description
1 polymer Hemagglutinin
2 polymer Hemagglutinin
3 polymer 'Heavy chain of SIA28'
4 polymer 'Light chain of SIA28'
5 branched 2-acetamido-2-deoxy-beta-D-glucopyranose-(1-4)-2-acetamido-2-deoxy-beta-D-glucopyranose
6 non-polymer 2-acetamido-2-deoxy-beta-D-glucopyranose
#
loop_
_entity_poly.entity_id
_entity_poly.type
_entity_poly.pdbx_seq_one_letter_code
_entity_poly.pdbx_strand_id
1 'polypeptide(L)'
;GNPVICLGHHAVENGTSVKTLTDNHIEVVSAKELVETNHINELCPSPLKLVDGQDCDLINGALGSPGCDHLQDTTWDVFI
ERPTAMDTCYPFDVPDYQSLRSILASSGSLEFIAEQFTWNGVTVDGSSSACLRGGRNGFFTRLNWLTRVKNGNYGPINVT
KENTGSYVRLYLWGVHHPSSDTEQTDLYKVATGRVTVSTRSDQISIIPNIGSRPRVRNQSGRISIYWTLVNPGDSIIFNS
IGNLIAPRGHYKINKSTKGTVLKSDKKIGSCTSPCLTDKGSIQSDKPFQNVSRIAIGNCPKYVKQGSLMLATGMRNIP
;
A,C,E
2 'polypeptide(L)'
;GLFGAIAGFIENGWQGLIDGWYGFRHQNAEGTGTAADLKSTQAAIDQINGKLNRLIEKTNEKYHQIEKEFEQVEGRIQDL
EKYVEDTKIDLWSYNAELLVALENQHTIDVTDSEMNKLFERVRRQLRENAEDQGNGCFEIFHQCDNNCIESIRNGTYDHN
IYRDEAINNRIK
;
B,D,F
3 'polypeptide(L)'
;QVQLVESGGGVVQPGRSLRLSCAASGFPFSSYGMHWVRQAPGKGLEWVAGVSYDGSYKYYADSVKGRFTISRDSSKSTLY
LQMNSLRPEDTAVYYCARPSAIFGIYIILNGLDVWGQGTTVTVS
;
G,I
4 'polypeptide(L)'
;EIVLTQSPSSVSASVGDRVTITCRATQGISSWLAWYQQKPGKPPKLLIFGASSLQSGVPSRFSGSGSGTDFTLTISSLQP
EDFATYFCQQAHSFPLTFGGGTKVEIK
;
H,J
#
loop_
_chem_comp.id
_chem_comp.type
_chem_comp.name
_chem_comp.formula
NAG D-saccharide, beta linking 2-acetamido-2-deoxy-beta-D-glucopyranose 'C8 H15 N O6'
#
# COMPACT_ATOMS: atom_id res chain seq x y z
N GLY A 1 -40.50 46.98 -4.16
CA GLY A 1 -40.97 45.81 -3.45
C GLY A 1 -41.22 44.62 -4.36
N ASN A 2 -40.18 44.19 -5.07
CA ASN A 2 -40.31 43.04 -5.95
C ASN A 2 -40.34 41.76 -5.13
N PRO A 3 -41.15 40.77 -5.54
CA PRO A 3 -41.11 39.47 -4.86
C PRO A 3 -39.73 38.83 -4.98
N VAL A 4 -39.32 38.14 -3.93
CA VAL A 4 -38.04 37.45 -3.87
C VAL A 4 -38.29 36.00 -3.52
N ILE A 5 -37.60 35.09 -4.20
CA ILE A 5 -37.64 33.67 -3.88
C ILE A 5 -36.21 33.23 -3.56
N CYS A 6 -36.03 32.70 -2.35
CA CYS A 6 -34.73 32.29 -1.86
C CYS A 6 -34.59 30.77 -1.90
N LEU A 7 -33.35 30.31 -2.03
CA LEU A 7 -33.02 28.90 -2.05
C LEU A 7 -31.98 28.62 -0.98
N GLY A 8 -32.21 27.58 -0.19
CA GLY A 8 -31.32 27.27 0.91
C GLY A 8 -31.28 25.80 1.28
N HIS A 9 -30.78 25.51 2.47
CA HIS A 9 -30.59 24.15 2.92
C HIS A 9 -30.81 24.08 4.43
N HIS A 10 -31.22 22.91 4.90
CA HIS A 10 -31.57 22.75 6.30
C HIS A 10 -30.32 22.74 7.19
N ALA A 11 -30.51 23.04 8.46
CA ALA A 11 -29.45 22.98 9.45
C ALA A 11 -30.04 22.55 10.78
N VAL A 12 -29.17 22.19 11.72
CA VAL A 12 -29.56 21.79 13.05
C VAL A 12 -28.75 22.58 14.07
N GLU A 13 -29.14 22.46 15.33
CA GLU A 13 -28.48 23.23 16.38
C GLU A 13 -27.10 22.66 16.71
N ASN A 14 -27.03 21.37 16.98
CA ASN A 14 -25.78 20.69 17.33
C ASN A 14 -25.45 19.66 16.25
N GLY A 15 -24.46 19.97 15.42
CA GLY A 15 -24.00 19.05 14.41
C GLY A 15 -22.92 18.10 14.93
N THR A 16 -22.44 17.26 14.02
CA THR A 16 -21.41 16.28 14.33
C THR A 16 -20.13 16.58 13.56
N SER A 17 -19.00 16.30 14.19
CA SER A 17 -17.69 16.58 13.62
C SER A 17 -17.15 15.33 12.92
N VAL A 18 -16.64 15.51 11.71
CA VAL A 18 -16.06 14.44 10.91
C VAL A 18 -14.72 14.91 10.34
N LYS A 19 -13.94 13.95 9.86
CA LYS A 19 -12.68 14.24 9.19
C LYS A 19 -12.86 14.21 7.69
N THR A 20 -12.11 15.08 7.00
CA THR A 20 -12.05 15.06 5.55
C THR A 20 -10.59 15.00 5.10
N LEU A 21 -10.34 15.17 3.81
CA LEU A 21 -8.95 15.22 3.33
C LEU A 21 -8.26 16.52 3.69
N THR A 22 -9.00 17.56 4.04
CA THR A 22 -8.43 18.89 4.25
C THR A 22 -8.76 19.51 5.60
N ASP A 23 -9.31 18.73 6.54
CA ASP A 23 -9.64 19.28 7.85
C ASP A 23 -9.92 18.14 8.82
N ASN A 24 -9.45 18.30 10.06
CA ASN A 24 -9.68 17.31 11.10
C ASN A 24 -11.04 17.47 11.77
N HIS A 25 -11.64 18.67 11.70
CA HIS A 25 -12.85 18.98 12.45
C HIS A 25 -13.78 19.81 11.56
N ILE A 26 -14.70 19.15 10.88
CA ILE A 26 -15.74 19.78 10.09
C ILE A 26 -17.09 19.35 10.63
N GLU A 27 -17.93 20.31 10.99
CA GLU A 27 -19.24 20.02 11.54
C GLU A 27 -20.24 19.82 10.41
N VAL A 28 -20.78 18.62 10.31
CA VAL A 28 -21.82 18.29 9.36
C VAL A 28 -23.13 18.04 10.12
N VAL A 29 -24.23 17.98 9.38
CA VAL A 29 -25.54 17.82 10.01
C VAL A 29 -25.62 16.49 10.74
N SER A 30 -25.28 15.40 10.06
CA SER A 30 -25.40 14.07 10.62
C SER A 30 -24.19 13.24 10.23
N ALA A 31 -23.92 12.20 11.02
CA ALA A 31 -22.78 11.32 10.78
C ALA A 31 -23.00 10.00 11.49
N LYS A 32 -22.50 8.92 10.88
CA LYS A 32 -22.61 7.58 11.43
C LYS A 32 -21.24 7.07 11.87
N GLU A 33 -21.21 6.38 13.01
CA GLU A 33 -19.97 5.82 13.52
C GLU A 33 -19.69 4.48 12.84
N LEU A 34 -18.45 4.31 12.37
CA LEU A 34 -18.08 3.11 11.63
C LEU A 34 -17.27 2.11 12.45
N VAL A 35 -16.78 2.51 13.62
CA VAL A 35 -15.96 1.63 14.46
C VAL A 35 -16.80 1.17 15.64
N GLU A 36 -17.06 -0.13 15.72
CA GLU A 36 -17.76 -0.70 16.85
C GLU A 36 -16.81 -0.84 18.04
N THR A 37 -17.28 -0.43 19.22
CA THR A 37 -16.46 -0.47 20.42
C THR A 37 -17.08 -1.23 21.57
N ASN A 38 -18.26 -1.82 21.38
CA ASN A 38 -18.99 -2.47 22.45
C ASN A 38 -19.18 -3.94 22.16
N HIS A 39 -19.02 -4.78 23.19
CA HIS A 39 -19.25 -6.20 23.10
C HIS A 39 -20.16 -6.65 24.22
N ILE A 40 -20.78 -7.82 24.04
CA ILE A 40 -21.84 -8.28 24.93
C ILE A 40 -21.29 -8.65 26.30
N ASN A 41 -20.03 -9.08 26.36
CA ASN A 41 -19.32 -9.64 27.52
C ASN A 41 -19.68 -11.12 27.70
N GLU A 42 -20.56 -11.67 26.87
CA GLU A 42 -20.84 -13.10 26.85
C GLU A 42 -20.60 -13.65 25.44
N LEU A 43 -20.33 -14.95 25.38
CA LEU A 43 -20.14 -15.65 24.12
C LEU A 43 -21.48 -16.24 23.67
N CYS A 44 -21.93 -15.83 22.49
CA CYS A 44 -23.24 -16.27 22.01
C CYS A 44 -23.13 -17.68 21.43
N PRO A 45 -23.97 -18.63 21.87
CA PRO A 45 -23.89 -20.00 21.35
C PRO A 45 -24.53 -20.19 19.99
N SER A 46 -24.99 -19.12 19.35
CA SER A 46 -25.58 -19.19 18.02
C SER A 46 -24.94 -18.12 17.13
N PRO A 47 -24.86 -18.37 15.82
CA PRO A 47 -25.24 -19.62 15.13
C PRO A 47 -24.10 -20.63 15.16
N LEU A 48 -22.96 -20.21 15.71
CA LEU A 48 -21.78 -21.07 15.77
C LEU A 48 -21.93 -22.09 16.89
N LYS A 49 -21.55 -23.34 16.59
CA LYS A 49 -21.59 -24.40 17.58
C LYS A 49 -20.37 -24.30 18.49
N LEU A 50 -20.62 -24.07 19.78
CA LEU A 50 -19.56 -23.90 20.76
C LEU A 50 -19.39 -25.15 21.61
N VAL A 51 -18.19 -25.32 22.16
CA VAL A 51 -17.88 -26.40 23.10
C VAL A 51 -17.02 -25.83 24.22
N ASP A 52 -17.44 -26.06 25.46
CA ASP A 52 -16.74 -25.59 26.64
C ASP A 52 -15.97 -26.75 27.27
N GLY A 53 -14.64 -26.68 27.24
CA GLY A 53 -13.83 -27.64 27.98
C GLY A 53 -13.87 -27.37 29.47
N GLN A 54 -13.73 -26.11 29.85
CA GLN A 54 -14.13 -25.45 31.11
C GLN A 54 -13.35 -25.91 32.34
N ASP A 55 -12.67 -27.05 32.25
CA ASP A 55 -11.53 -27.39 33.10
C ASP A 55 -10.43 -28.03 32.28
N CYS A 56 -10.67 -28.34 31.02
CA CYS A 56 -9.77 -29.11 30.18
C CYS A 56 -9.39 -28.30 28.95
N ASP A 57 -8.09 -28.18 28.71
CA ASP A 57 -7.65 -27.66 27.42
C ASP A 57 -7.92 -28.71 26.35
N LEU A 58 -7.71 -28.31 25.10
CA LEU A 58 -8.04 -29.18 23.97
C LEU A 58 -7.23 -30.47 24.01
N ILE A 59 -5.91 -30.35 24.20
CA ILE A 59 -5.03 -31.51 24.14
C ILE A 59 -5.34 -32.48 25.27
N ASN A 60 -5.55 -31.96 26.47
CA ASN A 60 -5.97 -32.81 27.59
C ASN A 60 -7.26 -33.56 27.26
N GLY A 61 -8.19 -32.88 26.57
CA GLY A 61 -9.41 -33.55 26.13
C GLY A 61 -9.13 -34.65 25.11
N ALA A 62 -8.21 -34.40 24.18
CA ALA A 62 -7.90 -35.41 23.18
C ALA A 62 -7.24 -36.63 23.80
N LEU A 63 -6.43 -36.43 24.85
CA LEU A 63 -5.79 -37.56 25.51
C LEU A 63 -6.73 -38.27 26.47
N GLY A 64 -7.70 -37.56 27.04
CA GLY A 64 -8.64 -38.17 27.95
C GLY A 64 -8.28 -38.05 29.41
N SER A 65 -7.65 -36.95 29.82
CA SER A 65 -7.30 -36.75 31.21
C SER A 65 -8.56 -36.68 32.07
N PRO A 66 -8.45 -37.03 33.37
CA PRO A 66 -9.65 -37.20 34.23
C PRO A 66 -10.79 -36.22 34.04
N GLY A 67 -10.48 -34.93 34.01
CA GLY A 67 -11.53 -33.92 33.95
C GLY A 67 -12.31 -33.92 32.64
N CYS A 68 -11.72 -34.48 31.57
CA CYS A 68 -12.23 -34.30 30.22
C CYS A 68 -13.21 -35.39 29.80
N ASP A 69 -13.94 -36.01 30.74
CA ASP A 69 -14.91 -37.02 30.36
C ASP A 69 -16.06 -36.44 29.55
N HIS A 70 -16.39 -35.17 29.76
CA HIS A 70 -17.49 -34.52 29.07
C HIS A 70 -17.16 -34.09 27.66
N LEU A 71 -15.89 -34.12 27.26
CA LEU A 71 -15.48 -33.71 25.93
C LEU A 71 -15.49 -34.84 24.91
N GLN A 72 -15.78 -36.07 25.34
CA GLN A 72 -15.75 -37.21 24.44
C GLN A 72 -16.80 -37.07 23.33
N ASP A 73 -16.37 -37.31 22.10
CA ASP A 73 -17.24 -37.34 20.92
C ASP A 73 -17.93 -35.99 20.67
N THR A 74 -17.35 -34.91 21.18
CA THR A 74 -17.91 -33.58 20.91
C THR A 74 -17.48 -33.07 19.55
N THR A 75 -18.34 -32.27 18.94
CA THR A 75 -18.04 -31.58 17.70
C THR A 75 -18.33 -30.10 17.88
N TRP A 76 -17.58 -29.25 17.19
CA TRP A 76 -17.67 -27.82 17.43
C TRP A 76 -17.35 -27.04 16.17
N ASP A 77 -17.94 -25.84 16.09
CA ASP A 77 -17.41 -24.81 15.19
C ASP A 77 -16.27 -24.05 15.87
N VAL A 78 -16.41 -23.79 17.18
CA VAL A 78 -15.37 -23.11 17.96
C VAL A 78 -15.21 -23.85 19.29
N PHE A 79 -14.02 -24.36 19.55
CA PHE A 79 -13.65 -24.84 20.87
C PHE A 79 -13.23 -23.65 21.73
N ILE A 80 -13.50 -23.74 23.02
CA ILE A 80 -13.19 -22.65 23.95
C ILE A 80 -12.29 -23.20 25.05
N GLU A 81 -11.05 -22.70 25.10
CA GLU A 81 -10.14 -23.02 26.19
C GLU A 81 -10.24 -21.95 27.27
N ARG A 82 -10.33 -22.38 28.51
CA ARG A 82 -10.41 -21.48 29.64
C ARG A 82 -9.02 -21.22 30.21
N PRO A 83 -8.84 -20.10 30.92
CA PRO A 83 -7.59 -19.93 31.68
C PRO A 83 -7.54 -20.80 32.92
N THR A 84 -8.67 -21.28 33.42
CA THR A 84 -8.73 -22.13 34.60
C THR A 84 -8.48 -23.60 34.28
N ALA A 85 -8.09 -23.92 33.05
CA ALA A 85 -7.81 -25.31 32.69
C ALA A 85 -6.58 -25.81 33.45
N MET A 86 -6.66 -27.06 33.91
CA MET A 86 -5.63 -27.65 34.76
C MET A 86 -5.22 -29.01 34.24
N ASP A 87 -3.93 -29.32 34.37
CA ASP A 87 -3.46 -30.68 34.16
C ASP A 87 -4.02 -31.58 35.27
N THR A 88 -4.39 -32.81 34.90
CA THR A 88 -5.00 -33.72 35.85
C THR A 88 -4.40 -35.12 35.83
N CYS A 89 -3.45 -35.40 34.94
CA CYS A 89 -2.96 -36.75 34.75
C CYS A 89 -1.45 -36.80 34.90
N TYR A 90 -0.84 -37.93 34.50
CA TYR A 90 0.61 -38.07 34.52
C TYR A 90 1.25 -36.90 33.80
N PRO A 91 2.32 -36.32 34.35
CA PRO A 91 2.95 -35.16 33.71
C PRO A 91 3.44 -35.49 32.31
N PHE A 92 3.23 -34.57 31.37
CA PHE A 92 3.55 -34.83 29.98
C PHE A 92 3.92 -33.52 29.29
N ASP A 93 4.82 -33.63 28.31
CA ASP A 93 5.11 -32.55 27.38
C ASP A 93 4.72 -32.99 25.97
N VAL A 94 4.58 -32.02 25.08
CA VAL A 94 4.24 -32.31 23.69
C VAL A 94 5.19 -31.54 22.77
N PRO A 95 6.15 -32.19 22.14
CA PRO A 95 6.94 -31.53 21.10
C PRO A 95 6.02 -31.00 19.99
N ASP A 96 6.17 -29.72 19.68
CA ASP A 96 5.27 -29.01 18.78
C ASP A 96 3.83 -29.07 19.31
N TYR A 97 3.69 -28.73 20.60
CA TYR A 97 2.39 -28.68 21.25
C TYR A 97 1.40 -27.84 20.45
N GLN A 98 1.82 -26.65 20.02
CA GLN A 98 0.91 -25.72 19.35
C GLN A 98 0.34 -26.33 18.08
N SER A 99 1.14 -27.10 17.35
CA SER A 99 0.69 -27.68 16.09
C SER A 99 -0.41 -28.73 16.33
N LEU A 100 -0.18 -29.62 17.29
CA LEU A 100 -1.19 -30.63 17.60
C LEU A 100 -2.50 -30.00 18.05
N ARG A 101 -2.40 -28.94 18.86
CA ARG A 101 -3.59 -28.17 19.21
C ARG A 101 -4.26 -27.58 17.97
N SER A 102 -3.46 -27.05 17.04
CA SER A 102 -4.02 -26.48 15.83
C SER A 102 -4.66 -27.54 14.95
N ILE A 103 -4.06 -28.74 14.91
CA ILE A 103 -4.61 -29.82 14.09
C ILE A 103 -5.94 -30.30 14.67
N LEU A 104 -6.01 -30.45 15.99
CA LEU A 104 -7.25 -30.89 16.62
C LEU A 104 -8.33 -29.82 16.50
N ALA A 105 -7.98 -28.55 16.79
CA ALA A 105 -8.97 -27.48 16.75
C ALA A 105 -9.54 -27.29 15.35
N SER A 106 -8.69 -27.37 14.32
CA SER A 106 -9.18 -27.16 12.96
C SER A 106 -10.06 -28.30 12.50
N SER A 107 -9.79 -29.53 12.94
CA SER A 107 -10.66 -30.65 12.60
C SER A 107 -12.04 -30.47 13.23
N GLY A 108 -12.11 -29.82 14.39
CA GLY A 108 -13.40 -29.56 15.01
C GLY A 108 -14.14 -30.80 15.45
N SER A 109 -13.42 -31.78 16.01
CA SER A 109 -14.05 -33.05 16.35
C SER A 109 -13.16 -33.79 17.33
N LEU A 110 -13.78 -34.28 18.41
CA LEU A 110 -13.13 -35.22 19.33
C LEU A 110 -13.76 -36.61 19.26
N GLU A 111 -14.33 -36.95 18.10
CA GLU A 111 -14.81 -38.31 17.87
C GLU A 111 -13.62 -39.26 17.83
N PHE A 112 -13.55 -40.15 18.81
CA PHE A 112 -12.45 -41.11 18.90
C PHE A 112 -12.92 -42.45 18.33
N ILE A 113 -12.36 -42.82 17.18
CA ILE A 113 -12.66 -44.10 16.55
C ILE A 113 -11.84 -45.16 17.28
N ALA A 114 -12.49 -45.92 18.15
CA ALA A 114 -11.79 -46.92 18.95
C ALA A 114 -11.31 -48.08 18.09
N GLU A 115 -10.20 -48.68 18.49
CA GLU A 115 -9.63 -49.82 17.79
C GLU A 115 -9.17 -50.86 18.81
N GLN A 116 -9.17 -52.12 18.36
CA GLN A 116 -8.71 -53.23 19.18
C GLN A 116 -7.31 -53.63 18.73
N PHE A 117 -6.33 -53.41 19.60
CA PHE A 117 -4.95 -53.81 19.34
C PHE A 117 -4.61 -55.09 20.09
N THR A 118 -3.63 -55.82 19.58
CA THR A 118 -3.12 -57.02 20.22
C THR A 118 -1.65 -56.77 20.57
N TRP A 119 -1.43 -56.16 21.73
CA TRP A 119 -0.07 -55.90 22.22
C TRP A 119 0.46 -57.20 22.80
N ASN A 120 1.15 -57.98 21.97
CA ASN A 120 1.58 -59.32 22.34
C ASN A 120 2.83 -59.25 23.21
N GLY A 121 2.72 -59.76 24.44
CA GLY A 121 3.87 -59.89 25.32
C GLY A 121 4.08 -58.74 26.26
N VAL A 122 2.99 -58.17 26.80
CA VAL A 122 3.06 -57.06 27.74
C VAL A 122 1.83 -57.08 28.64
N THR A 123 1.96 -56.45 29.80
CA THR A 123 0.79 -56.10 30.61
C THR A 123 0.19 -54.80 30.08
N VAL A 124 -1.13 -54.69 30.18
CA VAL A 124 -1.86 -53.56 29.62
C VAL A 124 -2.59 -52.83 30.74
N ASP A 125 -3.12 -51.66 30.39
CA ASP A 125 -4.03 -50.90 31.25
C ASP A 125 -3.35 -50.36 32.50
N GLY A 126 -2.07 -50.05 32.41
CA GLY A 126 -1.36 -49.49 33.55
C GLY A 126 -1.97 -48.17 34.01
N SER A 127 -1.82 -47.89 35.30
CA SER A 127 -2.40 -46.70 35.91
C SER A 127 -1.43 -46.13 36.94
N SER A 128 -1.55 -44.84 37.21
CA SER A 128 -0.62 -44.11 38.05
C SER A 128 -1.39 -43.27 39.06
N SER A 129 -0.86 -43.19 40.29
CA SER A 129 -1.45 -42.37 41.33
C SER A 129 -1.38 -40.88 41.03
N ALA A 130 -0.57 -40.47 40.06
CA ALA A 130 -0.58 -39.08 39.61
C ALA A 130 -1.81 -38.75 38.78
N CYS A 131 -2.51 -39.77 38.28
CA CYS A 131 -3.67 -39.60 37.41
C CYS A 131 -4.85 -40.30 38.08
N LEU A 132 -5.59 -39.55 38.89
CA LEU A 132 -6.70 -40.10 39.66
C LEU A 132 -8.02 -39.86 38.95
N ARG A 133 -8.83 -40.92 38.84
CA ARG A 133 -10.18 -40.84 38.28
C ARG A 133 -11.13 -41.40 39.33
N GLY A 134 -11.59 -40.55 40.23
CA GLY A 134 -12.45 -40.97 41.30
C GLY A 134 -11.70 -41.62 42.45
N GLY A 135 -10.68 -40.95 42.95
CA GLY A 135 -9.86 -41.45 44.03
C GLY A 135 -9.25 -42.81 43.76
N ARG A 136 -8.96 -43.08 42.49
CA ARG A 136 -8.43 -44.37 42.05
C ARG A 136 -7.38 -44.13 40.98
N ASN A 137 -6.34 -44.98 40.99
CA ASN A 137 -5.27 -44.87 40.03
C ASN A 137 -5.80 -45.09 38.62
N GLY A 138 -5.73 -44.05 37.79
CA GLY A 138 -6.21 -44.13 36.42
C GLY A 138 -5.18 -43.73 35.40
N PHE A 139 -5.62 -43.39 34.19
CA PHE A 139 -4.73 -43.04 33.09
C PHE A 139 -5.55 -42.36 32.01
N PHE A 140 -4.85 -41.83 31.01
CA PHE A 140 -5.51 -41.23 29.86
C PHE A 140 -6.49 -42.21 29.23
N THR A 141 -7.73 -41.75 29.01
CA THR A 141 -8.76 -42.62 28.48
C THR A 141 -8.46 -43.07 27.05
N ARG A 142 -7.57 -42.38 26.34
CA ARG A 142 -7.25 -42.71 24.96
C ARG A 142 -5.84 -43.29 24.82
N LEU A 143 -5.15 -43.57 25.92
CA LEU A 143 -3.81 -44.11 25.89
C LEU A 143 -3.74 -45.36 26.76
N ASN A 144 -2.88 -46.29 26.37
CA ASN A 144 -2.75 -47.59 27.02
C ASN A 144 -1.30 -47.76 27.47
N TRP A 145 -1.09 -47.78 28.78
CA TRP A 145 0.26 -47.88 29.34
C TRP A 145 0.68 -49.35 29.33
N LEU A 146 1.70 -49.67 28.53
CA LEU A 146 2.18 -51.03 28.39
C LEU A 146 3.43 -51.24 29.24
N THR A 147 3.43 -52.29 30.05
CA THR A 147 4.58 -52.67 30.85
C THR A 147 4.87 -54.15 30.61
N ARG A 148 6.03 -54.59 31.08
CA ARG A 148 6.48 -55.95 30.79
C ARG A 148 5.54 -56.98 31.42
N VAL A 149 5.53 -58.18 30.83
CA VAL A 149 4.77 -59.28 31.39
C VAL A 149 5.16 -59.47 32.85
N LYS A 150 4.16 -59.72 33.69
CA LYS A 150 4.36 -59.90 35.13
C LYS A 150 5.45 -60.92 35.39
N ASN A 151 6.58 -60.45 35.94
CA ASN A 151 7.77 -61.28 36.17
C ASN A 151 8.29 -61.88 34.86
N GLY A 152 8.16 -61.14 33.77
CA GLY A 152 8.59 -61.60 32.46
C GLY A 152 9.21 -60.53 31.60
N ASN A 153 9.30 -60.78 30.29
CA ASN A 153 9.96 -59.87 29.38
C ASN A 153 8.95 -58.91 28.74
N TYR A 154 9.49 -57.80 28.23
CA TYR A 154 8.72 -56.85 27.42
C TYR A 154 8.74 -57.34 25.96
N GLY A 155 8.02 -58.45 25.74
CA GLY A 155 7.93 -59.08 24.45
C GLY A 155 7.72 -58.06 23.34
N PRO A 156 8.58 -58.11 22.32
CA PRO A 156 8.66 -57.01 21.36
C PRO A 156 7.32 -56.77 20.65
N ILE A 157 7.00 -55.50 20.46
CA ILE A 157 5.73 -55.07 19.87
C ILE A 157 5.97 -54.76 18.41
N ASN A 158 5.19 -55.37 17.53
CA ASN A 158 5.33 -55.21 16.08
C ASN A 158 3.95 -55.06 15.45
N VAL A 159 3.10 -54.24 16.05
CA VAL A 159 1.71 -54.11 15.63
C VAL A 159 1.61 -53.16 14.44
N THR A 160 0.71 -53.49 13.51
CA THR A 160 0.45 -52.66 12.34
C THR A 160 -1.04 -52.51 12.13
N LYS A 161 -1.44 -51.34 11.65
CA LYS A 161 -2.84 -51.04 11.32
C LYS A 161 -2.90 -50.37 9.96
N GLU A 162 -3.65 -50.96 9.04
CA GLU A 162 -3.85 -50.39 7.71
C GLU A 162 -5.01 -49.42 7.71
N ASN A 163 -4.84 -48.31 7.00
CA ASN A 163 -5.92 -47.35 6.83
C ASN A 163 -6.82 -47.82 5.70
N THR A 164 -8.00 -48.32 6.05
CA THR A 164 -8.97 -48.76 5.06
C THR A 164 -9.99 -47.68 4.71
N GLY A 165 -10.29 -46.80 5.66
CA GLY A 165 -11.25 -45.75 5.41
C GLY A 165 -10.77 -44.73 4.40
N SER A 166 -11.68 -43.84 4.04
CA SER A 166 -11.39 -42.78 3.08
C SER A 166 -10.77 -41.54 3.71
N TYR A 167 -10.67 -41.50 5.03
CA TYR A 167 -10.19 -40.31 5.75
C TYR A 167 -8.76 -40.52 6.24
N VAL A 168 -8.20 -39.46 6.80
CA VAL A 168 -6.84 -39.46 7.33
C VAL A 168 -6.92 -39.70 8.83
N ARG A 169 -6.21 -40.71 9.31
CA ARG A 169 -6.25 -41.12 10.71
C ARG A 169 -5.17 -40.40 11.51
N LEU A 170 -5.57 -39.76 12.60
CA LEU A 170 -4.63 -39.15 13.54
C LEU A 170 -4.48 -40.08 14.74
N TYR A 171 -3.28 -40.64 14.91
CA TYR A 171 -2.98 -41.51 16.03
C TYR A 171 -2.22 -40.71 17.09
N LEU A 172 -2.69 -40.79 18.34
CA LEU A 172 -2.05 -40.14 19.46
C LEU A 172 -1.40 -41.21 20.33
N TRP A 173 -0.06 -41.15 20.45
CA TRP A 173 0.70 -42.09 21.23
C TRP A 173 1.71 -41.32 22.07
N GLY A 174 2.56 -42.06 22.80
CA GLY A 174 3.50 -41.41 23.70
C GLY A 174 4.67 -42.30 24.04
N VAL A 175 5.68 -41.67 24.63
CA VAL A 175 6.89 -42.35 25.10
C VAL A 175 7.11 -41.98 26.56
N HIS A 176 7.38 -42.99 27.39
CA HIS A 176 7.58 -42.78 28.82
C HIS A 176 9.06 -42.54 29.10
N HIS A 177 9.37 -41.41 29.75
CA HIS A 177 10.71 -41.11 30.21
C HIS A 177 10.79 -41.44 31.70
N PRO A 178 11.35 -42.58 32.09
CA PRO A 178 11.38 -42.95 33.50
C PRO A 178 12.29 -42.04 34.31
N SER A 179 12.24 -42.22 35.63
CA SER A 179 13.00 -41.38 36.55
C SER A 179 14.30 -42.01 37.02
N SER A 180 14.42 -43.34 36.98
CA SER A 180 15.60 -44.02 37.48
C SER A 180 15.78 -45.33 36.76
N ASP A 181 17.02 -45.81 36.70
CA ASP A 181 17.32 -47.10 36.08
C ASP A 181 16.52 -48.22 36.70
N THR A 182 16.14 -48.09 37.97
CA THR A 182 15.25 -49.05 38.60
C THR A 182 13.91 -49.09 37.89
N GLU A 183 13.27 -47.92 37.74
CA GLU A 183 11.93 -47.85 37.14
C GLU A 183 11.93 -48.44 35.73
N GLN A 184 12.92 -48.07 34.91
CA GLN A 184 12.99 -48.58 33.54
C GLN A 184 13.04 -50.11 33.52
N THR A 185 13.90 -50.70 34.36
CA THR A 185 13.98 -52.15 34.44
C THR A 185 12.81 -52.74 35.21
N ASP A 186 12.28 -52.02 36.21
CA ASP A 186 11.09 -52.49 36.90
C ASP A 186 9.90 -52.60 35.97
N LEU A 187 9.82 -51.75 34.95
CA LEU A 187 8.65 -51.65 34.11
C LEU A 187 8.78 -52.44 32.80
N TYR A 188 9.88 -52.23 32.08
CA TYR A 188 10.06 -52.84 30.76
C TYR A 188 11.31 -53.72 30.66
N LYS A 189 12.11 -53.82 31.72
CA LYS A 189 13.13 -54.85 31.86
C LYS A 189 14.33 -54.65 30.93
N VAL A 190 14.21 -53.75 29.98
CA VAL A 190 15.36 -53.37 29.17
C VAL A 190 16.06 -52.21 29.86
N ALA A 191 17.38 -52.12 29.71
CA ALA A 191 18.08 -50.96 30.25
C ALA A 191 17.74 -49.70 29.46
N THR A 192 17.41 -49.84 28.18
CA THR A 192 17.13 -48.71 27.30
C THR A 192 16.01 -49.09 26.36
N GLY A 193 14.87 -48.41 26.48
CA GLY A 193 13.74 -48.67 25.62
C GLY A 193 13.91 -48.10 24.22
N ARG A 194 12.89 -48.31 23.40
CA ARG A 194 12.85 -47.74 22.06
C ARG A 194 11.42 -47.75 21.57
N VAL A 195 11.03 -46.67 20.90
CA VAL A 195 9.70 -46.52 20.32
C VAL A 195 9.86 -46.02 18.89
N THR A 196 9.37 -46.79 17.93
CA THR A 196 9.48 -46.47 16.51
C THR A 196 8.11 -46.58 15.87
N VAL A 197 7.50 -45.42 15.55
CA VAL A 197 6.23 -45.36 14.84
C VAL A 197 6.51 -44.84 13.44
N SER A 198 5.86 -45.45 12.44
CA SER A 198 6.23 -45.12 11.07
C SER A 198 5.10 -45.42 10.11
N THR A 199 5.08 -44.65 9.02
CA THR A 199 4.23 -44.91 7.86
C THR A 199 5.14 -45.10 6.64
N ARG A 200 4.52 -45.18 5.46
CA ARG A 200 5.28 -45.40 4.24
C ARG A 200 5.99 -44.14 3.74
N SER A 201 5.62 -42.95 4.23
CA SER A 201 6.20 -41.71 3.76
C SER A 201 6.78 -40.83 4.85
N ASP A 202 6.39 -41.00 6.11
CA ASP A 202 6.97 -40.25 7.22
C ASP A 202 7.07 -41.16 8.44
N GLN A 203 8.13 -40.95 9.22
CA GLN A 203 8.46 -41.82 10.35
C GLN A 203 8.91 -40.98 11.53
N ILE A 204 9.02 -41.64 12.69
CA ILE A 204 9.59 -41.04 13.89
C ILE A 204 9.95 -42.16 14.84
N SER A 205 11.11 -42.03 15.49
CA SER A 205 11.59 -43.01 16.43
C SER A 205 12.21 -42.29 17.62
N ILE A 206 11.93 -42.79 18.82
CA ILE A 206 12.39 -42.16 20.06
C ILE A 206 12.94 -43.22 20.98
N ILE A 207 14.13 -42.97 21.50
CA ILE A 207 14.75 -43.80 22.54
C ILE A 207 14.70 -42.98 23.85
N PRO A 208 14.02 -43.49 24.88
CA PRO A 208 13.73 -42.64 26.05
C PRO A 208 14.94 -42.45 26.94
N ASN A 209 15.03 -41.24 27.50
CA ASN A 209 16.12 -40.85 28.38
C ASN A 209 15.66 -40.91 29.83
N ILE A 210 16.54 -41.40 30.70
CA ILE A 210 16.22 -41.62 32.11
C ILE A 210 16.84 -40.50 32.93
N GLY A 211 16.14 -40.07 33.97
CA GLY A 211 16.65 -39.01 34.83
C GLY A 211 15.53 -38.32 35.59
N SER A 212 15.94 -37.41 36.46
CA SER A 212 15.02 -36.72 37.35
C SER A 212 14.44 -35.47 36.70
N ARG A 213 13.14 -35.28 36.87
CA ARG A 213 12.43 -34.06 36.53
C ARG A 213 11.67 -33.61 37.76
N PRO A 214 11.34 -32.31 37.84
CA PRO A 214 10.60 -31.80 39.00
C PRO A 214 9.33 -32.59 39.26
N ARG A 215 9.07 -32.87 40.53
CA ARG A 215 7.92 -33.68 40.91
C ARG A 215 6.62 -32.96 40.56
N VAL A 216 5.81 -33.60 39.73
CA VAL A 216 4.47 -33.13 39.37
C VAL A 216 3.49 -34.24 39.73
N ARG A 217 2.60 -33.96 40.67
CA ARG A 217 1.69 -34.97 41.22
C ARG A 217 2.46 -36.17 41.75
N ASN A 218 3.58 -35.88 42.42
CA ASN A 218 4.45 -36.89 43.04
C ASN A 218 5.03 -37.86 42.00
N GLN A 219 5.33 -37.36 40.80
CA GLN A 219 5.93 -38.16 39.74
C GLN A 219 7.11 -37.42 39.15
N SER A 220 8.26 -38.08 39.13
CA SER A 220 9.48 -37.50 38.57
C SER A 220 9.67 -37.81 37.10
N GLY A 221 9.00 -38.85 36.59
CA GLY A 221 9.08 -39.18 35.18
C GLY A 221 8.18 -38.31 34.33
N ARG A 222 8.26 -38.53 33.02
CA ARG A 222 7.46 -37.78 32.06
C ARG A 222 6.96 -38.73 30.97
N ILE A 223 6.06 -38.22 30.14
CA ILE A 223 5.57 -38.91 28.95
C ILE A 223 5.54 -37.89 27.82
N SER A 224 6.39 -38.08 26.82
CA SER A 224 6.36 -37.24 25.63
C SER A 224 5.27 -37.73 24.68
N ILE A 225 4.39 -36.82 24.27
CA ILE A 225 3.26 -37.15 23.42
C ILE A 225 3.61 -36.83 21.98
N TYR A 226 3.38 -37.78 21.08
CA TYR A 226 3.59 -37.60 19.65
C TYR A 226 2.33 -37.96 18.89
N TRP A 227 2.33 -37.69 17.60
CA TRP A 227 1.18 -38.00 16.75
C TRP A 227 1.68 -38.38 15.36
N THR A 228 0.91 -39.25 14.70
CA THR A 228 1.24 -39.72 13.36
C THR A 228 -0.02 -39.75 12.52
N LEU A 229 0.06 -39.19 11.31
CA LEU A 229 -1.05 -39.21 10.36
C LEU A 229 -0.87 -40.35 9.37
N VAL A 230 -2.00 -40.95 8.97
CA VAL A 230 -2.00 -42.09 8.06
C VAL A 230 -3.02 -41.80 6.95
N ASN A 231 -2.53 -41.64 5.73
CA ASN A 231 -3.39 -41.38 4.59
C ASN A 231 -4.07 -42.68 4.13
N PRO A 232 -5.19 -42.56 3.42
CA PRO A 232 -5.85 -43.75 2.89
C PRO A 232 -4.91 -44.58 2.03
N GLY A 233 -4.95 -45.90 2.24
CA GLY A 233 -4.06 -46.82 1.57
C GLY A 233 -2.77 -47.09 2.31
N ASP A 234 -2.36 -46.21 3.20
CA ASP A 234 -1.13 -46.35 3.96
C ASP A 234 -1.35 -47.15 5.23
N SER A 235 -0.24 -47.66 5.79
CA SER A 235 -0.27 -48.44 7.01
C SER A 235 0.69 -47.84 8.03
N ILE A 236 0.33 -47.93 9.30
CA ILE A 236 1.16 -47.46 10.40
C ILE A 236 1.59 -48.66 11.22
N ILE A 237 2.85 -48.64 11.67
CA ILE A 237 3.42 -49.73 12.46
C ILE A 237 3.95 -49.15 13.76
N PHE A 238 3.54 -49.75 14.87
CA PHE A 238 4.08 -49.42 16.20
C PHE A 238 5.09 -50.49 16.57
N ASN A 239 6.37 -50.16 16.49
CA ASN A 239 7.45 -51.07 16.84
C ASN A 239 8.16 -50.51 18.07
N SER A 240 8.23 -51.32 19.13
CA SER A 240 8.79 -50.86 20.39
C SER A 240 9.30 -52.04 21.19
N ILE A 241 10.54 -51.94 21.69
CA ILE A 241 11.07 -52.91 22.65
C ILE A 241 10.97 -52.40 24.08
N GLY A 242 10.40 -51.21 24.30
CA GLY A 242 10.24 -50.67 25.63
C GLY A 242 9.72 -49.25 25.67
N ASN A 243 8.95 -48.92 26.72
CA ASN A 243 8.50 -47.58 27.08
C ASN A 243 7.38 -47.04 26.21
N LEU A 244 6.72 -47.87 25.40
CA LEU A 244 5.68 -47.37 24.52
C LEU A 244 4.39 -47.06 25.27
N ILE A 245 3.82 -45.89 25.02
CA ILE A 245 2.50 -45.52 25.52
C ILE A 245 1.55 -45.65 24.33
N ALA A 246 0.84 -46.78 24.26
CA ALA A 246 0.13 -47.18 23.07
C ALA A 246 -1.18 -46.41 22.91
N PRO A 247 -1.69 -46.30 21.68
CA PRO A 247 -2.99 -45.69 21.46
C PRO A 247 -4.13 -46.68 21.70
N ARG A 248 -5.35 -46.15 21.65
CA ARG A 248 -6.56 -46.97 21.70
C ARG A 248 -7.47 -46.71 20.50
N GLY A 249 -6.92 -46.16 19.43
CA GLY A 249 -7.68 -45.77 18.26
C GLY A 249 -7.12 -44.48 17.69
N HIS A 250 -7.91 -43.84 16.83
CA HIS A 250 -7.47 -42.67 16.10
C HIS A 250 -8.57 -41.62 16.08
N TYR A 251 -8.21 -40.43 15.61
CA TYR A 251 -9.15 -39.36 15.36
C TYR A 251 -9.26 -39.12 13.86
N LYS A 252 -10.42 -38.62 13.44
CA LYS A 252 -10.72 -38.46 12.02
C LYS A 252 -10.43 -37.02 11.61
N ILE A 253 -9.56 -36.85 10.61
CA ILE A 253 -9.22 -35.52 10.14
C ILE A 253 -10.42 -34.96 9.37
N ASN A 254 -11.00 -33.88 9.88
CA ASN A 254 -12.12 -33.25 9.24
C ASN A 254 -11.66 -31.98 8.52
N LYS A 255 -12.62 -31.20 8.04
CA LYS A 255 -12.38 -30.02 7.24
C LYS A 255 -12.48 -28.78 8.12
N SER A 256 -11.59 -27.82 7.89
CA SER A 256 -11.47 -26.65 8.78
C SER A 256 -12.82 -25.93 8.91
N THR A 257 -13.31 -25.34 7.81
CA THR A 257 -14.71 -24.97 7.62
C THR A 257 -15.37 -24.48 8.91
N LYS A 258 -14.94 -23.33 9.39
CA LYS A 258 -15.28 -22.79 10.72
C LYS A 258 -15.05 -23.85 11.80
N GLY A 259 -13.77 -24.19 11.98
CA GLY A 259 -13.32 -24.99 13.10
C GLY A 259 -12.04 -24.43 13.69
N THR A 260 -12.09 -24.00 14.94
CA THR A 260 -10.95 -23.36 15.59
C THR A 260 -11.14 -23.41 17.09
N VAL A 261 -10.22 -22.75 17.81
CA VAL A 261 -10.25 -22.70 19.27
C VAL A 261 -10.04 -21.25 19.71
N LEU A 262 -10.79 -20.84 20.73
CA LEU A 262 -10.73 -19.48 21.26
C LEU A 262 -10.42 -19.54 22.75
N LYS A 263 -9.41 -18.80 23.18
CA LYS A 263 -9.01 -18.77 24.59
C LYS A 263 -9.69 -17.57 25.26
N SER A 264 -10.77 -17.85 26.00
CA SER A 264 -11.52 -16.81 26.68
C SER A 264 -11.96 -17.32 28.04
N ASP A 265 -12.37 -16.39 28.90
CA ASP A 265 -12.92 -16.72 30.20
C ASP A 265 -14.37 -16.27 30.37
N LYS A 266 -14.94 -15.62 29.36
CA LYS A 266 -16.32 -15.14 29.46
C LYS A 266 -17.30 -16.31 29.40
N LYS A 267 -18.37 -16.21 30.18
CA LYS A 267 -19.39 -17.25 30.20
C LYS A 267 -20.12 -17.32 28.87
N ILE A 268 -20.77 -18.46 28.64
CA ILE A 268 -21.57 -18.67 27.44
C ILE A 268 -23.02 -18.32 27.78
N GLY A 269 -23.54 -17.28 27.13
CA GLY A 269 -24.87 -16.80 27.39
C GLY A 269 -25.94 -17.52 26.59
N SER A 270 -26.99 -16.77 26.25
CA SER A 270 -28.06 -17.28 25.40
C SER A 270 -28.30 -16.36 24.21
N CYS A 271 -27.38 -15.44 23.94
CA CYS A 271 -27.54 -14.46 22.88
C CYS A 271 -27.31 -15.11 21.52
N THR A 272 -27.32 -14.29 20.47
CA THR A 272 -27.06 -14.75 19.11
C THR A 272 -26.17 -13.72 18.41
N SER A 273 -25.03 -14.17 17.89
CA SER A 273 -24.11 -13.27 17.21
C SER A 273 -23.22 -14.08 16.29
N PRO A 274 -23.00 -13.65 15.05
CA PRO A 274 -22.12 -14.37 14.14
C PRO A 274 -20.64 -14.06 14.31
N CYS A 275 -20.25 -13.41 15.40
CA CYS A 275 -18.87 -13.02 15.63
C CYS A 275 -18.51 -13.22 17.10
N LEU A 276 -17.40 -13.90 17.36
CA LEU A 276 -16.88 -14.10 18.70
C LEU A 276 -15.51 -13.45 18.85
N THR A 277 -15.23 -12.96 20.05
CA THR A 277 -13.91 -12.48 20.42
C THR A 277 -13.54 -13.07 21.77
N ASP A 278 -12.27 -12.90 22.15
CA ASP A 278 -11.83 -13.29 23.48
C ASP A 278 -12.51 -12.47 24.56
N LYS A 279 -13.00 -11.28 24.24
CA LYS A 279 -13.71 -10.41 25.17
C LYS A 279 -15.22 -10.57 25.10
N GLY A 280 -15.72 -11.48 24.29
CA GLY A 280 -17.14 -11.67 24.09
C GLY A 280 -17.55 -11.45 22.65
N SER A 281 -18.84 -11.63 22.41
CA SER A 281 -19.38 -11.52 21.06
C SER A 281 -19.56 -10.06 20.65
N ILE A 282 -19.66 -9.84 19.34
CA ILE A 282 -19.87 -8.51 18.77
C ILE A 282 -21.17 -8.55 17.97
N GLN A 283 -22.10 -7.67 18.31
CA GLN A 283 -23.37 -7.52 17.60
C GLN A 283 -23.38 -6.14 16.96
N SER A 284 -22.96 -6.07 15.69
CA SER A 284 -22.87 -4.79 15.02
C SER A 284 -23.06 -4.97 13.52
N ASP A 285 -23.42 -3.87 12.86
CA ASP A 285 -23.44 -3.77 11.41
C ASP A 285 -22.33 -2.86 10.89
N LYS A 286 -21.42 -2.44 11.77
CA LYS A 286 -20.35 -1.51 11.43
C LYS A 286 -19.20 -2.25 10.76
N PRO A 287 -18.44 -1.55 9.90
CA PRO A 287 -17.35 -2.24 9.19
C PRO A 287 -16.14 -2.53 10.06
N PHE A 288 -15.84 -1.69 11.03
CA PHE A 288 -14.60 -1.79 11.79
C PHE A 288 -14.90 -1.93 13.29
N GLN A 289 -13.85 -2.20 14.06
CA GLN A 289 -13.99 -2.43 15.49
C GLN A 289 -12.65 -2.24 16.17
N ASN A 290 -12.70 -1.82 17.44
CA ASN A 290 -11.52 -1.77 18.30
C ASN A 290 -11.65 -2.70 19.50
N VAL A 291 -12.51 -3.70 19.42
CA VAL A 291 -12.73 -4.59 20.56
C VAL A 291 -11.52 -5.49 20.76
N SER A 292 -11.17 -6.29 19.75
CA SER A 292 -10.07 -7.23 19.89
C SER A 292 -9.59 -7.67 18.51
N ARG A 293 -8.29 -7.88 18.39
CA ARG A 293 -7.74 -8.49 17.18
C ARG A 293 -8.20 -9.93 17.05
N ILE A 294 -8.41 -10.61 18.18
CA ILE A 294 -8.93 -11.97 18.18
C ILE A 294 -10.41 -11.91 17.84
N ALA A 295 -10.77 -12.30 16.62
CA ALA A 295 -12.14 -12.22 16.15
C ALA A 295 -12.43 -13.42 15.27
N ILE A 296 -13.42 -14.23 15.66
CA ILE A 296 -13.80 -15.44 14.94
C ILE A 296 -15.23 -15.27 14.45
N GLY A 297 -15.44 -15.54 13.17
CA GLY A 297 -16.75 -15.44 12.57
C GLY A 297 -16.86 -14.27 11.60
N ASN A 298 -18.10 -13.92 11.29
CA ASN A 298 -18.39 -12.76 10.45
C ASN A 298 -18.23 -11.52 11.31
N CYS A 299 -17.03 -10.95 11.31
CA CYS A 299 -16.65 -9.92 12.24
C CYS A 299 -16.27 -8.63 11.51
N PRO A 300 -16.44 -7.48 12.16
CA PRO A 300 -15.83 -6.25 11.65
C PRO A 300 -14.32 -6.34 11.68
N LYS A 301 -13.69 -5.60 10.77
CA LYS A 301 -12.24 -5.63 10.64
C LYS A 301 -11.60 -4.82 11.76
N TYR A 302 -10.73 -5.46 12.53
CA TYR A 302 -10.07 -4.78 13.64
C TYR A 302 -9.17 -3.66 13.13
N VAL A 303 -9.33 -2.48 13.74
CA VAL A 303 -8.50 -1.32 13.43
C VAL A 303 -7.95 -0.78 14.74
N LYS A 304 -7.07 0.22 14.63
CA LYS A 304 -6.50 0.86 15.81
C LYS A 304 -7.27 2.08 16.28
N GLN A 305 -8.10 2.66 15.41
CA GLN A 305 -8.88 3.83 15.78
C GLN A 305 -10.07 3.44 16.65
N GLY A 306 -10.52 4.39 17.46
CA GLY A 306 -11.68 4.17 18.31
C GLY A 306 -12.94 4.83 17.77
N SER A 307 -12.77 5.76 16.83
CA SER A 307 -13.90 6.52 16.30
C SER A 307 -13.55 7.00 14.89
N LEU A 308 -14.28 6.49 13.89
CA LEU A 308 -14.18 6.95 12.51
C LEU A 308 -15.59 7.35 12.06
N MET A 309 -15.82 8.65 11.97
CA MET A 309 -17.15 9.19 11.71
C MET A 309 -17.35 9.41 10.22
N LEU A 310 -18.33 8.73 9.64
CA LEU A 310 -18.69 8.93 8.23
C LEU A 310 -19.79 9.97 8.13
N ALA A 311 -19.57 10.98 7.30
CA ALA A 311 -20.54 12.05 7.12
C ALA A 311 -21.75 11.53 6.34
N THR A 312 -22.93 11.67 6.94
CA THR A 312 -24.19 11.28 6.30
C THR A 312 -25.10 12.49 6.12
N GLY A 313 -24.51 13.64 5.86
CA GLY A 313 -25.28 14.87 5.70
C GLY A 313 -24.39 16.00 5.27
N MET A 314 -25.03 17.09 4.87
CA MET A 314 -24.32 18.26 4.38
C MET A 314 -23.62 18.99 5.52
N ARG A 315 -22.90 20.06 5.16
CA ARG A 315 -22.30 20.93 6.15
C ARG A 315 -23.38 21.63 6.97
N ASN A 316 -23.18 21.67 8.29
CA ASN A 316 -24.13 22.28 9.20
C ASN A 316 -23.63 23.67 9.57
N ILE A 317 -24.31 24.71 9.07
CA ILE A 317 -23.93 26.09 9.32
C ILE A 317 -25.12 26.85 9.89
N PRO A 318 -25.22 26.98 11.22
CA PRO A 318 -26.31 27.75 11.83
C PRO A 318 -26.03 29.25 11.81
N GLY B 1 -16.69 23.04 0.24
CA GLY B 1 -17.31 22.56 -0.97
C GLY B 1 -16.65 23.07 -2.23
N LEU B 2 -16.81 22.33 -3.33
CA LEU B 2 -16.20 22.72 -4.60
C LEU B 2 -17.03 23.73 -5.37
N PHE B 3 -18.34 23.81 -5.10
CA PHE B 3 -19.21 24.75 -5.78
C PHE B 3 -19.48 26.02 -4.97
N GLY B 4 -19.18 26.02 -3.68
CA GLY B 4 -19.29 27.22 -2.89
C GLY B 4 -20.70 27.76 -2.74
N ALA B 5 -21.71 26.89 -2.84
CA ALA B 5 -23.07 27.26 -2.47
C ALA B 5 -23.27 27.08 -0.96
N ILE B 6 -23.18 25.84 -0.47
CA ILE B 6 -23.22 25.60 0.96
C ILE B 6 -21.89 26.06 1.56
N ALA B 7 -21.98 26.79 2.68
CA ALA B 7 -20.83 27.49 3.24
C ALA B 7 -20.18 28.41 2.21
N GLY B 8 -21.03 29.04 1.39
CA GLY B 8 -20.57 29.93 0.34
C GLY B 8 -21.52 31.09 0.13
N PHE B 9 -21.98 31.29 -1.10
CA PHE B 9 -22.92 32.38 -1.34
C PHE B 9 -24.28 32.13 -0.71
N ILE B 10 -24.52 30.94 -0.15
CA ILE B 10 -25.65 30.70 0.73
C ILE B 10 -25.13 30.88 2.15
N GLU B 11 -25.48 32.01 2.77
CA GLU B 11 -24.86 32.44 4.02
C GLU B 11 -24.87 31.34 5.07
N ASN B 12 -26.06 30.82 5.39
CA ASN B 12 -26.18 29.77 6.39
C ASN B 12 -27.43 28.96 6.08
N GLY B 13 -27.74 28.01 6.97
CA GLY B 13 -28.85 27.11 6.78
C GLY B 13 -30.10 27.55 7.52
N TRP B 14 -31.19 26.85 7.25
CA TRP B 14 -32.50 27.14 7.83
C TRP B 14 -32.90 25.99 8.74
N GLN B 15 -32.92 26.26 10.06
CA GLN B 15 -33.37 25.25 11.00
C GLN B 15 -34.88 25.06 10.96
N GLY B 16 -35.63 26.06 10.49
CA GLY B 16 -37.06 25.89 10.29
C GLY B 16 -37.40 24.89 9.21
N LEU B 17 -36.48 24.65 8.27
CA LEU B 17 -36.67 23.63 7.24
C LEU B 17 -36.55 22.26 7.89
N ILE B 18 -37.69 21.65 8.19
CA ILE B 18 -37.73 20.35 8.86
C ILE B 18 -38.42 19.29 8.01
N ASP B 19 -38.82 19.61 6.79
CA ASP B 19 -39.47 18.66 5.89
C ASP B 19 -38.63 18.40 4.65
N GLY B 20 -37.32 18.59 4.73
CA GLY B 20 -36.46 18.36 3.60
C GLY B 20 -35.06 18.90 3.85
N TRP B 21 -34.20 18.71 2.85
CA TRP B 21 -32.82 19.17 2.92
C TRP B 21 -32.58 20.46 2.17
N TYR B 22 -33.39 20.76 1.16
CA TYR B 22 -33.29 22.00 0.40
C TYR B 22 -34.70 22.54 0.19
N GLY B 23 -34.83 23.87 0.17
CA GLY B 23 -36.16 24.44 0.06
C GLY B 23 -36.17 25.87 -0.43
N PHE B 24 -37.38 26.34 -0.71
CA PHE B 24 -37.63 27.71 -1.13
C PHE B 24 -38.09 28.56 0.05
N ARG B 25 -37.84 29.86 -0.04
CA ARG B 25 -38.31 30.81 0.97
C ARG B 25 -38.60 32.12 0.26
N HIS B 26 -39.87 32.50 0.19
CA HIS B 26 -40.33 33.58 -0.68
C HIS B 26 -40.92 34.72 0.14
N GLN B 27 -41.08 35.86 -0.53
CA GLN B 27 -41.81 37.02 -0.01
C GLN B 27 -42.58 37.63 -1.18
N ASN B 28 -43.87 37.34 -1.27
CA ASN B 28 -44.72 37.97 -2.26
C ASN B 28 -45.68 38.94 -1.57
N ALA B 29 -46.62 39.49 -2.33
CA ALA B 29 -47.58 40.43 -1.76
C ALA B 29 -48.39 39.80 -0.64
N GLU B 30 -48.79 38.53 -0.81
CA GLU B 30 -49.66 37.89 0.18
C GLU B 30 -48.93 37.61 1.48
N GLY B 31 -47.63 37.36 1.45
CA GLY B 31 -46.89 37.15 2.68
C GLY B 31 -45.54 36.48 2.49
N THR B 32 -45.26 35.47 3.31
CA THR B 32 -43.98 34.78 3.28
C THR B 32 -44.19 33.34 3.71
N GLY B 33 -43.36 32.44 3.17
CA GLY B 33 -43.50 31.03 3.47
C GLY B 33 -42.28 30.25 3.01
N THR B 34 -42.16 29.04 3.56
CA THR B 34 -41.04 28.16 3.27
C THR B 34 -41.57 26.78 2.89
N ALA B 35 -40.99 26.20 1.83
CA ALA B 35 -41.37 24.87 1.38
C ALA B 35 -40.12 24.15 0.89
N ALA B 36 -39.98 22.89 1.31
CA ALA B 36 -38.84 22.08 0.88
C ALA B 36 -38.97 21.72 -0.60
N ASP B 37 -37.86 21.24 -1.16
CA ASP B 37 -37.82 20.78 -2.55
C ASP B 37 -37.46 19.31 -2.56
N LEU B 38 -38.37 18.48 -3.07
CA LEU B 38 -38.20 17.04 -3.00
C LEU B 38 -37.05 16.56 -3.88
N LYS B 39 -37.04 16.98 -5.15
CA LYS B 39 -36.07 16.46 -6.11
C LYS B 39 -34.64 16.59 -5.60
N SER B 40 -34.26 17.81 -5.18
CA SER B 40 -32.91 18.02 -4.67
C SER B 40 -32.66 17.22 -3.40
N THR B 41 -33.63 17.21 -2.48
CA THR B 41 -33.47 16.47 -1.24
C THR B 41 -33.31 14.97 -1.50
N GLN B 42 -34.10 14.43 -2.43
CA GLN B 42 -34.02 13.00 -2.73
C GLN B 42 -32.68 12.64 -3.37
N ALA B 43 -32.24 13.43 -4.35
CA ALA B 43 -30.98 13.16 -5.03
C ALA B 43 -29.82 13.12 -4.04
N ALA B 44 -29.83 14.00 -3.04
CA ALA B 44 -28.79 13.98 -2.02
C ALA B 44 -28.90 12.74 -1.16
N ILE B 45 -30.11 12.44 -0.67
CA ILE B 45 -30.30 11.31 0.24
C ILE B 45 -29.98 9.99 -0.46
N ASP B 46 -30.40 9.83 -1.72
CA ASP B 46 -30.13 8.61 -2.45
C ASP B 46 -28.64 8.39 -2.65
N GLN B 47 -27.87 9.45 -2.82
CA GLN B 47 -26.43 9.33 -2.97
C GLN B 47 -25.71 9.14 -1.65
N ILE B 48 -26.33 9.52 -0.53
CA ILE B 48 -25.77 9.22 0.78
C ILE B 48 -26.12 7.79 1.19
N ASN B 49 -27.35 7.38 0.95
CA ASN B 49 -27.74 5.99 1.21
C ASN B 49 -27.03 5.04 0.25
N GLY B 50 -26.85 5.46 -1.01
CA GLY B 50 -26.16 4.61 -1.97
C GLY B 50 -24.74 4.29 -1.54
N LYS B 51 -24.04 5.26 -0.95
CA LYS B 51 -22.72 5.02 -0.40
C LYS B 51 -22.75 4.49 1.02
N LEU B 52 -23.90 4.56 1.69
CA LEU B 52 -24.05 3.90 2.99
C LEU B 52 -24.24 2.41 2.83
N ASN B 53 -25.04 1.99 1.84
CA ASN B 53 -25.23 0.56 1.59
C ASN B 53 -23.94 -0.10 1.11
N ARG B 54 -23.11 0.64 0.36
CA ARG B 54 -21.85 0.08 -0.11
C ARG B 54 -20.90 -0.24 1.04
N LEU B 55 -20.95 0.53 2.11
CA LEU B 55 -20.01 0.41 3.22
C LEU B 55 -20.41 -0.64 4.25
N ILE B 56 -21.55 -1.31 4.08
CA ILE B 56 -22.04 -2.26 5.08
C ILE B 56 -21.96 -3.71 4.61
N GLU B 57 -21.73 -3.96 3.33
CA GLU B 57 -21.72 -5.32 2.80
C GLU B 57 -20.79 -6.21 3.61
N LYS B 58 -21.36 -7.20 4.29
CA LYS B 58 -20.62 -8.05 5.22
C LYS B 58 -19.81 -9.07 4.44
N THR B 59 -18.50 -8.86 4.37
CA THR B 59 -17.62 -9.70 3.58
C THR B 59 -16.50 -10.35 4.39
N ASN B 60 -16.30 -9.94 5.64
CA ASN B 60 -15.18 -10.41 6.46
C ASN B 60 -15.66 -11.53 7.36
N GLU B 61 -15.28 -12.77 7.02
CA GLU B 61 -15.71 -13.96 7.78
C GLU B 61 -14.54 -14.94 7.81
N LYS B 62 -13.83 -14.99 8.94
CA LYS B 62 -12.70 -15.88 9.13
C LYS B 62 -12.86 -16.59 10.47
N TYR B 63 -12.57 -17.89 10.50
CA TYR B 63 -12.65 -18.68 11.73
C TYR B 63 -11.30 -19.22 12.18
N HIS B 64 -10.63 -20.03 11.38
CA HIS B 64 -9.30 -20.48 11.78
C HIS B 64 -8.25 -19.48 11.32
N GLN B 65 -7.44 -19.04 12.26
CA GLN B 65 -6.50 -17.95 12.03
C GLN B 65 -5.19 -18.35 12.71
N ILE B 66 -4.32 -17.39 12.94
CA ILE B 66 -3.10 -17.63 13.69
C ILE B 66 -3.27 -17.02 15.08
N GLU B 67 -2.49 -17.53 16.02
CA GLU B 67 -2.56 -17.03 17.39
C GLU B 67 -1.98 -15.63 17.48
N LYS B 68 -2.66 -14.77 18.22
CA LYS B 68 -2.30 -13.36 18.32
C LYS B 68 -1.96 -12.95 19.75
N GLU B 69 -1.88 -13.91 20.66
CA GLU B 69 -1.46 -13.67 22.04
C GLU B 69 -0.60 -14.85 22.49
N PHE B 70 0.43 -14.56 23.28
CA PHE B 70 1.43 -15.57 23.61
C PHE B 70 1.80 -15.47 25.08
N GLU B 71 1.93 -16.63 25.71
CA GLU B 71 2.25 -16.72 27.13
C GLU B 71 3.71 -17.04 27.40
N GLN B 72 4.54 -17.12 26.36
CA GLN B 72 5.96 -17.38 26.53
C GLN B 72 6.70 -16.90 25.29
N VAL B 73 7.90 -16.36 25.50
CA VAL B 73 8.76 -15.98 24.40
C VAL B 73 9.21 -17.23 23.66
N GLU B 74 9.21 -17.16 22.32
CA GLU B 74 9.60 -18.31 21.52
C GLU B 74 10.66 -17.92 20.49
N GLY B 75 10.62 -16.68 20.00
CA GLY B 75 11.63 -16.20 19.08
C GLY B 75 11.16 -16.07 17.65
N ARG B 76 11.85 -16.75 16.74
CA ARG B 76 11.68 -16.51 15.30
C ARG B 76 10.22 -16.65 14.87
N ILE B 77 9.57 -17.77 15.22
CA ILE B 77 8.22 -18.03 14.75
C ILE B 77 7.24 -17.02 15.33
N GLN B 78 7.37 -16.72 16.62
CA GLN B 78 6.47 -15.74 17.24
C GLN B 78 6.68 -14.34 16.65
N ASP B 79 7.94 -13.95 16.43
CA ASP B 79 8.22 -12.65 15.81
C ASP B 79 7.46 -12.49 14.49
N LEU B 80 7.41 -13.56 13.69
CA LEU B 80 6.72 -13.50 12.41
C LEU B 80 5.21 -13.46 12.59
N GLU B 81 4.67 -14.37 13.40
CA GLU B 81 3.23 -14.40 13.66
C GLU B 81 2.73 -13.06 14.18
N LYS B 82 3.55 -12.37 14.98
CA LYS B 82 3.19 -11.03 15.44
C LYS B 82 3.32 -10.02 14.30
N TYR B 83 4.48 -10.00 13.63
CA TYR B 83 4.74 -9.03 12.58
C TYR B 83 3.72 -9.14 11.44
N VAL B 84 3.22 -10.35 11.18
CA VAL B 84 2.18 -10.52 10.17
C VAL B 84 0.90 -9.82 10.60
N GLU B 85 0.46 -10.09 11.83
CA GLU B 85 -0.78 -9.48 12.32
C GLU B 85 -0.65 -7.97 12.42
N ASP B 86 0.50 -7.48 12.90
CA ASP B 86 0.72 -6.04 12.97
C ASP B 86 0.66 -5.40 11.59
N THR B 87 1.30 -6.03 10.61
CA THR B 87 1.29 -5.50 9.24
C THR B 87 -0.13 -5.41 8.71
N LYS B 88 -0.97 -6.40 9.02
CA LYS B 88 -2.35 -6.40 8.54
C LYS B 88 -3.15 -5.28 9.19
N ILE B 89 -3.10 -5.18 10.52
CA ILE B 89 -3.89 -4.19 11.24
C ILE B 89 -3.57 -2.78 10.76
N ASP B 90 -2.27 -2.49 10.58
CA ASP B 90 -1.85 -1.20 10.05
C ASP B 90 -2.49 -0.91 8.70
N LEU B 91 -2.45 -1.90 7.80
CA LEU B 91 -2.95 -1.69 6.45
C LEU B 91 -4.47 -1.50 6.44
N TRP B 92 -5.19 -2.20 7.31
CA TRP B 92 -6.63 -2.01 7.38
C TRP B 92 -6.99 -0.67 8.03
N SER B 93 -6.27 -0.30 9.09
CA SER B 93 -6.52 0.98 9.73
C SER B 93 -6.29 2.14 8.78
N TYR B 94 -5.27 2.02 7.91
CA TYR B 94 -5.10 3.01 6.85
C TYR B 94 -6.23 2.93 5.84
N ASN B 95 -6.59 1.71 5.43
CA ASN B 95 -7.71 1.53 4.52
C ASN B 95 -8.99 2.13 5.08
N ALA B 96 -9.13 2.16 6.40
CA ALA B 96 -10.30 2.75 7.04
C ALA B 96 -10.18 4.26 7.16
N GLU B 97 -9.01 4.76 7.56
CA GLU B 97 -8.83 6.19 7.72
C GLU B 97 -8.96 6.93 6.40
N LEU B 98 -8.38 6.39 5.33
CA LEU B 98 -8.48 7.02 4.03
C LEU B 98 -9.90 6.95 3.49
N LEU B 99 -10.59 5.83 3.72
CA LEU B 99 -11.95 5.66 3.21
C LEU B 99 -12.88 6.72 3.77
N VAL B 100 -12.89 6.89 5.10
CA VAL B 100 -13.79 7.86 5.74
C VAL B 100 -13.47 9.26 5.26
N ALA B 101 -12.20 9.67 5.34
CA ALA B 101 -11.80 11.02 4.95
C ALA B 101 -12.17 11.31 3.49
N LEU B 102 -12.04 10.31 2.63
CA LEU B 102 -12.33 10.51 1.22
C LEU B 102 -13.82 10.51 0.95
N GLU B 103 -14.57 9.59 1.55
CA GLU B 103 -16.01 9.57 1.38
C GLU B 103 -16.65 10.85 1.93
N ASN B 104 -16.07 11.43 2.98
CA ASN B 104 -16.60 12.67 3.53
C ASN B 104 -16.33 13.85 2.60
N GLN B 105 -15.09 13.96 2.11
CA GLN B 105 -14.74 15.01 1.15
C GLN B 105 -15.67 14.98 -0.05
N HIS B 106 -15.99 13.78 -0.53
CA HIS B 106 -16.93 13.64 -1.64
C HIS B 106 -18.36 13.96 -1.20
N THR B 107 -18.76 13.47 -0.02
CA THR B 107 -20.10 13.72 0.49
C THR B 107 -20.41 15.21 0.58
N ILE B 108 -19.52 15.96 1.23
CA ILE B 108 -19.73 17.41 1.38
C ILE B 108 -19.80 18.08 0.01
N ASP B 109 -19.03 17.58 -0.96
CA ASP B 109 -19.06 18.15 -2.30
C ASP B 109 -20.35 17.81 -3.02
N VAL B 110 -20.88 16.61 -2.80
CA VAL B 110 -22.13 16.20 -3.44
C VAL B 110 -23.28 17.09 -2.96
N THR B 111 -23.35 17.30 -1.64
CA THR B 111 -24.41 18.15 -1.09
C THR B 111 -24.26 19.59 -1.55
N ASP B 112 -23.03 20.10 -1.57
CA ASP B 112 -22.79 21.43 -2.13
C ASP B 112 -23.22 21.51 -3.58
N SER B 113 -23.03 20.42 -4.34
CA SER B 113 -23.47 20.39 -5.72
C SER B 113 -24.99 20.40 -5.82
N GLU B 114 -25.66 19.53 -5.06
CA GLU B 114 -27.12 19.45 -5.13
C GLU B 114 -27.76 20.78 -4.78
N MET B 115 -27.16 21.53 -3.86
CA MET B 115 -27.62 22.88 -3.59
C MET B 115 -27.46 23.77 -4.83
N ASN B 116 -26.27 23.79 -5.41
CA ASN B 116 -26.05 24.57 -6.63
C ASN B 116 -26.90 24.06 -7.78
N LYS B 117 -27.16 22.75 -7.83
CA LYS B 117 -28.04 22.20 -8.85
C LYS B 117 -29.42 22.84 -8.79
N LEU B 118 -30.01 22.89 -7.58
CA LEU B 118 -31.35 23.46 -7.43
C LEU B 118 -31.36 24.94 -7.79
N PHE B 119 -30.36 25.69 -7.30
CA PHE B 119 -30.27 27.11 -7.62
C PHE B 119 -30.20 27.35 -9.12
N GLU B 120 -29.39 26.55 -9.82
CA GLU B 120 -29.26 26.72 -11.26
C GLU B 120 -30.57 26.42 -11.97
N ARG B 121 -31.32 25.43 -11.48
CA ARG B 121 -32.59 25.08 -12.12
C ARG B 121 -33.56 26.27 -12.09
N VAL B 122 -33.73 26.87 -10.92
CA VAL B 122 -34.65 28.01 -10.79
C VAL B 122 -34.15 29.19 -11.62
N ARG B 123 -32.83 29.37 -11.69
CA ARG B 123 -32.26 30.41 -12.53
C ARG B 123 -32.68 30.23 -13.98
N ARG B 124 -32.63 29.00 -14.48
CA ARG B 124 -33.05 28.73 -15.85
C ARG B 124 -34.55 28.84 -16.03
N GLN B 125 -35.32 28.80 -14.94
CA GLN B 125 -36.78 28.89 -15.05
C GLN B 125 -37.23 30.31 -15.39
N LEU B 126 -36.86 31.28 -14.55
CA LEU B 126 -37.29 32.66 -14.74
C LEU B 126 -36.63 33.27 -15.96
N ARG B 127 -35.33 33.05 -16.09
CA ARG B 127 -34.64 33.52 -17.30
C ARG B 127 -34.39 35.01 -17.17
N GLU B 128 -35.21 35.81 -17.83
CA GLU B 128 -35.02 37.28 -17.81
C GLU B 128 -36.05 37.93 -16.90
N ASN B 129 -36.77 37.15 -16.10
CA ASN B 129 -37.75 37.81 -15.25
C ASN B 129 -37.26 37.98 -13.82
N ALA B 130 -36.02 37.60 -13.54
CA ALA B 130 -35.45 37.72 -12.20
C ALA B 130 -33.95 37.92 -12.34
N GLU B 131 -33.34 38.42 -11.26
CA GLU B 131 -31.91 38.68 -11.22
C GLU B 131 -31.33 38.06 -9.96
N ASP B 132 -30.07 37.64 -10.06
CA ASP B 132 -29.38 36.96 -8.97
C ASP B 132 -28.89 38.01 -7.97
N GLN B 133 -29.56 38.07 -6.81
CA GLN B 133 -29.13 39.00 -5.77
C GLN B 133 -27.76 38.61 -5.22
N GLY B 134 -27.39 37.34 -5.31
CA GLY B 134 -26.08 36.90 -4.87
C GLY B 134 -26.14 35.96 -3.67
N ASN B 135 -27.08 36.21 -2.77
CA ASN B 135 -27.24 35.44 -1.54
C ASN B 135 -28.03 34.15 -1.74
N GLY B 136 -28.19 33.70 -2.99
CA GLY B 136 -29.07 32.57 -3.27
C GLY B 136 -30.52 32.94 -3.45
N CYS B 137 -30.84 34.23 -3.53
CA CYS B 137 -32.21 34.70 -3.71
C CYS B 137 -32.33 35.41 -5.05
N PHE B 138 -33.49 35.26 -5.69
CA PHE B 138 -33.78 35.91 -6.95
C PHE B 138 -34.78 37.03 -6.72
N GLU B 139 -34.49 38.22 -7.26
CA GLU B 139 -35.43 39.32 -7.24
C GLU B 139 -36.34 39.19 -8.46
N ILE B 140 -37.62 38.88 -8.22
CA ILE B 140 -38.58 38.64 -9.29
C ILE B 140 -39.22 39.99 -9.65
N PHE B 141 -38.97 40.46 -10.87
CA PHE B 141 -39.43 41.78 -11.29
C PHE B 141 -40.84 41.73 -11.89
N HIS B 142 -41.77 41.12 -11.18
CA HIS B 142 -43.19 41.17 -11.55
C HIS B 142 -43.99 40.69 -10.35
N GLN B 143 -45.31 40.89 -10.44
CA GLN B 143 -46.23 40.38 -9.42
C GLN B 143 -46.30 38.86 -9.52
N CYS B 144 -46.01 38.17 -8.42
CA CYS B 144 -45.98 36.71 -8.40
C CYS B 144 -46.71 36.26 -7.14
N ASP B 145 -48.02 36.04 -7.25
CA ASP B 145 -48.81 35.58 -6.13
C ASP B 145 -48.46 34.13 -5.79
N ASN B 146 -49.15 33.58 -4.78
CA ASN B 146 -48.78 32.27 -4.26
C ASN B 146 -48.93 31.16 -5.30
N ASN B 147 -49.91 31.28 -6.19
CA ASN B 147 -50.02 30.31 -7.27
C ASN B 147 -48.85 30.46 -8.24
N CYS B 148 -48.41 31.69 -8.49
CA CYS B 148 -47.20 31.90 -9.27
C CYS B 148 -45.97 31.35 -8.56
N ILE B 149 -45.92 31.51 -7.23
CA ILE B 149 -44.82 30.96 -6.46
C ILE B 149 -44.79 29.43 -6.57
N GLU B 150 -45.94 28.79 -6.35
CA GLU B 150 -46.02 27.34 -6.49
C GLU B 150 -45.63 26.89 -7.89
N SER B 151 -45.93 27.70 -8.91
CA SER B 151 -45.52 27.35 -10.27
C SER B 151 -44.01 27.34 -10.42
N ILE B 152 -43.29 28.13 -9.63
CA ILE B 152 -41.84 28.08 -9.66
C ILE B 152 -41.33 26.86 -8.91
N ARG B 153 -42.02 26.44 -7.84
CA ARG B 153 -41.54 25.36 -7.00
C ARG B 153 -41.88 23.98 -7.56
N ASN B 154 -42.91 23.85 -8.40
CA ASN B 154 -43.21 22.58 -9.04
C ASN B 154 -42.87 22.58 -10.52
N GLY B 155 -42.16 23.60 -11.01
CA GLY B 155 -41.59 23.56 -12.34
C GLY B 155 -42.53 23.83 -13.49
N THR B 156 -43.68 24.46 -13.23
CA THR B 156 -44.62 24.79 -14.30
C THR B 156 -44.55 26.24 -14.75
N TYR B 157 -43.76 27.06 -14.05
CA TYR B 157 -43.70 28.50 -14.32
C TYR B 157 -43.32 28.79 -15.77
N ASP B 158 -44.16 29.57 -16.45
CA ASP B 158 -43.92 30.00 -17.82
C ASP B 158 -43.39 31.43 -17.79
N HIS B 159 -42.15 31.61 -18.25
CA HIS B 159 -41.55 32.94 -18.24
C HIS B 159 -42.16 33.84 -19.31
N ASN B 160 -42.62 33.26 -20.42
CA ASN B 160 -43.24 34.05 -21.49
C ASN B 160 -44.51 34.74 -21.04
N ILE B 161 -45.03 34.39 -19.87
CA ILE B 161 -46.26 35.00 -19.37
C ILE B 161 -45.99 36.37 -18.75
N TYR B 162 -44.88 36.51 -18.04
CA TYR B 162 -44.53 37.76 -17.37
C TYR B 162 -43.33 38.45 -18.01
N ARG B 163 -42.96 38.06 -19.23
CA ARG B 163 -41.75 38.61 -19.85
C ARG B 163 -41.89 40.11 -20.10
N ASP B 164 -43.03 40.53 -20.64
CA ASP B 164 -43.26 41.95 -20.90
C ASP B 164 -43.15 42.77 -19.63
N GLU B 165 -43.85 42.35 -18.58
CA GLU B 165 -43.85 43.09 -17.32
C GLU B 165 -42.46 43.11 -16.69
N ALA B 166 -41.72 42.01 -16.80
CA ALA B 166 -40.47 41.87 -16.07
C ALA B 166 -39.35 42.69 -16.69
N ILE B 167 -39.15 42.55 -18.00
CA ILE B 167 -38.08 43.31 -18.68
C ILE B 167 -38.28 44.80 -18.47
N ASN B 168 -39.53 45.26 -18.57
CA ASN B 168 -39.82 46.68 -18.39
C ASN B 168 -39.43 47.16 -17.00
N ASN B 169 -39.68 46.32 -15.98
CA ASN B 169 -39.37 46.73 -14.61
C ASN B 169 -37.87 46.69 -14.34
N ARG B 170 -37.12 45.88 -15.07
CA ARG B 170 -35.67 45.82 -14.89
C ARG B 170 -34.98 46.98 -15.60
N ILE B 171 -35.24 47.14 -16.90
CA ILE B 171 -34.49 48.09 -17.71
C ILE B 171 -34.76 49.52 -17.26
N LYS B 172 -35.97 49.82 -16.81
CA LYS B 172 -36.31 51.16 -16.36
C LYS B 172 -36.62 51.19 -14.86
N GLY C 1 -40.19 32.20 -34.68
CA GLY C 1 -39.31 31.17 -35.19
C GLY C 1 -37.85 31.56 -35.17
N ASN C 2 -37.31 31.75 -33.97
CA ASN C 2 -35.90 32.09 -33.83
C ASN C 2 -35.03 30.85 -33.96
N PRO C 3 -33.84 30.99 -34.53
CA PRO C 3 -32.92 29.85 -34.59
C PRO C 3 -32.49 29.39 -33.21
N VAL C 4 -32.36 28.09 -33.04
CA VAL C 4 -31.95 27.47 -31.79
C VAL C 4 -30.77 26.55 -32.06
N ILE C 5 -29.77 26.59 -31.18
CA ILE C 5 -28.64 25.68 -31.25
C ILE C 5 -28.60 24.90 -29.93
N CYS C 6 -28.63 23.58 -30.04
CA CYS C 6 -28.66 22.70 -28.87
C CYS C 6 -27.31 22.02 -28.68
N LEU C 7 -27.03 21.68 -27.42
CA LEU C 7 -25.78 21.03 -27.05
C LEU C 7 -26.11 19.73 -26.33
N GLY C 8 -25.45 18.64 -26.72
CA GLY C 8 -25.74 17.35 -26.14
C GLY C 8 -24.57 16.41 -26.11
N HIS C 9 -24.85 15.12 -25.89
CA HIS C 9 -23.83 14.09 -25.77
C HIS C 9 -24.35 12.80 -26.37
N HIS C 10 -23.42 11.95 -26.80
CA HIS C 10 -23.80 10.75 -27.52
C HIS C 10 -24.36 9.70 -26.56
N ALA C 11 -25.05 8.71 -27.14
CA ALA C 11 -25.59 7.60 -26.38
C ALA C 11 -25.67 6.38 -27.28
N VAL C 12 -25.89 5.22 -26.66
CA VAL C 12 -26.00 3.96 -27.39
C VAL C 12 -27.24 3.22 -26.90
N GLU C 13 -27.64 2.21 -27.67
CA GLU C 13 -28.85 1.45 -27.36
C GLU C 13 -28.66 0.62 -26.10
N ASN C 14 -27.59 -0.18 -26.04
CA ASN C 14 -27.33 -1.07 -24.93
C ASN C 14 -26.02 -0.65 -24.27
N GLY C 15 -26.11 -0.02 -23.10
CA GLY C 15 -24.94 0.36 -22.33
C GLY C 15 -24.50 -0.72 -21.37
N THR C 16 -23.40 -0.43 -20.68
CA THR C 16 -22.80 -1.34 -19.71
C THR C 16 -22.99 -0.80 -18.31
N SER C 17 -23.11 -1.70 -17.33
CA SER C 17 -23.34 -1.35 -15.94
C SER C 17 -22.02 -1.36 -15.18
N VAL C 18 -21.80 -0.33 -14.36
CA VAL C 18 -20.58 -0.19 -13.57
C VAL C 18 -20.96 0.24 -12.15
N LYS C 19 -20.05 -0.04 -11.21
CA LYS C 19 -20.21 0.39 -9.83
C LYS C 19 -19.54 1.74 -9.62
N THR C 20 -20.15 2.57 -8.77
CA THR C 20 -19.51 3.80 -8.31
C THR C 20 -19.55 3.85 -6.78
N LEU C 21 -19.15 4.98 -6.21
CA LEU C 21 -19.21 5.13 -4.76
C LEU C 21 -20.63 5.17 -4.24
N THR C 22 -21.60 5.58 -5.07
CA THR C 22 -22.96 5.85 -4.61
C THR C 22 -24.01 4.98 -5.28
N ASP C 23 -23.62 3.94 -6.01
CA ASP C 23 -24.57 3.10 -6.71
C ASP C 23 -23.90 1.81 -7.14
N ASN C 24 -24.67 0.72 -7.13
CA ASN C 24 -24.17 -0.57 -7.58
C ASN C 24 -24.41 -0.81 -9.07
N HIS C 25 -25.38 -0.12 -9.68
CA HIS C 25 -25.79 -0.38 -11.06
C HIS C 25 -26.01 0.95 -11.75
N ILE C 26 -24.98 1.45 -12.42
CA ILE C 26 -25.05 2.67 -13.24
C ILE C 26 -24.69 2.30 -14.66
N GLU C 27 -25.58 2.61 -15.61
CA GLU C 27 -25.36 2.30 -17.01
C GLU C 27 -24.55 3.40 -17.67
N VAL C 28 -23.38 3.05 -18.18
CA VAL C 28 -22.52 3.98 -18.91
C VAL C 28 -22.39 3.48 -20.35
N VAL C 29 -21.87 4.36 -21.21
CA VAL C 29 -21.80 4.04 -22.64
C VAL C 29 -20.85 2.89 -22.89
N SER C 30 -19.67 2.91 -22.26
CA SER C 30 -18.64 1.92 -22.55
C SER C 30 -17.86 1.64 -21.27
N ALA C 31 -17.35 0.41 -21.17
CA ALA C 31 -16.62 0.00 -19.99
C ALA C 31 -15.67 -1.14 -20.35
N LYS C 32 -14.57 -1.24 -19.60
CA LYS C 32 -13.57 -2.27 -19.77
C LYS C 32 -13.53 -3.17 -18.54
N GLU C 33 -13.28 -4.45 -18.75
CA GLU C 33 -13.18 -5.41 -17.67
C GLU C 33 -11.74 -5.47 -17.16
N LEU C 34 -11.57 -5.38 -15.85
CA LEU C 34 -10.24 -5.35 -15.23
C LEU C 34 -9.83 -6.66 -14.60
N VAL C 35 -10.74 -7.64 -14.50
CA VAL C 35 -10.44 -8.92 -13.86
C VAL C 35 -10.40 -9.99 -14.94
N GLU C 36 -9.21 -10.53 -15.19
CA GLU C 36 -9.05 -11.61 -16.15
C GLU C 36 -9.52 -12.93 -15.55
N THR C 37 -10.34 -13.66 -16.29
CA THR C 37 -10.93 -14.90 -15.81
C THR C 37 -10.63 -16.10 -16.69
N ASN C 38 -9.80 -15.95 -17.73
CA ASN C 38 -9.53 -17.03 -18.66
C ASN C 38 -8.05 -17.37 -18.69
N HIS C 39 -7.75 -18.64 -18.95
CA HIS C 39 -6.38 -19.13 -19.05
C HIS C 39 -6.28 -20.08 -20.23
N ILE C 40 -5.04 -20.27 -20.70
CA ILE C 40 -4.81 -21.02 -21.93
C ILE C 40 -5.06 -22.52 -21.73
N ASN C 41 -4.89 -23.01 -20.49
CA ASN C 41 -4.97 -24.40 -20.06
C ASN C 41 -3.67 -25.14 -20.38
N GLU C 42 -2.70 -24.48 -21.03
CA GLU C 42 -1.37 -25.04 -21.22
C GLU C 42 -0.33 -24.09 -20.65
N LEU C 43 0.82 -24.64 -20.27
CA LEU C 43 1.92 -23.86 -19.74
C LEU C 43 2.82 -23.42 -20.90
N CYS C 44 3.02 -22.12 -21.03
CA CYS C 44 3.81 -21.59 -22.14
C CYS C 44 5.29 -21.69 -21.81
N PRO C 45 6.11 -22.31 -22.67
CA PRO C 45 7.54 -22.45 -22.37
C PRO C 45 8.35 -21.18 -22.64
N SER C 46 7.72 -20.09 -23.02
CA SER C 46 8.38 -18.82 -23.24
C SER C 46 7.67 -17.72 -22.46
N PRO C 47 8.41 -16.70 -21.99
CA PRO C 47 9.87 -16.58 -22.07
C PRO C 47 10.58 -17.30 -20.94
N LEU C 48 9.81 -17.91 -20.04
CA LEU C 48 10.37 -18.56 -18.86
C LEU C 48 10.86 -19.96 -19.21
N LYS C 49 12.10 -20.26 -18.85
CA LYS C 49 12.69 -21.57 -19.11
C LYS C 49 12.09 -22.60 -18.16
N LEU C 50 11.34 -23.55 -18.72
CA LEU C 50 10.65 -24.56 -17.93
C LEU C 50 11.39 -25.88 -17.98
N VAL C 51 11.18 -26.69 -16.94
CA VAL C 51 11.72 -28.05 -16.86
C VAL C 51 10.63 -28.98 -16.35
N ASP C 52 10.39 -30.07 -17.07
CA ASP C 52 9.38 -31.05 -16.70
C ASP C 52 10.07 -32.27 -16.12
N GLY C 53 9.91 -32.47 -14.81
CA GLY C 53 10.35 -33.72 -14.20
C GLY C 53 9.50 -34.89 -14.66
N GLN C 54 8.17 -34.71 -14.64
CA GLN C 54 7.11 -35.43 -15.35
C GLN C 54 6.93 -36.87 -14.91
N ASP C 55 7.90 -37.42 -14.18
CA ASP C 55 7.71 -38.59 -13.31
C ASP C 55 8.48 -38.44 -12.00
N CYS C 56 9.26 -37.36 -11.84
CA CYS C 56 10.18 -37.21 -10.72
C CYS C 56 9.93 -35.86 -10.07
N ASP C 57 9.64 -35.87 -8.76
CA ASP C 57 9.63 -34.62 -8.04
C ASP C 57 11.06 -34.06 -7.97
N LEU C 58 11.17 -32.82 -7.49
CA LEU C 58 12.44 -32.13 -7.49
C LEU C 58 13.48 -32.87 -6.65
N ILE C 59 13.09 -33.30 -5.45
CA ILE C 59 14.04 -33.94 -4.54
C ILE C 59 14.48 -35.29 -5.09
N ASN C 60 13.53 -36.08 -5.61
CA ASN C 60 13.89 -37.33 -6.27
C ASN C 60 14.85 -37.07 -7.42
N GLY C 61 14.67 -35.96 -8.14
CA GLY C 61 15.62 -35.60 -9.17
C GLY C 61 16.98 -35.23 -8.63
N ALA C 62 17.03 -34.52 -7.50
CA ALA C 62 18.30 -34.15 -6.91
C ALA C 62 19.07 -35.37 -6.41
N LEU C 63 18.36 -36.33 -5.80
CA LEU C 63 19.02 -37.52 -5.31
C LEU C 63 19.46 -38.44 -6.45
N GLY C 64 18.73 -38.43 -7.56
CA GLY C 64 19.05 -39.26 -8.69
C GLY C 64 18.34 -40.60 -8.76
N SER C 65 17.10 -40.67 -8.30
CA SER C 65 16.35 -41.92 -8.34
C SER C 65 16.15 -42.39 -9.78
N PRO C 66 15.88 -43.70 -9.98
CA PRO C 66 15.85 -44.28 -11.35
C PRO C 66 15.20 -43.43 -12.43
N GLY C 67 13.98 -42.94 -12.19
CA GLY C 67 13.26 -42.22 -13.22
C GLY C 67 13.89 -40.89 -13.60
N CYS C 68 14.71 -40.32 -12.72
CA CYS C 68 15.16 -38.94 -12.86
C CYS C 68 16.47 -38.82 -13.64
N ASP C 69 16.77 -39.77 -14.54
CA ASP C 69 17.98 -39.66 -15.34
C ASP C 69 17.97 -38.42 -16.24
N HIS C 70 16.79 -38.03 -16.73
CA HIS C 70 16.65 -36.91 -17.65
C HIS C 70 16.78 -35.56 -16.96
N LEU C 71 16.73 -35.50 -15.63
CA LEU C 71 16.78 -34.25 -14.90
C LEU C 71 18.21 -33.79 -14.61
N GLN C 72 19.22 -34.59 -14.94
CA GLN C 72 20.59 -34.25 -14.61
C GLN C 72 21.04 -33.00 -15.36
N ASP C 73 21.73 -32.10 -14.64
CA ASP C 73 22.32 -30.88 -15.16
C ASP C 73 21.29 -29.92 -15.75
N THR C 74 20.00 -30.13 -15.49
CA THR C 74 18.98 -29.23 -15.98
C THR C 74 19.02 -27.89 -15.25
N THR C 75 18.67 -26.83 -15.97
CA THR C 75 18.51 -25.51 -15.39
C THR C 75 17.13 -24.97 -15.79
N TRP C 76 16.57 -24.13 -14.93
CA TRP C 76 15.19 -23.71 -15.14
C TRP C 76 14.95 -22.34 -14.51
N ASP C 77 13.93 -21.67 -15.04
CA ASP C 77 13.28 -20.58 -14.32
C ASP C 77 12.14 -21.08 -13.46
N VAL C 78 11.43 -22.11 -13.93
CA VAL C 78 10.35 -22.74 -13.19
C VAL C 78 10.46 -24.26 -13.37
N PHE C 79 10.73 -24.96 -12.28
CA PHE C 79 10.57 -26.42 -12.26
C PHE C 79 9.10 -26.76 -12.11
N ILE C 80 8.69 -27.88 -12.71
CA ILE C 80 7.29 -28.27 -12.74
C ILE C 80 7.18 -29.68 -12.18
N GLU C 81 6.65 -29.80 -10.96
CA GLU C 81 6.32 -31.11 -10.41
C GLU C 81 4.95 -31.53 -10.88
N ARG C 82 4.80 -32.82 -11.12
CA ARG C 82 3.54 -33.40 -11.56
C ARG C 82 2.86 -34.15 -10.42
N PRO C 83 1.53 -34.29 -10.47
CA PRO C 83 0.86 -35.15 -9.48
C PRO C 83 1.13 -36.63 -9.72
N THR C 84 1.59 -37.01 -10.90
CA THR C 84 1.88 -38.40 -11.23
C THR C 84 3.31 -38.80 -10.88
N ALA C 85 4.04 -37.95 -10.17
CA ALA C 85 5.41 -38.30 -9.76
C ALA C 85 5.37 -39.43 -8.74
N MET C 86 6.34 -40.34 -8.85
CA MET C 86 6.35 -41.54 -8.04
C MET C 86 7.74 -41.80 -7.49
N ASP C 87 7.80 -42.22 -6.22
CA ASP C 87 9.04 -42.74 -5.67
C ASP C 87 9.43 -44.02 -6.40
N THR C 88 10.73 -44.19 -6.63
CA THR C 88 11.23 -45.34 -7.36
C THR C 88 12.39 -46.05 -6.67
N CYS C 89 12.92 -45.51 -5.59
CA CYS C 89 14.16 -45.99 -4.98
C CYS C 89 13.88 -46.47 -3.55
N TYR C 90 14.96 -46.74 -2.82
CA TYR C 90 14.87 -47.14 -1.43
C TYR C 90 14.02 -46.13 -0.66
N PRO C 91 13.12 -46.59 0.21
CA PRO C 91 12.22 -45.65 0.91
C PRO C 91 13.02 -44.68 1.79
N PHE C 92 12.65 -43.40 1.70
CA PHE C 92 13.38 -42.35 2.40
C PHE C 92 12.42 -41.27 2.85
N ASP C 93 12.75 -40.66 4.00
CA ASP C 93 12.10 -39.44 4.45
C ASP C 93 13.15 -38.34 4.52
N VAL C 94 12.67 -37.08 4.54
CA VAL C 94 13.57 -35.93 4.60
C VAL C 94 13.09 -34.99 5.70
N PRO C 95 13.79 -34.91 6.82
CA PRO C 95 13.45 -33.89 7.83
C PRO C 95 13.52 -32.51 7.23
N ASP C 96 12.46 -31.73 7.45
CA ASP C 96 12.26 -30.44 6.78
C ASP C 96 12.33 -30.63 5.26
N TYR C 97 11.50 -31.55 4.76
CA TYR C 97 11.43 -31.81 3.33
C TYR C 97 11.15 -30.54 2.54
N GLN C 98 10.22 -29.72 2.99
CA GLN C 98 9.87 -28.55 2.13
C GLN C 98 10.99 -27.52 2.10
N SER C 99 11.91 -27.57 3.05
CA SER C 99 12.98 -26.55 3.06
C SER C 99 14.02 -26.94 2.02
N LEU C 100 14.40 -28.21 1.96
CA LEU C 100 15.45 -28.65 1.00
C LEU C 100 14.93 -28.67 -0.42
N ARG C 101 13.63 -28.76 -0.62
CA ARG C 101 13.07 -28.73 -1.99
C ARG C 101 12.92 -27.27 -2.41
N SER C 102 12.89 -26.37 -1.43
CA SER C 102 12.71 -24.92 -1.74
C SER C 102 14.08 -24.28 -1.88
N ILE C 103 15.14 -25.04 -1.65
CA ILE C 103 16.53 -24.55 -1.78
C ILE C 103 16.95 -24.96 -3.18
N LEU C 104 16.54 -26.16 -3.58
CA LEU C 104 16.86 -26.74 -4.89
C LEU C 104 16.04 -26.02 -5.95
N ALA C 105 14.85 -25.54 -5.59
CA ALA C 105 13.97 -24.87 -6.56
C ALA C 105 14.38 -23.42 -6.68
N SER C 106 14.85 -22.82 -5.61
CA SER C 106 15.28 -21.42 -5.74
C SER C 106 16.54 -21.39 -6.58
N SER C 107 17.52 -22.25 -6.26
CA SER C 107 18.77 -22.25 -7.01
C SER C 107 18.52 -22.44 -8.50
N GLY C 108 17.46 -23.16 -8.86
CA GLY C 108 17.11 -23.32 -10.27
C GLY C 108 18.14 -24.07 -11.07
N SER C 109 18.72 -25.12 -10.49
CA SER C 109 19.79 -25.85 -11.17
C SER C 109 19.96 -27.21 -10.52
N LEU C 110 20.03 -28.24 -11.36
CA LEU C 110 20.41 -29.59 -10.92
C LEU C 110 21.79 -29.96 -11.44
N GLU C 111 22.66 -28.98 -11.64
CA GLU C 111 24.05 -29.23 -11.99
C GLU C 111 24.75 -29.86 -10.80
N PHE C 112 25.15 -31.13 -10.95
CA PHE C 112 25.84 -31.84 -9.89
C PHE C 112 27.35 -31.77 -10.15
N ILE C 113 28.06 -31.13 -9.23
CA ILE C 113 29.52 -31.06 -9.30
C ILE C 113 30.08 -32.35 -8.69
N ALA C 114 30.59 -33.23 -9.53
CA ALA C 114 31.08 -34.53 -9.07
C ALA C 114 32.43 -34.38 -8.39
N GLU C 115 32.59 -35.09 -7.27
CA GLU C 115 33.85 -35.10 -6.53
C GLU C 115 34.26 -36.54 -6.25
N GLN C 116 35.57 -36.75 -6.14
CA GLN C 116 36.12 -38.06 -5.82
C GLN C 116 36.46 -38.12 -4.33
N PHE C 117 35.80 -39.03 -3.62
CA PHE C 117 36.09 -39.29 -2.22
C PHE C 117 36.86 -40.59 -2.07
N THR C 118 37.53 -40.74 -0.93
CA THR C 118 38.27 -41.95 -0.60
C THR C 118 37.75 -42.45 0.74
N TRP C 119 36.68 -43.24 0.68
CA TRP C 119 36.08 -43.84 1.88
C TRP C 119 36.95 -45.02 2.28
N ASN C 120 37.85 -44.79 3.22
CA ASN C 120 38.89 -45.77 3.57
C ASN C 120 38.33 -46.80 4.53
N GLY C 121 38.30 -48.06 4.08
CA GLY C 121 37.90 -49.16 4.93
C GLY C 121 36.42 -49.49 4.91
N VAL C 122 35.81 -49.44 3.71
CA VAL C 122 34.40 -49.78 3.54
C VAL C 122 34.18 -50.26 2.12
N THR C 123 33.16 -51.09 1.95
CA THR C 123 32.64 -51.37 0.62
C THR C 123 31.83 -50.18 0.12
N VAL C 124 31.81 -49.98 -1.19
CA VAL C 124 31.15 -48.83 -1.79
C VAL C 124 30.16 -49.31 -2.84
N ASP C 125 29.34 -48.37 -3.32
CA ASP C 125 28.45 -48.58 -4.46
C ASP C 125 27.42 -49.67 -4.20
N GLY C 126 26.99 -49.81 -2.94
CA GLY C 126 25.95 -50.79 -2.62
C GLY C 126 24.64 -50.48 -3.34
N SER C 127 23.86 -51.53 -3.58
CA SER C 127 22.61 -51.39 -4.31
C SER C 127 21.52 -52.19 -3.60
N SER C 128 20.27 -51.91 -3.96
CA SER C 128 19.13 -52.54 -3.31
C SER C 128 18.11 -52.94 -4.35
N SER C 129 17.41 -54.05 -4.09
CA SER C 129 16.33 -54.49 -4.96
C SER C 129 15.11 -53.56 -4.90
N ALA C 130 15.03 -52.69 -3.90
CA ALA C 130 13.97 -51.69 -3.84
C ALA C 130 14.23 -50.50 -4.76
N CYS C 131 15.41 -50.42 -5.36
CA CYS C 131 15.81 -49.33 -6.24
C CYS C 131 16.36 -49.96 -7.52
N LEU C 132 15.49 -50.23 -8.47
CA LEU C 132 15.86 -50.91 -9.70
C LEU C 132 16.10 -49.90 -10.82
N ARG C 133 17.21 -50.08 -11.52
CA ARG C 133 17.54 -49.29 -12.70
C ARG C 133 17.75 -50.27 -13.86
N GLY C 134 16.70 -50.48 -14.64
CA GLY C 134 16.73 -51.45 -15.73
C GLY C 134 16.74 -52.88 -15.25
N GLY C 135 15.77 -53.24 -14.41
CA GLY C 135 15.66 -54.57 -13.87
C GLY C 135 16.91 -55.06 -13.16
N ARG C 136 17.62 -54.13 -12.51
CA ARG C 136 18.88 -54.46 -11.87
C ARG C 136 19.02 -53.61 -10.62
N ASN C 137 19.61 -54.19 -9.57
CA ASN C 137 19.74 -53.49 -8.30
C ASN C 137 20.58 -52.23 -8.46
N GLY C 138 19.98 -51.08 -8.15
CA GLY C 138 20.67 -49.81 -8.24
C GLY C 138 20.57 -49.00 -6.97
N PHE C 139 20.75 -47.68 -7.09
CA PHE C 139 20.74 -46.77 -5.95
C PHE C 139 20.64 -45.35 -6.47
N PHE C 140 20.51 -44.39 -5.56
CA PHE C 140 20.52 -42.99 -5.92
C PHE C 140 21.82 -42.65 -6.65
N THR C 141 21.68 -42.01 -7.83
CA THR C 141 22.85 -41.74 -8.66
C THR C 141 23.79 -40.73 -8.01
N ARG C 142 23.35 -40.01 -6.99
CA ARG C 142 24.17 -39.00 -6.33
C ARG C 142 24.55 -39.39 -4.90
N LEU C 143 24.25 -40.62 -4.49
CA LEU C 143 24.57 -41.11 -3.16
C LEU C 143 25.34 -42.42 -3.26
N ASN C 144 26.21 -42.65 -2.29
CA ASN C 144 27.08 -43.82 -2.25
C ASN C 144 26.81 -44.60 -0.97
N TRP C 145 26.23 -45.79 -1.11
CA TRP C 145 25.92 -46.63 0.04
C TRP C 145 27.20 -47.32 0.51
N LEU C 146 27.61 -47.04 1.74
CA LEU C 146 28.83 -47.58 2.31
C LEU C 146 28.50 -48.66 3.32
N THR C 147 29.07 -49.85 3.13
CA THR C 147 28.93 -50.96 4.06
C THR C 147 30.32 -51.42 4.51
N ARG C 148 30.34 -52.33 5.48
CA ARG C 148 31.59 -52.79 6.04
C ARG C 148 32.42 -53.51 4.99
N VAL C 149 33.74 -53.55 5.23
CA VAL C 149 34.62 -54.35 4.40
C VAL C 149 34.12 -55.78 4.38
N LYS C 150 34.20 -56.42 3.20
CA LYS C 150 33.69 -57.76 3.01
C LYS C 150 34.29 -58.71 4.03
N ASN C 151 33.45 -59.20 4.95
CA ASN C 151 33.86 -60.01 6.09
C ASN C 151 34.77 -59.25 7.05
N GLY C 152 34.74 -57.92 7.04
CA GLY C 152 35.61 -57.13 7.87
C GLY C 152 34.94 -56.02 8.68
N ASN C 153 35.72 -55.00 9.03
CA ASN C 153 35.22 -53.92 9.88
C ASN C 153 34.72 -52.76 9.04
N TYR C 154 33.90 -51.92 9.68
CA TYR C 154 33.48 -50.63 9.10
C TYR C 154 34.50 -49.59 9.51
N GLY C 155 35.62 -49.57 8.80
CA GLY C 155 36.69 -48.64 9.06
C GLY C 155 36.21 -47.21 9.24
N PRO C 156 36.60 -46.58 10.34
CA PRO C 156 36.02 -45.28 10.70
C PRO C 156 36.34 -44.21 9.66
N ILE C 157 35.29 -43.59 9.15
CA ILE C 157 35.40 -42.60 8.09
C ILE C 157 35.62 -41.22 8.70
N ASN C 158 36.63 -40.52 8.22
CA ASN C 158 36.97 -39.17 8.66
C ASN C 158 37.32 -38.30 7.47
N VAL C 159 36.53 -38.38 6.41
CA VAL C 159 36.80 -37.69 5.15
C VAL C 159 36.40 -36.23 5.26
N THR C 160 37.19 -35.36 4.65
CA THR C 160 36.93 -33.92 4.65
C THR C 160 37.05 -33.37 3.23
N LYS C 161 36.36 -32.25 3.00
CA LYS C 161 36.48 -31.49 1.76
C LYS C 161 36.47 -30.01 2.09
N GLU C 162 37.42 -29.26 1.53
CA GLU C 162 37.52 -27.83 1.73
C GLU C 162 36.89 -27.11 0.55
N ASN C 163 36.05 -26.12 0.83
CA ASN C 163 35.43 -25.32 -0.22
C ASN C 163 36.45 -24.30 -0.71
N THR C 164 37.05 -24.58 -1.87
CA THR C 164 38.00 -23.67 -2.48
C THR C 164 37.33 -22.71 -3.46
N GLY C 165 36.19 -23.09 -4.02
CA GLY C 165 35.48 -22.25 -4.96
C GLY C 165 34.89 -21.02 -4.30
N SER C 166 34.30 -20.17 -5.15
CA SER C 166 33.70 -18.92 -4.71
C SER C 166 32.22 -19.06 -4.38
N TYR C 167 31.64 -20.24 -4.55
CA TYR C 167 30.21 -20.45 -4.36
C TYR C 167 29.97 -21.31 -3.12
N VAL C 168 28.73 -21.30 -2.66
CA VAL C 168 28.30 -22.12 -1.52
C VAL C 168 27.93 -23.51 -2.03
N ARG C 169 28.48 -24.54 -1.38
CA ARG C 169 28.27 -25.92 -1.78
C ARG C 169 27.13 -26.53 -0.98
N LEU C 170 26.22 -27.22 -1.66
CA LEU C 170 25.12 -27.95 -1.02
C LEU C 170 25.41 -29.44 -1.15
N TYR C 171 25.70 -30.09 -0.02
CA TYR C 171 25.97 -31.52 0.01
C TYR C 171 24.70 -32.26 0.43
N LEU C 172 24.38 -33.33 -0.30
CA LEU C 172 23.25 -34.18 0.01
C LEU C 172 23.78 -35.54 0.48
N TRP C 173 23.45 -35.90 1.71
CA TRP C 173 23.86 -37.17 2.29
C TRP C 173 22.67 -37.80 2.98
N GLY C 174 22.89 -38.90 3.69
CA GLY C 174 21.80 -39.60 4.34
C GLY C 174 22.30 -40.51 5.44
N VAL C 175 21.33 -41.10 6.16
CA VAL C 175 21.60 -42.03 7.25
C VAL C 175 20.64 -43.21 7.10
N HIS C 176 21.20 -44.42 7.06
CA HIS C 176 20.39 -45.62 6.91
C HIS C 176 19.86 -46.07 8.28
N HIS C 177 18.53 -46.24 8.36
CA HIS C 177 17.90 -46.79 9.55
C HIS C 177 17.54 -48.25 9.29
N PRO C 178 18.33 -49.21 9.78
CA PRO C 178 18.06 -50.62 9.46
C PRO C 178 16.77 -51.10 10.09
N SER C 179 16.37 -52.31 9.70
CA SER C 179 15.13 -52.90 10.18
C SER C 179 15.33 -53.83 11.37
N SER C 180 16.47 -54.52 11.45
CA SER C 180 16.74 -55.45 12.53
C SER C 180 18.21 -55.38 12.90
N ASP C 181 18.52 -55.76 14.15
CA ASP C 181 19.90 -55.74 14.61
C ASP C 181 20.78 -56.65 13.76
N THR C 182 20.20 -57.67 13.13
CA THR C 182 20.95 -58.46 12.16
C THR C 182 21.44 -57.59 11.02
N GLU C 183 20.54 -56.83 10.39
CA GLU C 183 20.91 -56.01 9.25
C GLU C 183 21.99 -55.00 9.61
N GLN C 184 21.87 -54.37 10.78
CA GLN C 184 22.88 -53.42 11.22
C GLN C 184 24.26 -54.08 11.29
N THR C 185 24.36 -55.19 12.01
CA THR C 185 25.64 -55.89 12.13
C THR C 185 26.05 -56.52 10.80
N ASP C 186 25.08 -56.98 10.01
CA ASP C 186 25.41 -57.57 8.70
C ASP C 186 26.00 -56.53 7.76
N LEU C 187 25.68 -55.26 7.95
CA LEU C 187 26.07 -54.20 7.02
C LEU C 187 27.27 -53.38 7.52
N TYR C 188 27.25 -52.96 8.78
CA TYR C 188 28.29 -52.10 9.32
C TYR C 188 28.97 -52.67 10.57
N LYS C 189 28.53 -53.83 11.07
CA LYS C 189 29.26 -54.61 12.06
C LYS C 189 29.25 -53.98 13.45
N VAL C 190 28.83 -52.73 13.54
CA VAL C 190 28.62 -52.09 14.84
C VAL C 190 27.20 -52.38 15.28
N ALA C 191 26.97 -52.43 16.60
CA ALA C 191 25.61 -52.58 17.09
C ALA C 191 24.81 -51.30 16.92
N THR C 192 25.48 -50.15 16.90
CA THR C 192 24.83 -48.85 16.82
C THR C 192 25.71 -47.91 16.01
N GLY C 193 25.20 -47.42 14.89
CA GLY C 193 25.94 -46.52 14.04
C GLY C 193 25.96 -45.10 14.57
N ARG C 194 26.60 -44.23 13.79
CA ARG C 194 26.69 -42.81 14.10
C ARG C 194 27.17 -42.06 12.87
N VAL C 195 26.48 -40.97 12.55
CA VAL C 195 26.81 -40.12 11.40
C VAL C 195 26.86 -38.69 11.88
N THR C 196 28.02 -38.05 11.76
CA THR C 196 28.23 -36.68 12.21
C THR C 196 28.85 -35.86 11.09
N VAL C 197 28.05 -35.04 10.43
CA VAL C 197 28.52 -34.13 9.38
C VAL C 197 28.59 -32.73 9.96
N SER C 198 29.69 -32.03 9.71
CA SER C 198 29.91 -30.77 10.40
C SER C 198 30.73 -29.81 9.55
N THR C 199 30.51 -28.53 9.78
CA THR C 199 31.34 -27.43 9.29
C THR C 199 31.90 -26.68 10.50
N ARG C 200 32.54 -25.54 10.23
CA ARG C 200 33.10 -24.75 11.31
C ARG C 200 32.03 -23.97 12.07
N SER C 201 30.90 -23.67 11.43
CA SER C 201 29.87 -22.84 12.04
C SER C 201 28.58 -23.59 12.36
N ASP C 202 28.27 -24.67 11.65
CA ASP C 202 27.08 -25.46 11.93
C ASP C 202 27.43 -26.94 11.79
N GLN C 203 26.69 -27.76 12.56
CA GLN C 203 26.94 -29.20 12.61
C GLN C 203 25.60 -29.93 12.68
N ILE C 204 25.67 -31.24 12.46
CA ILE C 204 24.54 -32.13 12.71
C ILE C 204 25.08 -33.55 12.84
N SER C 205 24.55 -34.27 13.83
CA SER C 205 24.98 -35.63 14.14
C SER C 205 23.75 -36.48 14.38
N ILE C 206 23.76 -37.69 13.82
CA ILE C 206 22.63 -38.61 13.91
C ILE C 206 23.14 -39.99 14.28
N ILE C 207 22.53 -40.59 15.29
CA ILE C 207 22.72 -42.00 15.64
C ILE C 207 21.48 -42.74 15.19
N PRO C 208 21.59 -43.72 14.28
CA PRO C 208 20.40 -44.33 13.69
C PRO C 208 19.60 -45.13 14.71
N ASN C 209 18.43 -45.58 14.25
CA ASN C 209 17.45 -46.23 15.09
C ASN C 209 16.90 -47.45 14.36
N ILE C 210 17.09 -48.62 14.96
CA ILE C 210 16.70 -49.88 14.36
C ILE C 210 15.23 -50.14 14.69
N GLY C 211 14.52 -50.78 13.76
CA GLY C 211 13.12 -51.10 13.98
C GLY C 211 12.38 -51.33 12.68
N SER C 212 11.16 -51.83 12.82
CA SER C 212 10.33 -52.18 11.68
C SER C 212 9.52 -50.98 11.21
N ARG C 213 9.57 -50.71 9.90
CA ARG C 213 8.71 -49.76 9.23
C ARG C 213 7.86 -50.49 8.21
N PRO C 214 6.73 -49.90 7.78
CA PRO C 214 5.93 -50.53 6.74
C PRO C 214 6.74 -50.83 5.49
N ARG C 215 6.48 -51.98 4.89
CA ARG C 215 7.24 -52.43 3.72
C ARG C 215 6.96 -51.51 2.54
N VAL C 216 8.01 -50.86 2.05
CA VAL C 216 7.95 -50.03 0.85
C VAL C 216 8.95 -50.62 -0.14
N ARG C 217 8.44 -51.15 -1.27
CA ARG C 217 9.31 -51.78 -2.29
C ARG C 217 10.00 -53.00 -1.66
N ASN C 218 9.28 -53.70 -0.78
CA ASN C 218 9.79 -54.88 -0.06
C ASN C 218 10.90 -54.54 0.92
N GLN C 219 11.02 -53.29 1.33
CA GLN C 219 12.06 -52.87 2.25
C GLN C 219 11.42 -52.29 3.51
N SER C 220 11.87 -52.76 4.67
CA SER C 220 11.41 -52.27 5.96
C SER C 220 12.29 -51.18 6.55
N GLY C 221 13.50 -50.99 6.01
CA GLY C 221 14.37 -49.93 6.48
C GLY C 221 14.09 -48.60 5.82
N ARG C 222 14.76 -47.56 6.32
CA ARG C 222 14.57 -46.21 5.82
C ARG C 222 15.92 -45.50 5.74
N ILE C 223 15.97 -44.44 4.93
CA ILE C 223 17.13 -43.58 4.82
C ILE C 223 16.68 -42.15 5.06
N SER C 224 17.21 -41.52 6.10
CA SER C 224 16.89 -40.13 6.40
C SER C 224 17.89 -39.23 5.67
N ILE C 225 17.38 -38.43 4.74
CA ILE C 225 18.21 -37.56 3.90
C ILE C 225 18.43 -36.24 4.63
N TYR C 226 19.69 -35.79 4.65
CA TYR C 226 20.04 -34.51 5.23
C TYR C 226 20.87 -33.72 4.23
N TRP C 227 21.08 -32.44 4.53
CA TRP C 227 21.86 -31.57 3.67
C TRP C 227 22.67 -30.60 4.50
N THR C 228 23.88 -30.29 4.03
CA THR C 228 24.79 -29.38 4.71
C THR C 228 25.35 -28.39 3.70
N LEU C 229 25.32 -27.11 4.05
CA LEU C 229 25.89 -26.06 3.22
C LEU C 229 27.29 -25.70 3.69
N VAL C 230 28.16 -25.36 2.74
CA VAL C 230 29.55 -25.02 3.02
C VAL C 230 29.86 -23.71 2.32
N ASN C 231 30.24 -22.69 3.10
CA ASN C 231 30.58 -21.39 2.54
C ASN C 231 32.03 -21.36 2.07
N PRO C 232 32.36 -20.44 1.15
CA PRO C 232 33.75 -20.34 0.69
C PRO C 232 34.72 -20.11 1.84
N GLY C 233 35.77 -20.92 1.89
CA GLY C 233 36.73 -20.89 2.96
C GLY C 233 36.49 -21.92 4.05
N ASP C 234 35.26 -22.41 4.18
CA ASP C 234 34.91 -23.39 5.19
C ASP C 234 35.26 -24.80 4.71
N SER C 235 35.20 -25.75 5.64
CA SER C 235 35.44 -27.16 5.36
C SER C 235 34.34 -28.00 5.97
N ILE C 236 33.99 -29.08 5.28
CA ILE C 236 33.01 -30.04 5.76
C ILE C 236 33.74 -31.34 6.08
N ILE C 237 33.26 -32.05 7.09
CA ILE C 237 33.86 -33.30 7.52
C ILE C 237 32.75 -34.33 7.70
N PHE C 238 32.84 -35.44 6.99
CA PHE C 238 31.96 -36.59 7.16
C PHE C 238 32.65 -37.57 8.10
N ASN C 239 32.18 -37.63 9.34
CA ASN C 239 32.71 -38.54 10.35
C ASN C 239 31.62 -39.53 10.72
N SER C 240 31.91 -40.82 10.55
CA SER C 240 30.92 -41.86 10.80
C SER C 240 31.61 -43.17 11.15
N ILE C 241 31.04 -43.88 12.12
CA ILE C 241 31.44 -45.24 12.44
C ILE C 241 30.41 -46.26 11.97
N GLY C 242 29.41 -45.82 11.21
CA GLY C 242 28.40 -46.72 10.70
C GLY C 242 27.17 -46.01 10.15
N ASN C 243 26.52 -46.63 9.16
CA ASN C 243 25.21 -46.23 8.63
C ASN C 243 25.26 -44.94 7.83
N LEU C 244 26.42 -44.56 7.30
CA LEU C 244 26.52 -43.34 6.52
C LEU C 244 26.10 -43.60 5.08
N ILE C 245 25.24 -42.73 4.55
CA ILE C 245 24.92 -42.70 3.13
C ILE C 245 25.68 -41.51 2.55
N ALA C 246 26.78 -41.81 1.86
CA ALA C 246 27.77 -40.81 1.49
C ALA C 246 27.36 -40.05 0.22
N PRO C 247 27.86 -38.84 0.05
CA PRO C 247 27.61 -38.09 -1.19
C PRO C 247 28.64 -38.42 -2.27
N ARG C 248 28.28 -38.03 -3.50
CA ARG C 248 29.17 -38.14 -4.65
C ARG C 248 29.55 -36.76 -5.20
N GLY C 249 29.41 -35.72 -4.40
CA GLY C 249 29.68 -34.37 -4.82
C GLY C 249 28.69 -33.41 -4.20
N HIS C 250 28.52 -32.25 -4.84
CA HIS C 250 27.68 -31.20 -4.27
C HIS C 250 26.99 -30.44 -5.40
N TYR C 251 25.95 -29.70 -5.02
CA TYR C 251 25.26 -28.78 -5.92
C TYR C 251 25.69 -27.35 -5.63
N LYS C 252 25.53 -26.50 -6.63
CA LYS C 252 25.97 -25.11 -6.56
C LYS C 252 24.80 -24.22 -6.20
N ILE C 253 24.94 -23.44 -5.12
CA ILE C 253 23.88 -22.54 -4.69
C ILE C 253 23.86 -21.35 -5.63
N ASN C 254 22.76 -21.19 -6.37
CA ASN C 254 22.63 -20.10 -7.31
C ASN C 254 21.70 -19.04 -6.73
N LYS C 255 21.35 -18.07 -7.55
CA LYS C 255 20.57 -16.90 -7.14
C LYS C 255 19.12 -17.08 -7.55
N SER C 256 18.20 -16.65 -6.69
CA SER C 256 16.79 -16.95 -6.86
C SER C 256 16.27 -16.50 -8.21
N THR C 257 16.24 -15.18 -8.44
CA THR C 257 16.20 -14.56 -9.76
C THR C 257 15.35 -15.37 -10.75
N LYS C 258 14.04 -15.34 -10.49
CA LYS C 258 13.05 -16.16 -11.16
C LYS C 258 13.50 -17.62 -11.26
N GLY C 259 13.56 -18.25 -10.09
CA GLY C 259 13.77 -19.67 -9.96
C GLY C 259 12.86 -20.26 -8.90
N THR C 260 11.94 -21.13 -9.30
CA THR C 260 10.93 -21.65 -8.38
C THR C 260 10.35 -22.93 -8.96
N VAL C 261 9.42 -23.53 -8.22
CA VAL C 261 8.77 -24.77 -8.62
C VAL C 261 7.25 -24.56 -8.61
N LEU C 262 6.58 -25.15 -9.60
CA LEU C 262 5.13 -25.04 -9.74
C LEU C 262 4.55 -26.44 -9.86
N LYS C 263 3.58 -26.75 -8.99
CA LYS C 263 2.93 -28.06 -8.98
C LYS C 263 1.68 -27.98 -9.85
N SER C 264 1.78 -28.45 -11.09
CA SER C 264 0.67 -28.42 -12.03
C SER C 264 0.59 -29.75 -12.77
N ASP C 265 -0.54 -29.96 -13.42
CA ASP C 265 -0.76 -31.14 -14.25
C ASP C 265 -1.00 -30.81 -15.72
N LYS C 266 -0.97 -29.54 -16.09
CA LYS C 266 -1.25 -29.13 -17.46
C LYS C 266 -0.04 -29.40 -18.36
N LYS C 267 -0.33 -29.74 -19.62
CA LYS C 267 0.74 -30.00 -20.58
C LYS C 267 1.44 -28.70 -20.97
N ILE C 268 2.71 -28.83 -21.33
CA ILE C 268 3.51 -27.69 -21.78
C ILE C 268 3.23 -27.50 -23.27
N GLY C 269 2.58 -26.39 -23.62
CA GLY C 269 2.22 -26.11 -24.99
C GLY C 269 3.34 -25.47 -25.77
N SER C 270 2.96 -24.69 -26.79
CA SER C 270 3.91 -23.94 -27.61
C SER C 270 3.58 -22.46 -27.62
N CYS C 271 2.83 -21.98 -26.63
CA CYS C 271 2.40 -20.60 -26.56
C CYS C 271 3.51 -19.73 -25.95
N THR C 272 3.23 -18.44 -25.79
CA THR C 272 4.13 -17.51 -25.14
C THR C 272 3.36 -16.67 -24.14
N SER C 273 3.81 -16.68 -22.90
CA SER C 273 3.16 -15.90 -21.84
C SER C 273 4.14 -15.68 -20.70
N PRO C 274 4.24 -14.45 -20.17
CA PRO C 274 5.13 -14.19 -19.03
C PRO C 274 4.53 -14.50 -17.68
N CYS C 275 3.42 -15.23 -17.62
CA CYS C 275 2.73 -15.53 -16.37
C CYS C 275 2.26 -16.97 -16.40
N LEU C 276 2.67 -17.76 -15.40
CA LEU C 276 2.24 -19.12 -15.24
C LEU C 276 1.37 -19.27 -13.98
N THR C 277 0.40 -20.18 -14.06
CA THR C 277 -0.40 -20.58 -12.92
C THR C 277 -0.50 -22.09 -12.89
N ASP C 278 -1.00 -22.61 -11.77
CA ASP C 278 -1.24 -24.05 -11.67
C ASP C 278 -2.28 -24.52 -12.66
N LYS C 279 -3.19 -23.63 -13.07
CA LYS C 279 -4.25 -23.94 -14.01
C LYS C 279 -3.87 -23.63 -15.46
N GLY C 280 -2.64 -23.22 -15.71
CA GLY C 280 -2.20 -22.82 -17.02
C GLY C 280 -1.70 -21.39 -17.04
N SER C 281 -1.35 -20.94 -18.24
CA SER C 281 -0.78 -19.61 -18.42
C SER C 281 -1.89 -18.57 -18.60
N ILE C 282 -1.55 -17.33 -18.28
CA ILE C 282 -2.45 -16.19 -18.39
C ILE C 282 -1.87 -15.24 -19.43
N GLN C 283 -2.68 -14.92 -20.45
CA GLN C 283 -2.35 -13.90 -21.44
C GLN C 283 -3.35 -12.77 -21.29
N SER C 284 -2.89 -11.64 -20.74
CA SER C 284 -3.80 -10.53 -20.48
C SER C 284 -3.00 -9.26 -20.30
N ASP C 285 -3.70 -8.13 -20.43
CA ASP C 285 -3.18 -6.82 -20.06
C ASP C 285 -3.95 -6.22 -18.90
N LYS C 286 -4.80 -7.02 -18.24
CA LYS C 286 -5.66 -6.59 -17.16
C LYS C 286 -4.91 -6.59 -15.83
N PRO C 287 -5.28 -5.70 -14.92
CA PRO C 287 -4.55 -5.61 -13.64
C PRO C 287 -4.81 -6.78 -12.71
N PHE C 288 -6.02 -7.33 -12.69
CA PHE C 288 -6.42 -8.33 -11.71
C PHE C 288 -6.82 -9.63 -12.41
N GLN C 289 -7.10 -10.64 -11.60
CA GLN C 289 -7.44 -11.97 -12.12
C GLN C 289 -8.07 -12.81 -11.01
N ASN C 290 -8.97 -13.70 -11.41
CA ASN C 290 -9.55 -14.69 -10.51
C ASN C 290 -9.21 -16.12 -10.91
N VAL C 291 -8.13 -16.31 -11.66
CA VAL C 291 -7.75 -17.64 -12.11
C VAL C 291 -7.22 -18.47 -10.96
N SER C 292 -6.14 -18.01 -10.32
CA SER C 292 -5.53 -18.77 -9.23
C SER C 292 -4.65 -17.86 -8.40
N ARG C 293 -4.62 -18.12 -7.09
CA ARG C 293 -3.68 -17.46 -6.21
C ARG C 293 -2.25 -17.88 -6.51
N ILE C 294 -2.05 -19.04 -7.12
CA ILE C 294 -0.74 -19.50 -7.55
C ILE C 294 -0.42 -18.85 -8.88
N ALA C 295 0.51 -17.88 -8.87
CA ALA C 295 0.86 -17.14 -10.06
C ALA C 295 2.35 -16.87 -10.04
N ILE C 296 3.05 -17.27 -11.11
CA ILE C 296 4.49 -17.10 -11.24
C ILE C 296 4.76 -16.31 -12.51
N GLY C 297 5.47 -15.20 -12.37
CA GLY C 297 5.85 -14.36 -13.49
C GLY C 297 5.16 -13.01 -13.44
N ASN C 298 5.24 -12.30 -14.56
CA ASN C 298 4.58 -11.00 -14.68
C ASN C 298 3.07 -11.21 -14.77
N CYS C 299 2.41 -11.30 -13.62
CA CYS C 299 1.03 -11.73 -13.55
C CYS C 299 0.10 -10.62 -13.07
N PRO C 300 -1.18 -10.68 -13.41
CA PRO C 300 -2.16 -9.82 -12.75
C PRO C 300 -2.34 -10.22 -11.29
N LYS C 301 -2.69 -9.25 -10.47
CA LYS C 301 -2.84 -9.49 -9.03
C LYS C 301 -4.12 -10.29 -8.76
N TYR C 302 -3.98 -11.39 -8.04
CA TYR C 302 -5.13 -12.23 -7.74
C TYR C 302 -6.09 -11.53 -6.79
N VAL C 303 -7.36 -11.50 -7.16
CA VAL C 303 -8.43 -10.95 -6.34
C VAL C 303 -9.53 -11.98 -6.21
N LYS C 304 -10.52 -11.69 -5.36
CA LYS C 304 -11.65 -12.58 -5.18
C LYS C 304 -12.79 -12.29 -6.16
N GLN C 305 -12.95 -11.04 -6.58
CA GLN C 305 -14.02 -10.69 -7.49
C GLN C 305 -13.82 -11.35 -8.84
N GLY C 306 -14.92 -11.56 -9.55
CA GLY C 306 -14.88 -12.15 -10.87
C GLY C 306 -15.07 -11.13 -11.98
N SER C 307 -15.44 -9.91 -11.60
CA SER C 307 -15.69 -8.85 -12.58
C SER C 307 -15.62 -7.51 -11.88
N LEU C 308 -14.78 -6.62 -12.40
CA LEU C 308 -14.66 -5.24 -11.91
C LEU C 308 -14.64 -4.33 -13.14
N MET C 309 -15.80 -3.74 -13.45
CA MET C 309 -15.98 -2.98 -14.69
C MET C 309 -15.56 -1.53 -14.46
N LEU C 310 -14.52 -1.10 -15.17
CA LEU C 310 -14.10 0.30 -15.15
C LEU C 310 -14.85 1.08 -16.23
N ALA C 311 -15.42 2.22 -15.85
CA ALA C 311 -16.18 3.04 -16.78
C ALA C 311 -15.22 3.77 -17.73
N THR C 312 -15.38 3.54 -19.02
CA THR C 312 -14.59 4.20 -20.05
C THR C 312 -15.45 5.12 -20.91
N GLY C 313 -16.53 5.64 -20.34
CA GLY C 313 -17.43 6.50 -21.10
C GLY C 313 -18.41 7.20 -20.18
N MET C 314 -19.12 8.16 -20.77
CA MET C 314 -20.08 8.97 -20.03
C MET C 314 -21.30 8.14 -19.65
N ARG C 315 -22.22 8.77 -18.93
CA ARG C 315 -23.48 8.14 -18.57
C ARG C 315 -24.35 7.97 -19.82
N ASN C 316 -24.82 6.75 -20.05
CA ASN C 316 -25.64 6.44 -21.22
C ASN C 316 -27.11 6.64 -20.88
N ILE C 317 -27.75 7.60 -21.54
CA ILE C 317 -29.17 7.91 -21.30
C ILE C 317 -29.87 8.01 -22.65
N PRO C 318 -30.45 6.93 -23.17
CA PRO C 318 -31.15 6.97 -24.45
C PRO C 318 -32.48 7.73 -24.38
N GLY D 1 -23.76 12.78 -11.65
CA GLY D 1 -22.75 13.80 -11.87
C GLY D 1 -22.85 14.96 -10.91
N LEU D 2 -21.73 15.64 -10.70
CA LEU D 2 -21.70 16.78 -9.78
C LEU D 2 -22.20 18.07 -10.43
N PHE D 3 -22.13 18.18 -11.76
CA PHE D 3 -22.55 19.38 -12.45
C PHE D 3 -23.98 19.31 -12.97
N GLY D 4 -24.57 18.13 -13.04
CA GLY D 4 -25.96 18.02 -13.42
C GLY D 4 -26.26 18.44 -14.85
N ALA D 5 -25.31 18.24 -15.76
CA ALA D 5 -25.58 18.41 -17.18
C ALA D 5 -25.99 17.08 -17.81
N ILE D 6 -25.08 16.10 -17.79
CA ILE D 6 -25.43 14.74 -18.18
C ILE D 6 -26.32 14.14 -17.11
N ALA D 7 -27.44 13.55 -17.53
CA ALA D 7 -28.50 13.12 -16.61
C ALA D 7 -29.00 14.27 -15.74
N GLY D 8 -28.97 15.48 -16.29
CA GLY D 8 -29.43 16.67 -15.59
C GLY D 8 -30.29 17.55 -16.46
N PHE D 9 -29.90 18.81 -16.65
CA PHE D 9 -30.69 19.67 -17.52
C PHE D 9 -30.57 19.30 -18.99
N ILE D 10 -29.63 18.44 -19.36
CA ILE D 10 -29.62 17.80 -20.67
C ILE D 10 -30.43 16.51 -20.52
N GLU D 11 -31.64 16.51 -21.08
CA GLU D 11 -32.61 15.45 -20.80
C GLU D 11 -32.03 14.08 -21.07
N ASN D 12 -31.57 13.83 -22.29
CA ASN D 12 -30.99 12.55 -22.65
C ASN D 12 -29.92 12.77 -23.71
N GLY D 13 -29.32 11.67 -24.16
CA GLY D 13 -28.27 11.72 -25.15
C GLY D 13 -28.79 11.53 -26.57
N TRP D 14 -27.86 11.62 -27.52
CA TRP D 14 -28.18 11.52 -28.94
C TRP D 14 -27.47 10.29 -29.52
N GLN D 15 -28.24 9.30 -29.95
CA GLN D 15 -27.66 8.13 -30.59
C GLN D 15 -27.25 8.40 -32.03
N GLY D 16 -27.80 9.45 -32.66
CA GLY D 16 -27.34 9.88 -33.96
C GLY D 16 -25.97 10.54 -33.95
N LEU D 17 -25.45 10.86 -32.76
CA LEU D 17 -24.11 11.42 -32.61
C LEU D 17 -23.12 10.25 -32.57
N ILE D 18 -22.51 9.94 -33.70
CA ILE D 18 -21.60 8.80 -33.81
C ILE D 18 -20.17 9.23 -34.10
N ASP D 19 -19.90 10.50 -34.36
CA ASP D 19 -18.55 10.97 -34.66
C ASP D 19 -17.94 11.75 -33.50
N GLY D 20 -18.59 11.76 -32.34
CA GLY D 20 -18.07 12.51 -31.20
C GLY D 20 -18.85 12.19 -29.94
N TRP D 21 -18.30 12.66 -28.82
CA TRP D 21 -18.96 12.50 -27.52
C TRP D 21 -19.85 13.67 -27.16
N TYR D 22 -19.61 14.86 -27.71
CA TYR D 22 -20.44 16.03 -27.49
C TYR D 22 -20.65 16.74 -28.82
N GLY D 23 -21.84 17.32 -29.01
CA GLY D 23 -22.15 17.89 -30.31
C GLY D 23 -23.17 19.01 -30.25
N PHE D 24 -23.30 19.69 -31.39
CA PHE D 24 -24.28 20.75 -31.61
C PHE D 24 -25.44 20.19 -32.42
N ARG D 25 -26.63 20.75 -32.19
CA ARG D 25 -27.82 20.36 -32.95
C ARG D 25 -28.70 21.61 -33.10
N HIS D 26 -28.74 22.15 -34.32
CA HIS D 26 -29.30 23.47 -34.56
C HIS D 26 -30.61 23.40 -35.33
N GLN D 27 -31.30 24.54 -35.37
CA GLN D 27 -32.50 24.73 -36.20
C GLN D 27 -32.48 26.16 -36.70
N ASN D 28 -32.01 26.36 -37.93
CA ASN D 28 -32.03 27.68 -38.52
C ASN D 28 -33.03 27.71 -39.69
N ALA D 29 -33.04 28.83 -40.41
CA ALA D 29 -33.96 28.97 -41.54
C ALA D 29 -33.73 27.90 -42.59
N GLU D 30 -32.46 27.60 -42.88
CA GLU D 30 -32.16 26.65 -43.95
C GLU D 30 -32.53 25.22 -43.56
N GLY D 31 -32.53 24.88 -42.27
CA GLY D 31 -32.96 23.56 -41.86
C GLY D 31 -32.45 23.14 -40.49
N THR D 32 -31.93 21.91 -40.41
CA THR D 32 -31.45 21.36 -39.16
C THR D 32 -30.29 20.41 -39.44
N GLY D 33 -29.41 20.28 -38.45
CA GLY D 33 -28.23 19.43 -38.61
C GLY D 33 -27.48 19.27 -37.30
N THR D 34 -26.72 18.18 -37.22
CA THR D 34 -25.97 17.83 -36.02
C THR D 34 -24.49 17.69 -36.35
N ALA D 35 -23.64 18.26 -35.49
CA ALA D 35 -22.20 18.17 -35.64
C ALA D 35 -21.58 17.90 -34.28
N ALA D 36 -20.61 17.00 -34.24
CA ALA D 36 -19.87 16.76 -33.02
C ALA D 36 -18.95 17.95 -32.71
N ASP D 37 -18.51 18.01 -31.46
CA ASP D 37 -17.54 19.01 -31.04
C ASP D 37 -16.25 18.29 -30.68
N LEU D 38 -15.15 18.69 -31.31
CA LEU D 38 -13.89 17.98 -31.16
C LEU D 38 -13.23 18.25 -29.81
N LYS D 39 -13.07 19.53 -29.46
CA LYS D 39 -12.34 19.90 -28.25
C LYS D 39 -12.89 19.19 -27.01
N SER D 40 -14.21 19.29 -26.79
CA SER D 40 -14.81 18.64 -25.64
C SER D 40 -14.69 17.13 -25.74
N THR D 41 -14.88 16.56 -26.93
CA THR D 41 -14.73 15.13 -27.11
C THR D 41 -13.29 14.69 -26.84
N GLN D 42 -12.33 15.50 -27.27
CA GLN D 42 -10.93 15.11 -27.07
C GLN D 42 -10.54 15.23 -25.61
N ALA D 43 -10.97 16.26 -24.92
CA ALA D 43 -10.61 16.43 -23.52
C ALA D 43 -11.13 15.28 -22.67
N ALA D 44 -12.33 14.79 -22.95
CA ALA D 44 -12.87 13.66 -22.20
C ALA D 44 -12.08 12.39 -22.48
N ILE D 45 -11.79 12.11 -23.75
CA ILE D 45 -11.09 10.89 -24.11
C ILE D 45 -9.67 10.89 -23.54
N ASP D 46 -9.00 12.04 -23.58
CA ASP D 46 -7.64 12.13 -23.04
C ASP D 46 -7.62 11.76 -21.56
N GLN D 47 -8.61 12.23 -20.79
CA GLN D 47 -8.64 11.95 -19.36
C GLN D 47 -9.07 10.53 -19.07
N ILE D 48 -9.85 9.91 -19.97
CA ILE D 48 -10.19 8.50 -19.81
C ILE D 48 -9.02 7.62 -20.21
N ASN D 49 -8.43 7.89 -21.38
CA ASN D 49 -7.24 7.16 -21.79
C ASN D 49 -6.10 7.35 -20.79
N GLY D 50 -5.95 8.57 -20.27
CA GLY D 50 -4.90 8.84 -19.31
C GLY D 50 -5.00 7.96 -18.07
N LYS D 51 -6.20 7.81 -17.52
CA LYS D 51 -6.40 6.94 -16.38
C LYS D 51 -6.42 5.46 -16.77
N LEU D 52 -6.71 5.16 -18.03
CA LEU D 52 -6.61 3.78 -18.50
C LEU D 52 -5.15 3.34 -18.53
N ASN D 53 -4.28 4.17 -19.11
CA ASN D 53 -2.86 3.84 -19.17
C ASN D 53 -2.27 3.69 -17.77
N ARG D 54 -2.71 4.53 -16.83
CA ARG D 54 -2.21 4.44 -15.47
C ARG D 54 -2.55 3.11 -14.81
N LEU D 55 -3.66 2.50 -15.21
CA LEU D 55 -4.14 1.27 -14.58
C LEU D 55 -3.56 0.00 -15.19
N ILE D 56 -2.75 0.11 -16.24
CA ILE D 56 -2.23 -1.07 -16.92
C ILE D 56 -0.75 -1.33 -16.66
N GLU D 57 -0.02 -0.35 -16.10
CA GLU D 57 1.41 -0.50 -15.91
C GLU D 57 1.75 -1.79 -15.17
N LYS D 58 2.44 -2.70 -15.87
CA LYS D 58 2.69 -4.04 -15.36
C LYS D 58 3.81 -3.98 -14.33
N THR D 59 3.44 -4.03 -13.05
CA THR D 59 4.39 -3.92 -11.95
C THR D 59 4.50 -5.17 -11.09
N ASN D 60 3.59 -6.14 -11.24
CA ASN D 60 3.55 -7.32 -10.39
C ASN D 60 4.27 -8.46 -11.08
N GLU D 61 5.40 -8.89 -10.50
CA GLU D 61 6.17 -9.98 -11.08
C GLU D 61 6.95 -10.66 -9.94
N LYS D 62 6.40 -11.79 -9.45
CA LYS D 62 7.03 -12.60 -8.42
C LYS D 62 7.18 -14.02 -8.92
N TYR D 63 8.30 -14.66 -8.59
CA TYR D 63 8.53 -16.04 -8.99
C TYR D 63 8.63 -17.00 -7.81
N HIS D 64 9.57 -16.75 -6.90
CA HIS D 64 9.61 -17.63 -5.72
C HIS D 64 8.71 -17.05 -4.65
N GLN D 65 7.78 -17.85 -4.13
CA GLN D 65 6.74 -17.39 -3.22
C GLN D 65 6.62 -18.47 -2.14
N ILE D 66 5.53 -18.43 -1.39
CA ILE D 66 5.25 -19.46 -0.42
C ILE D 66 4.16 -20.37 -0.98
N GLU D 67 4.16 -21.62 -0.51
CA GLU D 67 3.16 -22.58 -0.97
C GLU D 67 1.78 -22.17 -0.51
N LYS D 68 0.80 -22.36 -1.39
CA LYS D 68 -0.57 -21.92 -1.16
C LYS D 68 -1.56 -23.07 -1.23
N GLU D 69 -1.07 -24.31 -1.26
CA GLU D 69 -1.92 -25.50 -1.22
C GLU D 69 -1.16 -26.59 -0.48
N PHE D 70 -1.88 -27.37 0.32
CA PHE D 70 -1.23 -28.29 1.25
C PHE D 70 -1.94 -29.63 1.22
N GLU D 71 -1.16 -30.71 1.26
CA GLU D 71 -1.67 -32.07 1.18
C GLU D 71 -1.68 -32.78 2.52
N GLN D 72 -1.44 -32.05 3.62
CA GLN D 72 -1.46 -32.64 4.95
C GLN D 72 -1.48 -31.53 5.98
N VAL D 73 -2.28 -31.72 7.04
CA VAL D 73 -2.30 -30.77 8.14
C VAL D 73 -0.94 -30.77 8.83
N GLU D 74 -0.47 -29.59 9.21
CA GLU D 74 0.82 -29.47 9.87
C GLU D 74 0.72 -28.65 11.14
N GLY D 75 -0.19 -27.68 11.17
CA GLY D 75 -0.40 -26.86 12.34
C GLY D 75 0.14 -25.46 12.25
N ARG D 76 1.01 -25.10 13.18
CA ARG D 76 1.44 -23.71 13.35
C ARG D 76 1.93 -23.07 12.06
N ILE D 77 2.89 -23.72 11.40
CA ILE D 77 3.52 -23.12 10.22
C ILE D 77 2.52 -22.97 9.08
N GLN D 78 1.74 -24.02 8.82
CA GLN D 78 0.76 -23.97 7.75
C GLN D 78 -0.32 -22.93 8.05
N ASP D 79 -0.77 -22.84 9.29
CA ASP D 79 -1.74 -21.81 9.68
C ASP D 79 -1.23 -20.43 9.30
N LEU D 80 0.05 -20.16 9.54
CA LEU D 80 0.62 -18.86 9.23
C LEU D 80 0.74 -18.66 7.72
N GLU D 81 1.27 -19.66 7.02
CA GLU D 81 1.41 -19.56 5.57
C GLU D 81 0.06 -19.30 4.90
N LYS D 82 -1.00 -19.87 5.44
CA LYS D 82 -2.35 -19.60 4.91
C LYS D 82 -2.81 -18.20 5.30
N TYR D 83 -2.74 -17.87 6.59
CA TYR D 83 -3.21 -16.58 7.07
C TYR D 83 -2.50 -15.43 6.39
N VAL D 84 -1.23 -15.61 6.01
CA VAL D 84 -0.49 -14.56 5.30
C VAL D 84 -1.10 -14.35 3.92
N GLU D 85 -1.36 -15.44 3.18
CA GLU D 85 -1.92 -15.32 1.84
C GLU D 85 -3.34 -14.76 1.89
N ASP D 86 -4.17 -15.29 2.79
CA ASP D 86 -5.53 -14.79 2.94
C ASP D 86 -5.55 -13.30 3.24
N THR D 87 -4.68 -12.86 4.16
CA THR D 87 -4.58 -11.43 4.47
C THR D 87 -4.24 -10.62 3.23
N LYS D 88 -3.30 -11.11 2.41
CA LYS D 88 -2.89 -10.39 1.21
C LYS D 88 -4.04 -10.31 0.20
N ILE D 89 -4.71 -11.43 -0.03
CA ILE D 89 -5.76 -11.47 -1.06
C ILE D 89 -6.90 -10.52 -0.71
N ASP D 90 -7.31 -10.52 0.56
CA ASP D 90 -8.36 -9.61 1.00
C ASP D 90 -7.96 -8.15 0.76
N LEU D 91 -6.75 -7.78 1.17
CA LEU D 91 -6.31 -6.40 1.04
C LEU D 91 -6.25 -5.97 -0.42
N TRP D 92 -5.74 -6.83 -1.30
CA TRP D 92 -5.70 -6.49 -2.71
C TRP D 92 -7.09 -6.41 -3.31
N SER D 93 -7.99 -7.31 -2.87
CA SER D 93 -9.37 -7.26 -3.36
C SER D 93 -10.04 -5.95 -2.97
N TYR D 94 -9.82 -5.49 -1.74
CA TYR D 94 -10.32 -4.17 -1.34
C TYR D 94 -9.68 -3.08 -2.19
N ASN D 95 -8.35 -3.14 -2.35
CA ASN D 95 -7.66 -2.14 -3.16
C ASN D 95 -8.22 -2.07 -4.58
N ALA D 96 -8.72 -3.19 -5.09
CA ALA D 96 -9.30 -3.21 -6.43
C ALA D 96 -10.74 -2.69 -6.42
N GLU D 97 -11.56 -3.17 -5.49
CA GLU D 97 -12.94 -2.73 -5.40
C GLU D 97 -13.02 -1.21 -5.20
N LEU D 98 -12.24 -0.68 -4.25
CA LEU D 98 -12.23 0.76 -4.02
C LEU D 98 -11.74 1.51 -5.25
N LEU D 99 -10.74 0.96 -5.95
CA LEU D 99 -10.18 1.66 -7.11
C LEU D 99 -11.22 1.82 -8.21
N VAL D 100 -11.92 0.74 -8.57
CA VAL D 100 -12.90 0.80 -9.63
C VAL D 100 -14.03 1.76 -9.27
N ALA D 101 -14.62 1.57 -8.08
CA ALA D 101 -15.72 2.44 -7.65
C ALA D 101 -15.32 3.90 -7.62
N LEU D 102 -14.09 4.19 -7.16
CA LEU D 102 -13.64 5.57 -7.07
C LEU D 102 -13.39 6.16 -8.45
N GLU D 103 -12.64 5.44 -9.30
CA GLU D 103 -12.34 5.93 -10.63
C GLU D 103 -13.62 6.17 -11.44
N ASN D 104 -14.63 5.31 -11.25
CA ASN D 104 -15.88 5.50 -11.96
C ASN D 104 -16.61 6.75 -11.48
N GLN D 105 -16.69 6.95 -10.17
CA GLN D 105 -17.30 8.16 -9.63
C GLN D 105 -16.61 9.40 -10.17
N HIS D 106 -15.28 9.36 -10.29
CA HIS D 106 -14.55 10.48 -10.91
C HIS D 106 -14.82 10.54 -12.40
N THR D 107 -14.81 9.39 -13.08
CA THR D 107 -15.03 9.35 -14.52
C THR D 107 -16.37 9.98 -14.90
N ILE D 108 -17.43 9.59 -14.21
CA ILE D 108 -18.76 10.13 -14.51
C ILE D 108 -18.81 11.63 -14.25
N ASP D 109 -18.10 12.09 -13.21
CA ASP D 109 -18.06 13.52 -12.92
C ASP D 109 -17.23 14.28 -13.93
N VAL D 110 -16.19 13.65 -14.48
CA VAL D 110 -15.38 14.30 -15.51
C VAL D 110 -16.20 14.51 -16.77
N THR D 111 -16.90 13.46 -17.22
CA THR D 111 -17.73 13.58 -18.42
C THR D 111 -18.87 14.57 -18.20
N ASP D 112 -19.44 14.60 -17.00
CA ASP D 112 -20.45 15.60 -16.69
C ASP D 112 -19.85 17.00 -16.65
N SER D 113 -18.57 17.12 -16.31
CA SER D 113 -17.91 18.42 -16.31
C SER D 113 -17.65 18.90 -17.73
N GLU D 114 -17.14 18.01 -18.59
CA GLU D 114 -16.81 18.40 -19.95
C GLU D 114 -18.06 18.80 -20.73
N MET D 115 -19.19 18.17 -20.44
CA MET D 115 -20.45 18.59 -21.06
C MET D 115 -20.82 20.01 -20.63
N ASN D 116 -20.71 20.29 -19.33
CA ASN D 116 -20.99 21.64 -18.84
C ASN D 116 -19.96 22.64 -19.36
N LYS D 117 -18.70 22.20 -19.49
CA LYS D 117 -17.65 23.06 -20.05
C LYS D 117 -18.05 23.57 -21.43
N LEU D 118 -18.44 22.65 -22.31
CA LEU D 118 -18.86 23.03 -23.67
C LEU D 118 -20.02 24.01 -23.62
N PHE D 119 -21.06 23.68 -22.84
CA PHE D 119 -22.21 24.56 -22.72
C PHE D 119 -21.81 25.95 -22.24
N GLU D 120 -20.94 26.02 -21.23
CA GLU D 120 -20.53 27.32 -20.71
C GLU D 120 -19.68 28.08 -21.72
N ARG D 121 -18.97 27.38 -22.60
CA ARG D 121 -18.20 28.06 -23.64
C ARG D 121 -19.13 28.77 -24.63
N VAL D 122 -20.15 28.05 -25.11
CA VAL D 122 -21.09 28.63 -26.06
C VAL D 122 -21.88 29.77 -25.42
N ARG D 123 -22.23 29.61 -24.14
CA ARG D 123 -22.92 30.66 -23.41
C ARG D 123 -22.13 31.96 -23.44
N ARG D 124 -20.81 31.87 -23.24
CA ARG D 124 -19.97 33.06 -23.23
C ARG D 124 -19.76 33.62 -24.63
N GLN D 125 -20.02 32.83 -25.68
CA GLN D 125 -19.80 33.29 -27.05
C GLN D 125 -20.86 34.29 -27.47
N LEU D 126 -22.12 33.88 -27.42
CA LEU D 126 -23.23 34.71 -27.86
C LEU D 126 -23.41 35.92 -26.93
N ARG D 127 -23.68 35.63 -25.65
CA ARG D 127 -23.39 36.39 -24.43
C ARG D 127 -24.23 37.67 -24.26
N GLU D 128 -24.99 38.10 -25.27
CA GLU D 128 -26.22 38.87 -25.08
C GLU D 128 -27.23 38.56 -26.16
N ASN D 129 -26.87 37.75 -27.15
CA ASN D 129 -27.66 37.52 -28.34
C ASN D 129 -28.54 36.27 -28.24
N ALA D 130 -28.36 35.48 -27.19
CA ALA D 130 -29.15 34.28 -26.98
C ALA D 130 -29.49 34.16 -25.50
N GLU D 131 -30.36 33.21 -25.20
CA GLU D 131 -30.83 32.96 -23.84
C GLU D 131 -30.88 31.47 -23.59
N ASP D 132 -30.65 31.09 -22.33
CA ASP D 132 -30.61 29.69 -21.93
C ASP D 132 -32.03 29.19 -21.75
N GLN D 133 -32.53 28.43 -22.73
CA GLN D 133 -33.86 27.86 -22.62
C GLN D 133 -33.96 26.91 -21.43
N GLY D 134 -32.85 26.29 -21.03
CA GLY D 134 -32.85 25.42 -19.87
C GLY D 134 -32.46 24.00 -20.20
N ASN D 135 -32.90 23.51 -21.35
CA ASN D 135 -32.64 22.13 -21.77
C ASN D 135 -31.27 21.94 -22.41
N GLY D 136 -30.37 22.91 -22.29
CA GLY D 136 -29.11 22.88 -22.99
C GLY D 136 -29.12 23.54 -24.35
N CYS D 137 -30.23 24.14 -24.74
CA CYS D 137 -30.36 24.84 -26.02
C CYS D 137 -30.41 26.34 -25.78
N PHE D 138 -29.88 27.10 -26.74
CA PHE D 138 -29.90 28.55 -26.69
C PHE D 138 -30.85 29.08 -27.77
N GLU D 139 -31.76 29.97 -27.37
CA GLU D 139 -32.62 30.66 -28.32
C GLU D 139 -31.85 31.85 -28.89
N ILE D 140 -31.41 31.73 -30.13
CA ILE D 140 -30.62 32.77 -30.79
C ILE D 140 -31.58 33.81 -31.35
N PHE D 141 -31.57 35.01 -30.76
CA PHE D 141 -32.52 36.05 -31.14
C PHE D 141 -32.04 36.85 -32.35
N HIS D 142 -31.66 36.16 -33.41
CA HIS D 142 -31.34 36.80 -34.68
C HIS D 142 -31.22 35.72 -35.75
N GLN D 143 -31.28 36.14 -37.00
CA GLN D 143 -31.10 35.21 -38.11
C GLN D 143 -29.66 34.70 -38.11
N CYS D 144 -29.51 33.37 -38.14
CA CYS D 144 -28.20 32.72 -38.07
C CYS D 144 -28.17 31.63 -39.12
N ASP D 145 -27.64 31.95 -40.30
CA ASP D 145 -27.55 30.99 -41.39
C ASP D 145 -26.48 29.93 -41.07
N ASN D 146 -26.29 29.01 -42.01
CA ASN D 146 -25.35 27.91 -41.78
C ASN D 146 -23.93 28.41 -41.59
N ASN D 147 -23.55 29.49 -42.28
CA ASN D 147 -22.24 30.08 -42.04
C ASN D 147 -22.17 30.68 -40.64
N CYS D 148 -23.27 31.25 -40.16
CA CYS D 148 -23.32 31.77 -38.79
C CYS D 148 -23.27 30.63 -37.78
N ILE D 149 -23.98 29.53 -38.06
CA ILE D 149 -23.95 28.38 -37.16
C ILE D 149 -22.54 27.83 -37.02
N GLU D 150 -21.87 27.60 -38.15
CA GLU D 150 -20.50 27.10 -38.13
C GLU D 150 -19.58 28.05 -37.35
N SER D 151 -19.83 29.36 -37.44
CA SER D 151 -19.02 30.31 -36.68
C SER D 151 -19.17 30.10 -35.18
N ILE D 152 -20.33 29.63 -34.73
CA ILE D 152 -20.50 29.31 -33.31
C ILE D 152 -19.77 28.03 -32.95
N ARG D 153 -19.70 27.09 -33.89
CA ARG D 153 -19.12 25.77 -33.62
C ARG D 153 -17.61 25.72 -33.81
N ASN D 154 -17.03 26.64 -34.57
CA ASN D 154 -15.58 26.72 -34.68
C ASN D 154 -15.00 27.93 -33.94
N GLY D 155 -15.83 28.64 -33.17
CA GLY D 155 -15.33 29.66 -32.26
C GLY D 155 -14.98 30.99 -32.86
N THR D 156 -15.51 31.32 -34.04
CA THR D 156 -15.25 32.61 -34.67
C THR D 156 -16.42 33.57 -34.57
N TYR D 157 -17.52 33.15 -33.92
CA TYR D 157 -18.72 33.97 -33.82
C TYR D 157 -18.41 35.29 -33.11
N ASP D 158 -18.67 36.40 -33.79
CA ASP D 158 -18.49 37.73 -33.22
C ASP D 158 -19.88 38.24 -32.80
N HIS D 159 -20.07 38.38 -31.49
CA HIS D 159 -21.39 38.77 -30.98
C HIS D 159 -21.73 40.21 -31.32
N ASN D 160 -20.72 41.07 -31.45
CA ASN D 160 -20.96 42.47 -31.81
C ASN D 160 -21.67 42.61 -33.15
N ILE D 161 -21.58 41.58 -34.01
CA ILE D 161 -22.19 41.64 -35.33
C ILE D 161 -23.71 41.74 -35.22
N TYR D 162 -24.31 40.88 -34.39
CA TYR D 162 -25.75 40.77 -34.29
C TYR D 162 -26.31 41.41 -33.03
N ARG D 163 -25.47 42.13 -32.27
CA ARG D 163 -25.90 42.64 -30.96
C ARG D 163 -27.09 43.58 -31.10
N ASP D 164 -27.12 44.40 -32.14
CA ASP D 164 -28.20 45.36 -32.31
C ASP D 164 -29.52 44.67 -32.61
N GLU D 165 -29.52 43.69 -33.53
CA GLU D 165 -30.73 42.93 -33.82
C GLU D 165 -31.17 42.13 -32.60
N ALA D 166 -30.22 41.50 -31.90
CA ALA D 166 -30.56 40.52 -30.88
C ALA D 166 -31.20 41.18 -29.67
N ILE D 167 -30.61 42.28 -29.18
CA ILE D 167 -31.18 42.97 -28.02
C ILE D 167 -32.58 43.46 -28.33
N ASN D 168 -32.78 44.01 -29.52
CA ASN D 168 -34.10 44.52 -29.91
C ASN D 168 -35.15 43.41 -29.91
N ASN D 169 -34.80 42.25 -30.47
CA ASN D 169 -35.75 41.14 -30.51
C ASN D 169 -36.04 40.59 -29.12
N ARG D 170 -35.08 40.69 -28.20
CA ARG D 170 -35.29 40.20 -26.85
C ARG D 170 -36.17 41.15 -26.03
N ILE D 171 -35.83 42.44 -26.04
CA ILE D 171 -36.46 43.38 -25.11
C ILE D 171 -37.90 43.67 -25.51
N LYS D 172 -38.21 43.64 -26.80
CA LYS D 172 -39.56 43.97 -27.26
C LYS D 172 -40.23 42.77 -27.93
N GLY E 1 -14.60 52.37 -24.99
CA GLY E 1 -13.56 52.18 -24.01
C GLY E 1 -14.08 51.97 -22.60
N ASN E 2 -14.94 50.96 -22.44
CA ASN E 2 -15.49 50.66 -21.13
C ASN E 2 -14.40 50.08 -20.22
N PRO E 3 -14.43 50.40 -18.93
CA PRO E 3 -13.48 49.77 -18.01
C PRO E 3 -13.68 48.27 -17.96
N VAL E 4 -12.56 47.54 -17.83
CA VAL E 4 -12.58 46.08 -17.79
C VAL E 4 -11.81 45.62 -16.56
N ILE E 5 -12.41 44.74 -15.78
CA ILE E 5 -11.76 44.15 -14.61
C ILE E 5 -11.58 42.65 -14.90
N CYS E 6 -10.33 42.19 -14.81
CA CYS E 6 -9.98 40.81 -15.11
C CYS E 6 -9.68 40.06 -13.83
N LEU E 7 -9.98 38.76 -13.85
CA LEU E 7 -9.74 37.86 -12.73
C LEU E 7 -8.85 36.73 -13.20
N GLY E 8 -7.76 36.48 -12.47
CA GLY E 8 -6.82 35.46 -12.86
C GLY E 8 -6.15 34.77 -11.69
N HIS E 9 -5.03 34.10 -11.97
CA HIS E 9 -4.29 33.35 -10.97
C HIS E 9 -2.81 33.51 -11.23
N HIS E 10 -2.02 33.20 -10.20
CA HIS E 10 -0.58 33.40 -10.28
C HIS E 10 0.08 32.20 -10.98
N ALA E 11 1.23 32.46 -11.58
CA ALA E 11 2.05 31.43 -12.20
C ALA E 11 3.51 31.72 -11.92
N VAL E 12 4.37 30.74 -12.24
CA VAL E 12 5.81 30.88 -12.08
C VAL E 12 6.48 30.42 -13.37
N GLU E 13 7.77 30.76 -13.49
CA GLU E 13 8.50 30.45 -14.72
C GLU E 13 8.69 28.95 -14.88
N ASN E 14 9.30 28.30 -13.89
CA ASN E 14 9.61 26.87 -13.95
C ASN E 14 8.78 26.15 -12.88
N GLY E 15 7.74 25.44 -13.32
CA GLY E 15 6.91 24.67 -12.42
C GLY E 15 7.40 23.23 -12.25
N THR E 16 6.80 22.55 -11.29
CA THR E 16 7.14 21.17 -10.98
C THR E 16 6.11 20.22 -11.58
N SER E 17 6.55 19.00 -11.86
CA SER E 17 5.71 17.98 -12.48
C SER E 17 5.22 17.00 -11.42
N VAL E 18 3.92 16.68 -11.50
CA VAL E 18 3.28 15.76 -10.56
C VAL E 18 2.37 14.81 -11.33
N LYS E 19 2.11 13.65 -10.72
CA LYS E 19 1.21 12.66 -11.28
C LYS E 19 -0.20 12.86 -10.73
N THR E 20 -1.19 12.61 -11.59
CA THR E 20 -2.59 12.59 -11.17
C THR E 20 -3.24 11.28 -11.60
N LEU E 21 -4.56 11.19 -11.44
CA LEU E 21 -5.26 9.98 -11.89
C LEU E 21 -5.31 9.87 -13.41
N THR E 22 -5.16 10.98 -14.13
CA THR E 22 -5.38 11.01 -15.57
C THR E 22 -4.15 11.46 -16.35
N ASP E 23 -3.00 11.61 -15.71
CA ASP E 23 -1.80 12.07 -16.40
C ASP E 23 -0.57 11.77 -15.57
N ASN E 24 0.53 11.50 -16.27
CA ASN E 24 1.81 11.25 -15.61
C ASN E 24 2.64 12.51 -15.42
N HIS E 25 2.44 13.52 -16.26
CA HIS E 25 3.27 14.73 -16.28
C HIS E 25 2.36 15.95 -16.35
N ILE E 26 1.98 16.48 -15.20
CA ILE E 26 1.22 17.73 -15.11
C ILE E 26 2.07 18.74 -14.35
N GLU E 27 2.30 19.90 -14.96
CA GLU E 27 3.13 20.94 -14.35
C GLU E 27 2.26 21.82 -13.47
N VAL E 28 2.54 21.81 -12.16
CA VAL E 28 1.84 22.66 -11.21
C VAL E 28 2.82 23.70 -10.68
N VAL E 29 2.29 24.63 -9.89
CA VAL E 29 3.12 25.74 -9.39
C VAL E 29 4.15 25.24 -8.39
N SER E 30 3.71 24.53 -7.35
CA SER E 30 4.59 24.08 -6.29
C SER E 30 4.19 22.68 -5.86
N ALA E 31 5.18 21.90 -5.45
CA ALA E 31 4.96 20.52 -5.02
C ALA E 31 5.99 20.14 -3.97
N LYS E 32 5.60 19.19 -3.11
CA LYS E 32 6.46 18.72 -2.03
C LYS E 32 6.74 17.24 -2.21
N GLU E 33 8.00 16.85 -2.02
CA GLU E 33 8.41 15.45 -2.15
C GLU E 33 7.98 14.68 -0.91
N LEU E 34 7.39 13.51 -1.12
CA LEU E 34 6.88 12.69 -0.03
C LEU E 34 7.75 11.47 0.26
N VAL E 35 8.79 11.22 -0.53
CA VAL E 35 9.67 10.07 -0.34
C VAL E 35 11.03 10.59 0.11
N GLU E 36 11.46 10.17 1.29
CA GLU E 36 12.78 10.53 1.81
C GLU E 36 13.83 9.59 1.24
N THR E 37 14.89 10.15 0.66
CA THR E 37 15.91 9.37 -0.01
C THR E 37 17.31 9.61 0.55
N ASN E 38 17.44 10.30 1.68
CA ASN E 38 18.73 10.63 2.25
C ASN E 38 18.83 10.16 3.69
N HIS E 39 20.02 9.71 4.07
CA HIS E 39 20.29 9.28 5.43
C HIS E 39 21.61 9.90 5.91
N ILE E 40 21.79 9.91 7.23
CA ILE E 40 22.90 10.64 7.83
C ILE E 40 24.23 9.96 7.57
N ASN E 41 24.23 8.63 7.43
CA ASN E 41 25.37 7.72 7.32
C ASN E 41 25.96 7.45 8.71
N GLU E 42 25.39 8.02 9.78
CA GLU E 42 25.78 7.70 11.14
C GLU E 42 24.54 7.36 11.96
N LEU E 43 24.71 6.46 12.92
CA LEU E 43 23.63 6.09 13.82
C LEU E 43 23.55 7.10 14.97
N CYS E 44 22.37 7.68 15.15
CA CYS E 44 22.19 8.71 16.18
C CYS E 44 21.94 8.05 17.52
N PRO E 45 22.72 8.35 18.56
CA PRO E 45 22.53 7.71 19.86
C PRO E 45 21.35 8.24 20.66
N SER E 46 20.59 9.19 20.12
CA SER E 46 19.43 9.76 20.79
C SER E 46 18.24 9.74 19.84
N PRO E 47 17.01 9.58 20.36
CA PRO E 47 16.72 9.34 21.78
C PRO E 47 16.75 7.85 22.16
N LEU E 48 17.08 7.01 21.19
CA LEU E 48 17.11 5.57 21.42
C LEU E 48 18.44 5.16 22.05
N LYS E 49 18.36 4.42 23.15
CA LYS E 49 19.55 3.94 23.84
C LYS E 49 20.20 2.82 23.03
N LEU E 50 21.42 3.05 22.56
CA LEU E 50 22.15 2.09 21.73
C LEU E 50 23.22 1.37 22.56
N VAL E 51 23.62 0.21 22.05
CA VAL E 51 24.71 -0.57 22.62
C VAL E 51 25.52 -1.15 21.47
N ASP E 52 26.83 -0.87 21.47
CA ASP E 52 27.74 -1.33 20.43
C ASP E 52 28.54 -2.52 20.98
N GLY E 53 28.26 -3.71 20.46
CA GLY E 53 29.08 -4.86 20.80
C GLY E 53 30.44 -4.80 20.14
N GLN E 54 30.47 -4.41 18.86
CA GLN E 54 31.58 -3.87 18.07
C GLN E 54 32.72 -4.85 17.81
N ASP E 55 32.80 -5.94 18.58
CA ASP E 55 33.50 -7.15 18.18
C ASP E 55 32.70 -8.39 18.55
N CYS E 56 31.57 -8.23 19.24
CA CYS E 56 30.79 -9.33 19.79
C CYS E 56 29.38 -9.25 19.26
N ASP E 57 28.90 -10.36 18.69
CA ASP E 57 27.48 -10.47 18.42
C ASP E 57 26.74 -10.64 19.73
N LEU E 58 25.41 -10.67 19.65
CA LEU E 58 24.60 -10.65 20.86
C LEU E 58 24.75 -11.93 21.66
N ILE E 59 24.82 -13.08 20.98
CA ILE E 59 24.89 -14.36 21.68
C ILE E 59 26.24 -14.54 22.34
N ASN E 60 27.32 -14.19 21.63
CA ASN E 60 28.65 -14.24 22.25
C ASN E 60 28.71 -13.33 23.47
N GLY E 61 28.00 -12.20 23.44
CA GLY E 61 27.94 -11.35 24.62
C GLY E 61 27.18 -11.99 25.77
N ALA E 62 26.09 -12.70 25.46
CA ALA E 62 25.32 -13.36 26.51
C ALA E 62 26.11 -14.48 27.15
N LEU E 63 26.83 -15.27 26.35
CA LEU E 63 27.62 -16.36 26.92
C LEU E 63 28.84 -15.84 27.66
N GLY E 64 29.37 -14.68 27.25
CA GLY E 64 30.51 -14.10 27.93
C GLY E 64 31.84 -14.48 27.32
N SER E 65 31.91 -14.49 25.99
CA SER E 65 33.15 -14.79 25.31
C SER E 65 34.18 -13.69 25.57
N PRO E 66 35.49 -14.00 25.46
CA PRO E 66 36.54 -13.05 25.85
C PRO E 66 36.33 -11.59 25.49
N GLY E 67 36.01 -11.31 24.22
CA GLY E 67 35.90 -9.94 23.77
C GLY E 67 34.75 -9.18 24.40
N CYS E 68 33.74 -9.90 24.91
CA CYS E 68 32.48 -9.29 25.32
C CYS E 68 32.48 -8.86 26.79
N ASP E 69 33.64 -8.55 27.37
CA ASP E 69 33.67 -8.09 28.76
C ASP E 69 32.93 -6.77 28.93
N HIS E 70 32.89 -5.94 27.88
CA HIS E 70 32.26 -4.63 27.98
C HIS E 70 30.74 -4.69 27.87
N LEU E 71 30.18 -5.81 27.40
CA LEU E 71 28.74 -5.95 27.24
C LEU E 71 28.02 -6.34 28.54
N GLN E 72 28.76 -6.57 29.62
CA GLN E 72 28.14 -7.02 30.86
C GLN E 72 27.26 -5.94 31.46
N ASP E 73 26.06 -6.35 31.91
CA ASP E 73 25.08 -5.47 32.54
C ASP E 73 24.68 -4.30 31.65
N THR E 74 24.78 -4.45 30.34
CA THR E 74 24.33 -3.41 29.42
C THR E 74 22.83 -3.54 29.19
N THR E 75 22.18 -2.39 29.03
CA THR E 75 20.77 -2.33 28.66
C THR E 75 20.62 -1.42 27.45
N TRP E 76 19.67 -1.76 26.58
CA TRP E 76 19.57 -1.04 25.32
C TRP E 76 18.12 -0.93 24.88
N ASP E 77 17.87 0.04 24.01
CA ASP E 77 16.69 0.02 23.16
C ASP E 77 16.98 -0.67 21.84
N VAL E 78 18.20 -0.54 21.31
CA VAL E 78 18.65 -1.24 20.12
C VAL E 78 20.07 -1.74 20.35
N PHE E 79 20.27 -3.05 20.17
CA PHE E 79 21.61 -3.62 20.14
C PHE E 79 22.10 -3.60 18.70
N ILE E 80 23.40 -3.35 18.52
CA ILE E 80 23.98 -3.19 17.20
C ILE E 80 25.06 -4.25 17.02
N GLU E 81 24.74 -5.29 16.26
CA GLU E 81 25.75 -6.24 15.84
C GLU E 81 26.54 -5.68 14.66
N ARG E 82 27.82 -6.01 14.62
CA ARG E 82 28.71 -5.57 13.56
C ARG E 82 29.03 -6.72 12.62
N PRO E 83 29.41 -6.42 11.37
CA PRO E 83 29.89 -7.49 10.48
C PRO E 83 31.28 -7.96 10.85
N THR E 84 32.04 -7.19 11.62
CA THR E 84 33.38 -7.56 12.05
C THR E 84 33.39 -8.45 13.28
N ALA E 85 32.22 -8.79 13.82
CA ALA E 85 32.16 -9.62 15.02
C ALA E 85 32.81 -10.97 14.77
N MET E 86 33.54 -11.45 15.77
CA MET E 86 34.33 -12.67 15.65
C MET E 86 34.13 -13.54 16.88
N ASP E 87 33.99 -14.85 16.65
CA ASP E 87 34.07 -15.79 17.75
C ASP E 87 35.44 -15.72 18.41
N THR E 88 35.47 -15.91 19.72
CA THR E 88 36.71 -15.85 20.48
C THR E 88 36.87 -17.01 21.45
N CYS E 89 35.93 -17.95 21.51
CA CYS E 89 35.93 -19.00 22.52
C CYS E 89 35.88 -20.39 21.90
N TYR E 90 35.62 -21.40 22.72
CA TYR E 90 35.44 -22.75 22.24
C TYR E 90 34.38 -22.76 21.13
N PRO E 91 34.59 -23.52 20.05
CA PRO E 91 33.60 -23.54 18.97
C PRO E 91 32.26 -24.08 19.45
N PHE E 92 31.19 -23.41 19.03
CA PHE E 92 29.85 -23.76 19.51
C PHE E 92 28.83 -23.49 18.42
N ASP E 93 27.78 -24.29 18.43
CA ASP E 93 26.58 -24.05 17.64
C ASP E 93 25.40 -23.83 18.58
N VAL E 94 24.32 -23.27 18.03
CA VAL E 94 23.10 -23.05 18.81
C VAL E 94 21.91 -23.55 18.01
N PRO E 95 21.30 -24.66 18.39
CA PRO E 95 20.03 -25.05 17.76
C PRO E 95 18.99 -23.95 17.94
N ASP E 96 18.36 -23.56 16.82
CA ASP E 96 17.46 -22.42 16.79
C ASP E 96 18.18 -21.15 17.24
N TYR E 97 19.38 -20.94 16.67
CA TYR E 97 20.19 -19.77 16.97
C TYR E 97 19.39 -18.48 16.86
N GLN E 98 18.65 -18.33 15.75
CA GLN E 98 17.94 -17.08 15.48
C GLN E 98 16.92 -16.76 16.58
N SER E 99 16.36 -17.78 17.24
CA SER E 99 15.37 -17.54 18.27
C SER E 99 16.01 -17.03 19.56
N LEU E 100 17.12 -17.63 19.97
CA LEU E 100 17.80 -17.16 21.18
C LEU E 100 18.26 -15.72 21.02
N ARG E 101 18.81 -15.38 19.85
CA ARG E 101 19.14 -14.00 19.55
C ARG E 101 17.91 -13.10 19.68
N SER E 102 16.80 -13.51 19.07
CA SER E 102 15.58 -12.70 19.12
C SER E 102 15.05 -12.59 20.54
N ILE E 103 15.20 -13.65 21.34
CA ILE E 103 14.74 -13.60 22.73
C ILE E 103 15.62 -12.65 23.54
N LEU E 104 16.93 -12.68 23.32
CA LEU E 104 17.83 -11.76 24.01
C LEU E 104 17.61 -10.32 23.54
N ALA E 105 17.52 -10.11 22.22
CA ALA E 105 17.38 -8.76 21.69
C ALA E 105 16.08 -8.11 22.13
N SER E 106 15.01 -8.90 22.27
CA SER E 106 13.73 -8.33 22.66
C SER E 106 13.72 -7.93 24.13
N SER E 107 14.41 -8.69 24.98
CA SER E 107 14.48 -8.31 26.39
C SER E 107 15.23 -7.00 26.58
N GLY E 108 16.22 -6.73 25.73
CA GLY E 108 16.97 -5.49 25.83
C GLY E 108 17.79 -5.37 27.08
N SER E 109 18.46 -6.45 27.50
CA SER E 109 19.21 -6.43 28.75
C SER E 109 20.18 -7.60 28.76
N LEU E 110 21.42 -7.32 29.16
CA LEU E 110 22.40 -8.37 29.45
C LEU E 110 22.76 -8.42 30.93
N GLU E 111 21.89 -7.93 31.79
CA GLU E 111 22.08 -8.04 33.23
C GLU E 111 22.04 -9.51 33.64
N PHE E 112 23.18 -10.05 34.06
CA PHE E 112 23.27 -11.46 34.44
C PHE E 112 23.06 -11.56 35.95
N ILE E 113 21.95 -12.18 36.35
CA ILE E 113 21.68 -12.44 37.76
C ILE E 113 22.48 -13.68 38.16
N ALA E 114 23.57 -13.48 38.88
CA ALA E 114 24.44 -14.59 39.26
C ALA E 114 23.77 -15.47 40.30
N GLU E 115 24.13 -16.76 40.28
CA GLU E 115 23.62 -17.72 41.24
C GLU E 115 24.76 -18.65 41.67
N GLN E 116 24.69 -19.09 42.92
CA GLN E 116 25.67 -20.02 43.47
C GLN E 116 25.09 -21.44 43.40
N PHE E 117 25.73 -22.29 42.61
CA PHE E 117 25.36 -23.69 42.51
C PHE E 117 26.34 -24.56 43.29
N THR E 118 25.87 -25.75 43.67
CA THR E 118 26.70 -26.74 44.36
C THR E 118 26.73 -27.98 43.48
N TRP E 119 27.65 -28.01 42.53
CA TRP E 119 27.83 -29.14 41.62
C TRP E 119 28.60 -30.22 42.37
N ASN E 120 27.87 -31.11 43.03
CA ASN E 120 28.49 -32.13 43.86
C ASN E 120 29.15 -33.20 42.99
N GLY E 121 30.42 -33.48 43.30
CA GLY E 121 31.13 -34.58 42.66
C GLY E 121 31.68 -34.28 41.27
N VAL E 122 32.20 -33.08 41.04
CA VAL E 122 32.82 -32.72 39.76
C VAL E 122 33.87 -31.64 40.01
N THR E 123 34.86 -31.59 39.12
CA THR E 123 35.76 -30.44 39.07
C THR E 123 35.10 -29.31 38.31
N VAL E 124 35.32 -28.07 38.75
CA VAL E 124 34.64 -26.92 38.20
C VAL E 124 35.66 -26.00 37.54
N ASP E 125 35.14 -24.99 36.84
CA ASP E 125 35.92 -23.88 36.29
C ASP E 125 36.88 -24.33 35.20
N GLY E 126 36.51 -25.34 34.43
CA GLY E 126 37.36 -25.79 33.33
C GLY E 126 37.57 -24.70 32.29
N SER E 127 38.73 -24.75 31.64
CA SER E 127 39.12 -23.78 30.63
C SER E 127 39.63 -24.53 29.39
N SER E 128 39.94 -23.77 28.34
CA SER E 128 40.37 -24.35 27.08
C SER E 128 41.30 -23.39 26.36
N SER E 129 42.37 -23.92 25.78
CA SER E 129 43.30 -23.10 25.02
C SER E 129 42.68 -22.51 23.75
N ALA E 130 41.48 -22.97 23.36
CA ALA E 130 40.76 -22.34 22.28
C ALA E 130 40.13 -21.02 22.71
N CYS E 131 39.90 -20.83 24.00
CA CYS E 131 39.24 -19.66 24.55
C CYS E 131 40.23 -18.93 25.45
N LEU E 132 41.02 -18.04 24.87
CA LEU E 132 42.05 -17.31 25.62
C LEU E 132 41.52 -16.00 26.16
N ARG E 133 41.82 -15.73 27.42
CA ARG E 133 41.51 -14.44 28.06
C ARG E 133 42.82 -13.92 28.65
N GLY E 134 43.48 -13.02 27.91
CA GLY E 134 44.77 -12.49 28.32
C GLY E 134 45.88 -13.52 28.23
N GLY E 135 46.01 -14.14 27.05
CA GLY E 135 47.02 -15.15 26.83
C GLY E 135 46.96 -16.31 27.81
N ARG E 136 45.78 -16.60 28.34
CA ARG E 136 45.61 -17.63 29.35
C ARG E 136 44.33 -18.40 29.07
N ASN E 137 44.35 -19.70 29.34
CA ASN E 137 43.20 -20.55 29.09
C ASN E 137 41.99 -20.07 29.88
N GLY E 138 40.90 -19.79 29.17
CA GLY E 138 39.69 -19.32 29.80
C GLY E 138 38.44 -20.02 29.29
N PHE E 139 37.27 -19.46 29.59
CA PHE E 139 36.01 -20.06 29.20
C PHE E 139 34.95 -18.96 29.17
N PHE E 140 33.74 -19.34 28.76
CA PHE E 140 32.62 -18.41 28.76
C PHE E 140 32.39 -17.87 30.17
N THR E 141 32.28 -16.53 30.28
CA THR E 141 32.13 -15.88 31.57
C THR E 141 30.82 -16.23 32.26
N ARG E 142 29.86 -16.83 31.55
CA ARG E 142 28.56 -17.17 32.12
C ARG E 142 28.32 -18.68 32.14
N LEU E 143 29.32 -19.48 31.78
CA LEU E 143 29.19 -20.93 31.77
C LEU E 143 30.30 -21.55 32.60
N ASN E 144 30.00 -22.72 33.17
CA ASN E 144 30.91 -23.43 34.04
C ASN E 144 31.15 -24.82 33.48
N TRP E 145 32.39 -25.10 33.07
CA TRP E 145 32.74 -26.37 32.45
C TRP E 145 33.03 -27.38 33.57
N LEU E 146 32.14 -28.35 33.73
CA LEU E 146 32.30 -29.38 34.75
C LEU E 146 33.01 -30.60 34.18
N THR E 147 33.94 -31.14 34.97
CA THR E 147 34.65 -32.35 34.60
C THR E 147 34.73 -33.27 35.82
N ARG E 148 35.12 -34.52 35.58
CA ARG E 148 35.12 -35.52 36.64
C ARG E 148 36.07 -35.10 37.76
N VAL E 149 35.75 -35.57 38.98
CA VAL E 149 36.64 -35.38 40.12
C VAL E 149 38.02 -35.88 39.76
N LYS E 150 39.04 -35.15 40.21
CA LYS E 150 40.42 -35.50 39.88
C LYS E 150 40.71 -36.96 40.21
N ASN E 151 40.98 -37.74 39.16
CA ASN E 151 41.21 -39.18 39.27
C ASN E 151 40.00 -39.90 39.89
N GLY E 152 38.81 -39.34 39.68
CA GLY E 152 37.60 -39.91 40.27
C GLY E 152 36.43 -39.98 39.32
N ASN E 153 35.22 -40.07 39.87
CA ASN E 153 34.01 -40.23 39.08
C ASN E 153 33.34 -38.89 38.80
N TYR E 154 32.52 -38.88 37.75
CA TYR E 154 31.63 -37.76 37.46
C TYR E 154 30.36 -37.94 38.30
N GLY E 155 30.51 -37.68 39.59
CA GLY E 155 29.43 -37.79 40.55
C GLY E 155 28.15 -37.16 40.05
N PRO E 156 27.07 -37.93 40.03
CA PRO E 156 25.86 -37.50 39.31
C PRO E 156 25.32 -36.17 39.83
N ILE E 157 24.93 -35.32 38.89
CA ILE E 157 24.45 -33.98 39.17
C ILE E 157 22.93 -33.99 39.17
N ASN E 158 22.33 -33.49 40.24
CA ASN E 158 20.87 -33.43 40.37
C ASN E 158 20.48 -32.10 40.99
N VAL E 159 21.07 -31.01 40.49
CA VAL E 159 20.88 -29.68 41.05
C VAL E 159 19.54 -29.10 40.60
N THR E 160 18.90 -28.35 41.48
CA THR E 160 17.63 -27.70 41.20
C THR E 160 17.66 -26.26 41.69
N LYS E 161 16.86 -25.42 41.05
CA LYS E 161 16.70 -24.02 41.45
C LYS E 161 15.25 -23.62 41.27
N GLU E 162 14.63 -23.17 42.36
CA GLU E 162 13.25 -22.68 42.30
C GLU E 162 13.23 -21.22 41.88
N ASN E 163 12.26 -20.88 41.05
CA ASN E 163 12.05 -19.49 40.65
C ASN E 163 11.18 -18.82 41.71
N THR E 164 11.82 -18.17 42.67
CA THR E 164 11.06 -17.44 43.69
C THR E 164 10.58 -16.10 43.16
N GLY E 165 11.41 -15.41 42.37
CA GLY E 165 11.11 -14.08 41.89
C GLY E 165 9.86 -14.01 41.03
N SER E 166 9.46 -12.77 40.73
CA SER E 166 8.26 -12.50 39.96
C SER E 166 8.50 -12.52 38.45
N TYR E 167 9.74 -12.65 38.00
CA TYR E 167 10.08 -12.59 36.59
C TYR E 167 10.45 -13.97 36.06
N VAL E 168 10.43 -14.09 34.73
CA VAL E 168 10.77 -15.33 34.06
C VAL E 168 12.27 -15.40 33.87
N ARG E 169 12.87 -16.52 34.24
CA ARG E 169 14.32 -16.70 34.21
C ARG E 169 14.73 -17.41 32.93
N LEU E 170 15.78 -16.89 32.27
CA LEU E 170 16.37 -17.52 31.11
C LEU E 170 17.71 -18.11 31.52
N TYR E 171 17.80 -19.43 31.52
CA TYR E 171 19.03 -20.14 31.86
C TYR E 171 19.76 -20.54 30.58
N LEU E 172 21.03 -20.16 30.49
CA LEU E 172 21.87 -20.53 29.35
C LEU E 172 22.83 -21.63 29.79
N TRP E 173 22.72 -22.79 29.13
CA TRP E 173 23.56 -23.93 29.44
C TRP E 173 23.99 -24.58 28.13
N GLY E 174 24.80 -25.64 28.23
CA GLY E 174 25.32 -26.28 27.03
C GLY E 174 25.67 -27.72 27.26
N VAL E 175 25.98 -28.40 26.16
CA VAL E 175 26.39 -29.80 26.16
C VAL E 175 27.67 -29.92 25.34
N HIS E 176 28.69 -30.56 25.91
CA HIS E 176 29.97 -30.73 25.26
C HIS E 176 29.94 -31.97 24.38
N HIS E 177 30.27 -31.80 23.10
CA HIS E 177 30.42 -32.91 22.17
C HIS E 177 31.91 -33.19 22.01
N PRO E 178 32.45 -34.25 22.63
CA PRO E 178 33.89 -34.52 22.51
C PRO E 178 34.31 -34.91 21.11
N SER E 179 35.62 -35.12 20.92
CA SER E 179 36.17 -35.49 19.63
C SER E 179 36.62 -36.93 19.54
N SER E 180 36.81 -37.60 20.67
CA SER E 180 37.27 -38.99 20.67
C SER E 180 36.84 -39.65 21.97
N ASP E 181 36.65 -40.97 21.92
CA ASP E 181 36.27 -41.71 23.12
C ASP E 181 37.27 -41.53 24.24
N THR E 182 38.54 -41.22 23.90
CA THR E 182 39.52 -40.88 24.92
C THR E 182 39.11 -39.63 25.69
N GLU E 183 38.75 -38.57 24.96
CA GLU E 183 38.38 -37.31 25.59
C GLU E 183 37.14 -37.47 26.47
N GLN E 184 36.16 -38.24 25.99
CA GLN E 184 34.93 -38.44 26.77
C GLN E 184 35.22 -39.13 28.09
N THR E 185 36.11 -40.13 28.09
CA THR E 185 36.45 -40.82 29.32
C THR E 185 37.50 -40.06 30.14
N ASP E 186 38.38 -39.30 29.47
CA ASP E 186 39.35 -38.50 30.19
C ASP E 186 38.67 -37.39 30.99
N LEU E 187 37.52 -36.92 30.54
CA LEU E 187 36.86 -35.76 31.11
C LEU E 187 35.74 -36.13 32.09
N TYR E 188 34.83 -37.03 31.69
CA TYR E 188 33.69 -37.37 32.51
C TYR E 188 33.61 -38.87 32.84
N LYS E 189 34.51 -39.70 32.30
CA LYS E 189 34.72 -41.08 32.74
C LYS E 189 33.57 -42.00 32.34
N VAL E 190 32.46 -41.45 31.89
CA VAL E 190 31.37 -42.25 31.32
C VAL E 190 31.62 -42.38 29.83
N ALA E 191 31.36 -43.57 29.28
CA ALA E 191 31.52 -43.75 27.84
C ALA E 191 30.53 -42.90 27.07
N THR E 192 29.36 -42.64 27.63
CA THR E 192 28.31 -41.88 26.97
C THR E 192 27.64 -40.98 28.01
N GLY E 193 27.76 -39.67 27.83
CA GLY E 193 27.16 -38.73 28.75
C GLY E 193 25.66 -38.58 28.55
N ARG E 194 25.08 -37.71 29.38
CA ARG E 194 23.66 -37.39 29.27
C ARG E 194 23.42 -36.07 30.00
N VAL E 195 22.62 -35.19 29.39
CA VAL E 195 22.26 -33.90 29.97
C VAL E 195 20.75 -33.74 29.83
N THR E 196 20.06 -33.60 30.97
CA THR E 196 18.61 -33.48 31.01
C THR E 196 18.24 -32.27 31.85
N VAL E 197 17.78 -31.22 31.18
CA VAL E 197 17.30 -30.00 31.84
C VAL E 197 15.79 -29.94 31.67
N SER E 198 15.08 -29.65 32.75
CA SER E 198 13.63 -29.77 32.72
C SER E 198 12.97 -28.79 33.68
N THR E 199 11.73 -28.43 33.37
CA THR E 199 10.82 -27.72 34.26
C THR E 199 9.57 -28.57 34.43
N ARG E 200 8.56 -28.01 35.09
CA ARG E 200 7.32 -28.74 35.34
C ARG E 200 6.47 -28.89 34.08
N SER E 201 6.67 -28.04 33.07
CA SER E 201 5.86 -28.05 31.87
C SER E 201 6.63 -28.45 30.62
N ASP E 202 7.84 -27.91 30.42
CA ASP E 202 8.66 -28.25 29.26
C ASP E 202 9.97 -28.89 29.73
N GLN E 203 10.56 -29.66 28.82
CA GLN E 203 11.78 -30.39 29.14
C GLN E 203 12.64 -30.53 27.88
N ILE E 204 13.90 -30.90 28.08
CA ILE E 204 14.81 -31.22 27.00
C ILE E 204 15.96 -32.07 27.56
N SER E 205 16.29 -33.15 26.88
CA SER E 205 17.40 -34.00 27.26
C SER E 205 18.27 -34.27 26.04
N ILE E 206 19.58 -34.28 26.24
CA ILE E 206 20.54 -34.49 25.17
C ILE E 206 21.57 -35.51 25.62
N ILE E 207 21.84 -36.50 24.77
CA ILE E 207 22.94 -37.44 24.93
C ILE E 207 24.01 -37.06 23.92
N PRO E 208 25.21 -36.69 24.36
CA PRO E 208 26.19 -36.14 23.41
C PRO E 208 26.75 -37.21 22.51
N ASN E 209 27.19 -36.77 21.33
CA ASN E 209 27.74 -37.65 20.30
C ASN E 209 29.21 -37.32 20.10
N ILE E 210 30.03 -38.36 19.99
CA ILE E 210 31.47 -38.22 19.86
C ILE E 210 31.83 -38.27 18.39
N GLY E 211 32.89 -37.57 18.01
CA GLY E 211 33.31 -37.55 16.62
C GLY E 211 34.10 -36.31 16.29
N SER E 212 34.74 -36.34 15.12
CA SER E 212 35.62 -35.27 14.68
C SER E 212 34.83 -34.22 13.90
N ARG E 213 35.00 -32.96 14.30
CA ARG E 213 34.56 -31.79 13.56
C ARG E 213 35.77 -30.97 13.12
N PRO E 214 35.62 -30.12 12.11
CA PRO E 214 36.76 -29.30 11.67
C PRO E 214 37.36 -28.50 12.82
N ARG E 215 38.69 -28.45 12.86
CA ARG E 215 39.40 -27.78 13.93
C ARG E 215 39.10 -26.28 13.89
N VAL E 216 38.55 -25.77 14.98
CA VAL E 216 38.35 -24.34 15.19
C VAL E 216 39.12 -23.95 16.44
N ARG E 217 40.10 -23.05 16.29
CA ARG E 217 41.00 -22.68 17.38
C ARG E 217 41.68 -23.92 17.95
N ASN E 218 42.08 -24.82 17.06
CA ASN E 218 42.76 -26.07 17.41
C ASN E 218 41.91 -26.93 18.33
N GLN E 219 40.61 -27.00 18.05
CA GLN E 219 39.68 -27.84 18.79
C GLN E 219 38.76 -28.56 17.82
N SER E 220 38.64 -29.87 18.00
CA SER E 220 37.77 -30.68 17.15
C SER E 220 36.38 -30.89 17.76
N GLY E 221 36.23 -30.75 19.06
CA GLY E 221 34.95 -30.90 19.71
C GLY E 221 34.09 -29.65 19.59
N ARG E 222 32.87 -29.76 20.08
CA ARG E 222 31.90 -28.67 20.02
C ARG E 222 31.10 -28.62 21.32
N ILE E 223 30.42 -27.50 21.51
CA ILE E 223 29.48 -27.31 22.61
C ILE E 223 28.18 -26.79 22.03
N SER E 224 27.10 -27.55 22.19
CA SER E 224 25.78 -27.12 21.75
C SER E 224 25.10 -26.33 22.86
N ILE E 225 24.66 -25.12 22.53
CA ILE E 225 24.09 -24.20 23.51
C ILE E 225 22.57 -24.30 23.46
N TYR E 226 21.95 -24.48 24.63
CA TYR E 226 20.50 -24.52 24.77
C TYR E 226 20.08 -23.49 25.82
N TRP E 227 18.77 -23.27 25.91
CA TRP E 227 18.22 -22.35 26.89
C TRP E 227 16.89 -22.87 27.41
N THR E 228 16.63 -22.62 28.69
CA THR E 228 15.40 -23.07 29.34
C THR E 228 14.79 -21.91 30.12
N LEU E 229 13.50 -21.67 29.91
CA LEU E 229 12.77 -20.62 30.61
C LEU E 229 12.07 -21.20 31.84
N VAL E 230 12.02 -20.42 32.91
CA VAL E 230 11.42 -20.84 34.17
C VAL E 230 10.47 -19.74 34.62
N ASN E 231 9.17 -20.04 34.59
CA ASN E 231 8.16 -19.09 35.04
C ASN E 231 8.13 -19.02 36.57
N PRO E 232 7.61 -17.91 37.12
CA PRO E 232 7.48 -17.83 38.58
C PRO E 232 6.68 -18.99 39.16
N GLY E 233 7.19 -19.55 40.26
CA GLY E 233 6.59 -20.70 40.89
C GLY E 233 7.15 -22.03 40.42
N ASP E 234 7.70 -22.07 39.22
CA ASP E 234 8.27 -23.28 38.65
C ASP E 234 9.68 -23.52 39.18
N SER E 235 10.18 -24.73 38.95
CA SER E 235 11.52 -25.12 39.35
C SER E 235 12.22 -25.81 38.19
N ILE E 236 13.50 -25.52 38.01
CA ILE E 236 14.32 -26.12 36.97
C ILE E 236 15.30 -27.09 37.62
N ILE E 237 15.57 -28.20 36.93
CA ILE E 237 16.46 -29.23 37.44
C ILE E 237 17.49 -29.57 36.36
N PHE E 238 18.76 -29.42 36.70
CA PHE E 238 19.87 -29.84 35.83
C PHE E 238 20.30 -31.24 36.28
N ASN E 239 19.95 -32.24 35.48
CA ASN E 239 20.31 -33.63 35.76
C ASN E 239 21.24 -34.12 34.66
N SER E 240 22.44 -34.56 35.06
CA SER E 240 23.44 -34.97 34.08
C SER E 240 24.40 -35.97 34.71
N ILE E 241 24.70 -37.03 33.96
CA ILE E 241 25.75 -37.97 34.33
C ILE E 241 27.03 -37.74 33.54
N GLY E 242 27.07 -36.71 32.70
CA GLY E 242 28.26 -36.40 31.93
C GLY E 242 28.05 -35.33 30.87
N ASN E 243 29.10 -34.56 30.60
CA ASN E 243 29.20 -33.61 29.49
C ASN E 243 28.31 -32.38 29.67
N LEU E 244 27.92 -32.05 30.89
CA LEU E 244 27.13 -30.85 31.13
C LEU E 244 28.00 -29.61 31.12
N ILE E 245 27.54 -28.56 30.45
CA ILE E 245 28.12 -27.23 30.53
C ILE E 245 27.15 -26.39 31.35
N ALA E 246 27.49 -26.19 32.62
CA ALA E 246 26.56 -25.66 33.60
C ALA E 246 26.44 -24.15 33.50
N PRO E 247 25.32 -23.59 33.96
CA PRO E 247 25.17 -22.14 34.03
C PRO E 247 25.72 -21.57 35.33
N ARG E 248 25.91 -20.26 35.33
CA ARG E 248 26.32 -19.51 36.52
C ARG E 248 25.23 -18.57 37.01
N GLY E 249 24.02 -18.73 36.53
CA GLY E 249 22.93 -17.83 36.82
C GLY E 249 21.99 -17.73 35.64
N HIS E 250 21.16 -16.69 35.66
CA HIS E 250 20.13 -16.53 34.65
C HIS E 250 20.01 -15.05 34.26
N TYR E 251 19.38 -14.83 33.11
CA TYR E 251 19.00 -13.51 32.65
C TYR E 251 17.52 -13.26 32.96
N LYS E 252 17.14 -11.99 32.92
CA LYS E 252 15.79 -11.57 33.30
C LYS E 252 15.01 -11.23 32.04
N ILE E 253 13.87 -11.89 31.85
CA ILE E 253 13.03 -11.64 30.69
C ILE E 253 12.35 -10.28 30.90
N ASN E 254 12.68 -9.32 30.03
CA ASN E 254 12.08 -8.01 30.12
C ASN E 254 11.01 -7.87 29.04
N LYS E 255 10.52 -6.64 28.86
CA LYS E 255 9.42 -6.33 27.97
C LYS E 255 9.98 -5.73 26.68
N SER E 256 9.39 -6.11 25.54
CA SER E 256 9.95 -5.77 24.24
C SER E 256 10.13 -4.26 24.10
N THR E 257 9.01 -3.50 24.09
CA THR E 257 8.99 -2.06 24.39
C THR E 257 10.23 -1.33 23.86
N LYS E 258 10.35 -1.25 22.53
CA LYS E 258 11.55 -0.80 21.83
C LYS E 258 12.80 -1.50 22.37
N GLY E 259 12.84 -2.81 22.12
CA GLY E 259 14.02 -3.62 22.34
C GLY E 259 14.24 -4.58 21.18
N THR E 260 15.35 -4.43 20.47
CA THR E 260 15.63 -5.23 19.29
C THR E 260 17.12 -5.13 18.97
N VAL E 261 17.51 -5.70 17.84
CA VAL E 261 18.91 -5.70 17.39
C VAL E 261 18.97 -5.25 15.94
N LEU E 262 20.00 -4.49 15.60
CA LEU E 262 20.22 -3.99 14.25
C LEU E 262 21.61 -4.37 13.78
N LYS E 263 21.70 -4.96 12.59
CA LYS E 263 22.96 -5.34 11.99
C LYS E 263 23.42 -4.24 11.04
N SER E 264 24.41 -3.46 11.48
CA SER E 264 24.90 -2.35 10.69
C SER E 264 26.40 -2.19 10.93
N ASP E 265 27.06 -1.52 9.98
CA ASP E 265 28.48 -1.22 10.10
C ASP E 265 28.78 0.26 10.23
N LYS E 266 27.75 1.11 10.30
CA LYS E 266 27.95 2.54 10.38
C LYS E 266 28.34 2.95 11.80
N LYS E 267 29.20 3.96 11.90
CA LYS E 267 29.64 4.44 13.21
C LYS E 267 28.50 5.16 13.92
N ILE E 268 28.58 5.17 15.25
CA ILE E 268 27.61 5.86 16.09
C ILE E 268 28.09 7.30 16.28
N GLY E 269 27.35 8.25 15.70
CA GLY E 269 27.72 9.64 15.76
C GLY E 269 27.29 10.32 17.04
N SER E 270 26.95 11.60 16.93
CA SER E 270 26.38 12.36 18.04
C SER E 270 25.08 13.04 17.66
N CYS E 271 24.49 12.66 16.53
CA CYS E 271 23.27 13.29 16.04
C CYS E 271 22.07 12.85 16.87
N THR E 272 20.89 13.32 16.47
CA THR E 272 19.63 12.96 17.11
C THR E 272 18.62 12.58 16.04
N SER E 273 18.08 11.37 16.13
CA SER E 273 17.09 10.90 15.18
C SER E 273 16.26 9.78 15.80
N PRO E 274 14.93 9.82 15.66
CA PRO E 274 14.08 8.75 16.18
C PRO E 274 13.90 7.56 15.25
N CYS E 275 14.73 7.45 14.21
CA CYS E 275 14.59 6.38 13.22
C CYS E 275 15.97 5.90 12.82
N LEU E 276 16.22 4.60 12.98
CA LEU E 276 17.48 3.98 12.61
C LEU E 276 17.28 3.01 11.45
N THR E 277 18.26 2.97 10.56
CA THR E 277 18.32 1.97 9.50
C THR E 277 19.72 1.38 9.47
N ASP E 278 19.85 0.25 8.75
CA ASP E 278 21.16 -0.37 8.60
C ASP E 278 22.14 0.55 7.88
N LYS E 279 21.64 1.42 7.02
CA LYS E 279 22.47 2.38 6.29
C LYS E 279 22.71 3.67 7.05
N GLY E 280 22.11 3.84 8.23
CA GLY E 280 22.21 5.05 9.00
C GLY E 280 20.84 5.57 9.40
N SER E 281 20.85 6.70 10.10
CA SER E 281 19.63 7.28 10.62
C SER E 281 18.93 8.12 9.57
N ILE E 282 17.62 8.29 9.75
CA ILE E 282 16.78 9.10 8.88
C ILE E 282 16.24 10.28 9.68
N GLN E 283 16.48 11.49 9.18
CA GLN E 283 15.93 12.72 9.75
C GLN E 283 14.99 13.32 8.71
N SER E 284 13.69 13.13 8.91
CA SER E 284 12.72 13.57 7.92
C SER E 284 11.36 13.80 8.57
N ASP E 285 10.53 14.55 7.86
CA ASP E 285 9.11 14.68 8.18
C ASP E 285 8.24 14.12 7.07
N LYS E 286 8.83 13.38 6.13
CA LYS E 286 8.14 12.80 5.00
C LYS E 286 7.48 11.48 5.39
N PRO E 287 6.38 11.12 4.72
CA PRO E 287 5.68 9.88 5.08
C PRO E 287 6.38 8.61 4.61
N PHE E 288 7.09 8.67 3.50
CA PHE E 288 7.65 7.48 2.86
C PHE E 288 9.16 7.66 2.66
N GLN E 289 9.80 6.55 2.29
CA GLN E 289 11.26 6.53 2.15
C GLN E 289 11.67 5.34 1.30
N ASN E 290 12.79 5.50 0.59
CA ASN E 290 13.41 4.41 -0.17
C ASN E 290 14.80 4.08 0.33
N VAL E 291 15.12 4.44 1.58
CA VAL E 291 16.45 4.18 2.12
C VAL E 291 16.65 2.69 2.35
N SER E 292 15.82 2.08 3.20
CA SER E 292 15.98 0.67 3.52
C SER E 292 14.68 0.13 4.10
N ARG E 293 14.43 -1.16 3.83
CA ARG E 293 13.32 -1.85 4.48
C ARG E 293 13.59 -2.06 5.96
N ILE E 294 14.85 -2.13 6.35
CA ILE E 294 15.23 -2.25 7.76
C ILE E 294 15.14 -0.87 8.39
N ALA E 295 14.10 -0.66 9.21
CA ALA E 295 13.85 0.65 9.81
C ALA E 295 13.32 0.43 11.23
N ILE E 296 14.06 0.91 12.21
CA ILE E 296 13.71 0.78 13.63
C ILE E 296 13.40 2.15 14.17
N GLY E 297 12.23 2.29 14.79
CA GLY E 297 11.83 3.54 15.41
C GLY E 297 10.70 4.22 14.68
N ASN E 298 10.51 5.50 15.00
CA ASN E 298 9.49 6.33 14.36
C ASN E 298 10.01 6.71 12.97
N CYS E 299 9.72 5.84 12.00
CA CYS E 299 10.29 5.93 10.66
C CYS E 299 9.23 6.20 9.61
N PRO E 300 9.61 6.79 8.48
CA PRO E 300 8.71 6.79 7.33
C PRO E 300 8.55 5.38 6.76
N LYS E 301 7.40 5.14 6.16
CA LYS E 301 7.10 3.81 5.63
C LYS E 301 7.92 3.53 4.38
N TYR E 302 8.60 2.40 4.35
CA TYR E 302 9.41 2.06 3.19
C TYR E 302 8.54 1.75 1.99
N VAL E 303 8.84 2.38 0.86
CA VAL E 303 8.17 2.14 -0.41
C VAL E 303 9.23 1.86 -1.47
N LYS E 304 8.76 1.43 -2.64
CA LYS E 304 9.66 1.16 -3.76
C LYS E 304 9.95 2.39 -4.60
N GLN E 305 9.07 3.39 -4.57
CA GLN E 305 9.27 4.60 -5.38
C GLN E 305 10.33 5.47 -4.75
N GLY E 306 11.12 6.12 -5.61
CA GLY E 306 12.10 7.09 -5.15
C GLY E 306 11.62 8.52 -5.14
N SER E 307 10.45 8.78 -5.70
CA SER E 307 9.93 10.15 -5.76
C SER E 307 8.42 10.09 -5.95
N LEU E 308 7.69 10.71 -5.03
CA LEU E 308 6.23 10.84 -5.13
C LEU E 308 5.89 12.30 -4.80
N MET E 309 5.64 13.09 -5.84
CA MET E 309 5.47 14.53 -5.70
C MET E 309 4.01 14.85 -5.41
N LEU E 310 3.75 15.46 -4.26
CA LEU E 310 2.42 15.91 -3.89
C LEU E 310 2.22 17.36 -4.35
N ALA E 311 1.15 17.59 -5.09
CA ALA E 311 0.88 18.93 -5.59
C ALA E 311 0.43 19.85 -4.46
N THR E 312 1.18 20.92 -4.25
CA THR E 312 0.86 21.92 -3.23
C THR E 312 0.49 23.26 -3.85
N GLY E 313 -0.06 23.24 -5.06
CA GLY E 313 -0.43 24.46 -5.75
C GLY E 313 -1.29 24.17 -6.95
N MET E 314 -1.73 25.25 -7.59
CA MET E 314 -2.59 25.15 -8.76
C MET E 314 -1.78 24.73 -9.98
N ARG E 315 -2.48 24.61 -11.11
CA ARG E 315 -1.81 24.36 -12.38
C ARG E 315 -1.03 25.60 -12.80
N ASN E 316 0.22 25.38 -13.23
CA ASN E 316 1.11 26.47 -13.63
C ASN E 316 1.05 26.61 -15.14
N ILE E 317 0.53 27.74 -15.61
CA ILE E 317 0.40 28.02 -17.04
C ILE E 317 0.94 29.42 -17.33
N PRO E 318 2.23 29.56 -17.71
CA PRO E 318 2.81 30.89 -17.96
C PRO E 318 2.30 31.51 -19.26
N GLY F 1 -8.64 20.46 -14.73
CA GLY F 1 -9.62 20.83 -13.72
C GLY F 1 -11.04 20.49 -14.12
N LEU F 2 -11.93 20.41 -13.13
CA LEU F 2 -13.32 20.08 -13.39
C LEU F 2 -14.16 21.29 -13.75
N PHE F 3 -13.73 22.49 -13.37
CA PHE F 3 -14.49 23.70 -13.65
C PHE F 3 -14.02 24.44 -14.88
N GLY F 4 -12.80 24.17 -15.35
CA GLY F 4 -12.32 24.80 -16.56
C GLY F 4 -12.05 26.28 -16.46
N ALA F 5 -11.76 26.78 -15.26
CA ALA F 5 -11.25 28.14 -15.11
C ALA F 5 -9.73 28.16 -15.32
N ILE F 6 -8.99 27.49 -14.44
CA ILE F 6 -7.56 27.34 -14.63
C ILE F 6 -7.32 26.30 -15.71
N ALA F 7 -6.43 26.63 -16.67
CA ALA F 7 -6.25 25.86 -17.89
C ALA F 7 -7.56 25.76 -18.68
N GLY F 8 -8.38 26.79 -18.60
CA GLY F 8 -9.67 26.84 -19.29
C GLY F 8 -9.94 28.21 -19.86
N PHE F 9 -11.06 28.83 -19.48
CA PHE F 9 -11.36 30.16 -19.99
C PHE F 9 -10.45 31.23 -19.40
N ILE F 10 -9.62 30.90 -18.42
CA ILE F 10 -8.55 31.78 -17.97
C ILE F 10 -7.30 31.32 -18.71
N GLU F 11 -6.94 32.05 -19.77
CA GLU F 11 -5.94 31.59 -20.73
C GLU F 11 -4.65 31.14 -20.04
N ASN F 12 -4.05 32.01 -19.24
CA ASN F 12 -2.81 31.69 -18.56
C ASN F 12 -2.78 32.41 -17.22
N GLY F 13 -1.70 32.19 -16.46
CA GLY F 13 -1.51 32.81 -15.17
C GLY F 13 -0.60 34.02 -15.25
N TRP F 14 -0.56 34.75 -14.15
CA TRP F 14 0.20 36.00 -14.05
C TRP F 14 1.41 35.80 -13.15
N GLN F 15 2.61 35.91 -13.73
CA GLN F 15 3.82 35.79 -12.93
C GLN F 15 4.05 37.03 -12.08
N GLY F 16 3.58 38.19 -12.53
CA GLY F 16 3.68 39.40 -11.73
C GLY F 16 2.90 39.35 -10.44
N LEU F 17 1.87 38.50 -10.38
CA LEU F 17 1.10 38.29 -9.16
C LEU F 17 1.93 37.47 -8.18
N ILE F 18 2.61 38.14 -7.26
CA ILE F 18 3.51 37.48 -6.34
C ILE F 18 3.03 37.51 -4.89
N ASP F 19 2.03 38.32 -4.58
CA ASP F 19 1.51 38.41 -3.22
C ASP F 19 0.27 37.56 -2.99
N GLY F 20 -0.11 36.73 -3.96
CA GLY F 20 -1.32 35.93 -3.81
C GLY F 20 -1.44 34.91 -4.92
N TRP F 21 -2.41 34.01 -4.74
CA TRP F 21 -2.72 33.01 -5.75
C TRP F 21 -3.77 33.47 -6.75
N TYR F 22 -4.65 34.39 -6.37
CA TYR F 22 -5.68 34.91 -7.26
C TYR F 22 -5.77 36.41 -7.07
N GLY F 23 -6.05 37.13 -8.16
CA GLY F 23 -6.07 38.57 -8.07
C GLY F 23 -6.87 39.22 -9.17
N PHE F 24 -6.99 40.54 -9.05
CA PHE F 24 -7.68 41.38 -10.03
C PHE F 24 -6.66 42.09 -10.92
N ARG F 25 -7.10 42.43 -12.13
CA ARG F 25 -6.29 43.22 -13.05
C ARG F 25 -7.24 44.08 -13.88
N HIS F 26 -7.17 45.39 -13.71
CA HIS F 26 -8.17 46.31 -14.21
C HIS F 26 -7.58 47.27 -15.24
N GLN F 27 -8.48 47.91 -15.98
CA GLN F 27 -8.15 49.01 -16.89
C GLN F 27 -9.25 50.05 -16.77
N ASN F 28 -8.96 51.17 -16.11
CA ASN F 28 -9.92 52.26 -16.01
C ASN F 28 -9.30 53.53 -16.61
N ALA F 29 -10.01 54.64 -16.44
CA ALA F 29 -9.55 55.92 -16.98
C ALA F 29 -8.19 56.30 -16.41
N GLU F 30 -7.99 56.09 -15.10
CA GLU F 30 -6.76 56.53 -14.45
C GLU F 30 -5.56 55.65 -14.78
N GLY F 31 -5.78 54.43 -15.24
CA GLY F 31 -4.66 53.60 -15.66
C GLY F 31 -4.96 52.13 -15.49
N THR F 32 -3.96 51.38 -15.04
CA THR F 32 -4.04 49.94 -14.92
C THR F 32 -3.29 49.50 -13.66
N GLY F 33 -3.68 48.34 -13.14
CA GLY F 33 -3.05 47.83 -11.93
C GLY F 33 -3.46 46.40 -11.67
N THR F 34 -2.75 45.77 -10.73
CA THR F 34 -3.00 44.39 -10.36
C THR F 34 -2.89 44.26 -8.85
N ALA F 35 -3.88 43.63 -8.22
CA ALA F 35 -3.88 43.38 -6.80
C ALA F 35 -4.38 41.97 -6.54
N ALA F 36 -3.80 41.31 -5.55
CA ALA F 36 -4.21 39.97 -5.18
C ALA F 36 -5.50 40.02 -4.36
N ASP F 37 -6.22 38.90 -4.37
CA ASP F 37 -7.41 38.73 -3.55
C ASP F 37 -7.09 37.79 -2.40
N LEU F 38 -7.41 38.22 -1.18
CA LEU F 38 -7.01 37.48 0.01
C LEU F 38 -7.91 36.29 0.25
N LYS F 39 -9.23 36.49 0.22
CA LYS F 39 -10.19 35.45 0.57
C LYS F 39 -9.97 34.18 -0.26
N SER F 40 -9.95 34.33 -1.58
CA SER F 40 -9.73 33.19 -2.46
C SER F 40 -8.35 32.56 -2.20
N THR F 41 -7.31 33.39 -2.17
CA THR F 41 -5.97 32.90 -1.88
C THR F 41 -5.92 32.18 -0.54
N GLN F 42 -6.59 32.73 0.48
CA GLN F 42 -6.58 32.12 1.80
C GLN F 42 -7.26 30.75 1.80
N ALA F 43 -8.41 30.66 1.12
CA ALA F 43 -9.16 29.40 1.10
C ALA F 43 -8.36 28.28 0.45
N ALA F 44 -7.69 28.59 -0.67
CA ALA F 44 -6.92 27.57 -1.38
C ALA F 44 -5.76 27.07 -0.52
N ILE F 45 -5.02 27.99 0.11
CA ILE F 45 -3.89 27.59 0.94
C ILE F 45 -4.35 26.75 2.12
N ASP F 46 -5.48 27.13 2.72
CA ASP F 46 -6.01 26.40 3.87
C ASP F 46 -6.26 24.94 3.53
N GLN F 47 -6.83 24.67 2.35
CA GLN F 47 -7.16 23.31 1.98
C GLN F 47 -5.92 22.53 1.53
N ILE F 48 -4.91 23.22 0.99
CA ILE F 48 -3.65 22.55 0.69
C ILE F 48 -2.89 22.26 1.97
N ASN F 49 -2.73 23.27 2.83
CA ASN F 49 -2.11 23.05 4.13
C ASN F 49 -2.87 22.02 4.94
N GLY F 50 -4.21 22.11 4.92
CA GLY F 50 -5.03 21.15 5.65
C GLY F 50 -4.77 19.71 5.26
N LYS F 51 -4.53 19.46 3.97
CA LYS F 51 -4.20 18.12 3.50
C LYS F 51 -2.71 17.81 3.61
N LEU F 52 -1.87 18.84 3.76
CA LEU F 52 -0.45 18.59 4.03
C LEU F 52 -0.25 18.16 5.47
N ASN F 53 -0.95 18.79 6.41
CA ASN F 53 -0.85 18.42 7.82
C ASN F 53 -1.39 17.02 8.06
N ARG F 54 -2.40 16.61 7.30
CA ARG F 54 -2.94 15.25 7.44
C ARG F 54 -1.93 14.19 7.01
N LEU F 55 -1.07 14.52 6.05
CA LEU F 55 -0.15 13.55 5.46
C LEU F 55 1.15 13.41 6.25
N ILE F 56 1.35 14.18 7.31
CA ILE F 56 2.60 14.16 8.06
C ILE F 56 2.48 13.48 9.41
N GLU F 57 1.27 13.27 9.92
CA GLU F 57 1.08 12.71 11.26
C GLU F 57 1.89 11.43 11.43
N LYS F 58 2.89 11.47 12.31
CA LYS F 58 3.83 10.37 12.47
C LYS F 58 3.14 9.25 13.24
N THR F 59 2.82 8.15 12.54
CA THR F 59 2.10 7.04 13.13
C THR F 59 2.80 5.70 12.95
N ASN F 60 4.00 5.67 12.37
CA ASN F 60 4.74 4.44 12.11
C ASN F 60 5.92 4.36 13.07
N GLU F 61 5.81 3.49 14.07
CA GLU F 61 6.86 3.33 15.07
C GLU F 61 6.91 1.85 15.48
N LYS F 62 7.85 1.11 14.90
CA LYS F 62 8.07 -0.30 15.21
C LYS F 62 9.54 -0.50 15.53
N TYR F 63 9.83 -1.35 16.53
CA TYR F 63 11.20 -1.65 16.88
C TYR F 63 11.55 -3.12 16.69
N HIS F 64 10.87 -4.06 17.35
CA HIS F 64 11.17 -5.46 17.10
C HIS F 64 10.36 -5.94 15.92
N GLN F 65 11.04 -6.52 14.93
CA GLN F 65 10.46 -6.90 13.67
C GLN F 65 11.00 -8.27 13.31
N ILE F 66 10.85 -8.67 12.06
CA ILE F 66 11.43 -9.91 11.58
C ILE F 66 12.66 -9.58 10.73
N GLU F 67 13.54 -10.56 10.60
CA GLU F 67 14.76 -10.37 9.83
C GLU F 67 14.42 -10.25 8.34
N LYS F 68 15.05 -9.27 7.68
CA LYS F 68 14.76 -8.96 6.29
C LYS F 68 15.99 -9.13 5.39
N GLU F 69 17.07 -9.69 5.92
CA GLU F 69 18.26 -10.00 5.14
C GLU F 69 18.90 -11.25 5.72
N PHE F 70 19.28 -12.18 4.84
CA PHE F 70 19.71 -13.51 5.26
C PHE F 70 21.05 -13.85 4.62
N GLU F 71 21.88 -14.57 5.37
CA GLU F 71 23.22 -14.95 4.92
C GLU F 71 23.31 -16.40 4.47
N GLN F 72 22.23 -17.18 4.62
CA GLN F 72 22.23 -18.58 4.24
C GLN F 72 20.80 -19.00 3.89
N VAL F 73 20.67 -19.81 2.84
CA VAL F 73 19.37 -20.33 2.45
C VAL F 73 18.85 -21.25 3.55
N GLU F 74 17.54 -21.18 3.81
CA GLU F 74 16.98 -21.99 4.89
C GLU F 74 15.73 -22.73 4.42
N GLY F 75 15.03 -22.12 3.48
CA GLY F 75 13.87 -22.84 2.95
C GLY F 75 12.54 -22.28 3.38
N ARG F 76 11.72 -23.13 3.97
CA ARG F 76 10.32 -22.81 4.23
C ARG F 76 10.18 -21.52 5.05
N ILE F 77 10.85 -21.45 6.19
CA ILE F 77 10.65 -20.32 7.09
C ILE F 77 11.18 -19.03 6.46
N GLN F 78 12.32 -19.11 5.77
CA GLN F 78 12.85 -17.91 5.11
C GLN F 78 11.98 -17.48 3.95
N ASP F 79 11.43 -18.45 3.23
CA ASP F 79 10.52 -18.15 2.10
C ASP F 79 9.34 -17.34 2.62
N LEU F 80 8.83 -17.66 3.82
CA LEU F 80 7.69 -16.96 4.39
C LEU F 80 8.09 -15.57 4.88
N GLU F 81 9.21 -15.48 5.61
CA GLU F 81 9.66 -14.19 6.12
C GLU F 81 9.95 -13.22 4.99
N LYS F 82 10.41 -13.72 3.84
CA LYS F 82 10.63 -12.86 2.69
C LYS F 82 9.31 -12.49 2.01
N TYR F 83 8.40 -13.47 1.88
CA TYR F 83 7.11 -13.21 1.25
C TYR F 83 6.26 -12.24 2.05
N VAL F 84 6.31 -12.34 3.38
CA VAL F 84 5.54 -11.44 4.24
C VAL F 84 6.01 -10.01 4.05
N GLU F 85 7.32 -9.80 4.04
CA GLU F 85 7.86 -8.45 3.89
C GLU F 85 7.58 -7.89 2.49
N ASP F 86 7.74 -8.72 1.46
CA ASP F 86 7.47 -8.27 0.10
C ASP F 86 6.00 -7.88 -0.07
N THR F 87 5.10 -8.71 0.44
CA THR F 87 3.67 -8.40 0.36
C THR F 87 3.36 -7.06 1.02
N LYS F 88 3.99 -6.78 2.16
CA LYS F 88 3.78 -5.52 2.84
C LYS F 88 4.27 -4.34 2.00
N ILE F 89 5.52 -4.43 1.52
CA ILE F 89 6.11 -3.33 0.76
C ILE F 89 5.28 -3.02 -0.48
N ASP F 90 4.79 -4.07 -1.15
CA ASP F 90 3.92 -3.87 -2.31
C ASP F 90 2.69 -3.07 -1.95
N LEU F 91 2.00 -3.45 -0.87
CA LEU F 91 0.75 -2.81 -0.50
C LEU F 91 0.95 -1.35 -0.10
N TRP F 92 2.00 -1.07 0.67
CA TRP F 92 2.28 0.31 1.05
C TRP F 92 2.69 1.15 -0.14
N SER F 93 3.45 0.55 -1.07
CA SER F 93 3.85 1.28 -2.27
C SER F 93 2.65 1.62 -3.13
N TYR F 94 1.67 0.72 -3.20
CA TYR F 94 0.42 1.05 -3.89
C TYR F 94 -0.37 2.10 -3.13
N ASN F 95 -0.46 1.95 -1.81
CA ASN F 95 -1.14 2.95 -0.98
C ASN F 95 -0.56 4.34 -1.19
N ALA F 96 0.77 4.43 -1.29
CA ALA F 96 1.42 5.72 -1.50
C ALA F 96 1.19 6.23 -2.92
N GLU F 97 1.35 5.35 -3.91
CA GLU F 97 1.17 5.76 -5.30
C GLU F 97 -0.25 6.23 -5.56
N LEU F 98 -1.24 5.55 -5.00
CA LEU F 98 -2.63 5.96 -5.16
C LEU F 98 -2.92 7.25 -4.41
N LEU F 99 -2.39 7.37 -3.19
CA LEU F 99 -2.63 8.57 -2.38
C LEU F 99 -2.17 9.82 -3.09
N VAL F 100 -0.92 9.83 -3.57
CA VAL F 100 -0.38 11.00 -4.25
C VAL F 100 -1.20 11.31 -5.50
N ALA F 101 -1.43 10.30 -6.34
CA ALA F 101 -2.18 10.50 -7.57
C ALA F 101 -3.58 11.03 -7.30
N LEU F 102 -4.18 10.63 -6.17
CA LEU F 102 -5.54 11.07 -5.87
C LEU F 102 -5.54 12.45 -5.22
N GLU F 103 -4.65 12.68 -4.26
CA GLU F 103 -4.57 13.99 -3.63
C GLU F 103 -4.22 15.10 -4.62
N ASN F 104 -3.51 14.74 -5.71
CA ASN F 104 -3.19 15.72 -6.73
C ASN F 104 -4.38 16.03 -7.61
N GLN F 105 -5.12 14.99 -8.03
CA GLN F 105 -6.34 15.20 -8.81
C GLN F 105 -7.33 16.09 -8.06
N HIS F 106 -7.42 15.90 -6.74
CA HIS F 106 -8.30 16.75 -5.94
C HIS F 106 -7.72 18.15 -5.76
N THR F 107 -6.40 18.24 -5.54
CA THR F 107 -5.75 19.53 -5.37
C THR F 107 -5.96 20.41 -6.59
N ILE F 108 -5.70 19.88 -7.79
CA ILE F 108 -5.88 20.66 -9.01
C ILE F 108 -7.35 21.02 -9.20
N ASP F 109 -8.27 20.16 -8.75
CA ASP F 109 -9.69 20.48 -8.83
C ASP F 109 -10.08 21.57 -7.85
N VAL F 110 -9.48 21.55 -6.64
CA VAL F 110 -9.80 22.56 -5.64
C VAL F 110 -9.36 23.94 -6.09
N THR F 111 -8.12 24.05 -6.58
CA THR F 111 -7.61 25.34 -7.04
C THR F 111 -8.41 25.83 -8.25
N ASP F 112 -8.75 24.93 -9.17
CA ASP F 112 -9.61 25.30 -10.29
C ASP F 112 -10.97 25.80 -9.78
N SER F 113 -11.45 25.21 -8.69
CA SER F 113 -12.72 25.65 -8.11
C SER F 113 -12.59 27.04 -7.49
N GLU F 114 -11.53 27.26 -6.71
CA GLU F 114 -11.38 28.54 -6.02
C GLU F 114 -11.22 29.69 -7.01
N MET F 115 -10.59 29.43 -8.17
CA MET F 115 -10.54 30.44 -9.22
C MET F 115 -11.94 30.74 -9.74
N ASN F 116 -12.75 29.71 -9.97
CA ASN F 116 -14.12 29.91 -10.40
C ASN F 116 -14.97 30.55 -9.30
N LYS F 117 -14.68 30.23 -8.03
CA LYS F 117 -15.40 30.84 -6.92
C LYS F 117 -15.25 32.35 -6.92
N LEU F 118 -14.02 32.83 -7.14
CA LEU F 118 -13.78 34.27 -7.16
C LEU F 118 -14.47 34.93 -8.34
N PHE F 119 -14.38 34.31 -9.52
CA PHE F 119 -15.03 34.86 -10.71
C PHE F 119 -16.54 34.96 -10.52
N GLU F 120 -17.16 33.91 -9.98
CA GLU F 120 -18.60 33.94 -9.77
C GLU F 120 -19.00 34.98 -8.73
N ARG F 121 -18.14 35.24 -7.75
CA ARG F 121 -18.45 36.26 -6.74
C ARG F 121 -18.51 37.65 -7.38
N VAL F 122 -17.54 37.97 -8.24
CA VAL F 122 -17.53 39.27 -8.91
C VAL F 122 -18.70 39.37 -9.88
N ARG F 123 -18.99 38.28 -10.61
CA ARG F 123 -20.13 38.26 -11.51
C ARG F 123 -21.42 38.64 -10.80
N ARG F 124 -21.59 38.17 -9.57
CA ARG F 124 -22.80 38.47 -8.81
C ARG F 124 -22.79 39.88 -8.21
N GLN F 125 -21.63 40.53 -8.18
CA GLN F 125 -21.54 41.87 -7.60
C GLN F 125 -22.10 42.92 -8.54
N LEU F 126 -21.53 43.00 -9.76
CA LEU F 126 -21.95 44.00 -10.74
C LEU F 126 -23.35 43.70 -11.25
N ARG F 127 -23.54 42.50 -11.79
CA ARG F 127 -24.79 41.73 -11.83
C ARG F 127 -25.87 42.27 -12.78
N GLU F 128 -25.74 43.52 -13.21
CA GLU F 128 -26.26 43.97 -14.51
C GLU F 128 -25.33 44.97 -15.17
N ASN F 129 -24.33 45.46 -14.44
CA ASN F 129 -23.49 46.56 -14.87
C ASN F 129 -22.28 46.10 -15.65
N ALA F 130 -22.12 44.79 -15.85
CA ALA F 130 -20.95 44.26 -16.54
C ALA F 130 -21.36 43.01 -17.30
N GLU F 131 -20.56 42.68 -18.31
CA GLU F 131 -20.80 41.49 -19.13
C GLU F 131 -19.56 40.62 -19.15
N ASP F 132 -19.76 39.32 -19.26
CA ASP F 132 -18.66 38.35 -19.25
C ASP F 132 -18.05 38.30 -20.64
N GLN F 133 -16.85 38.87 -20.78
CA GLN F 133 -16.15 38.82 -22.06
C GLN F 133 -15.80 37.39 -22.44
N GLY F 134 -15.55 36.53 -21.46
CA GLY F 134 -15.25 35.12 -21.70
C GLY F 134 -13.88 34.70 -21.21
N ASN F 135 -12.91 35.61 -21.24
CA ASN F 135 -11.54 35.32 -20.85
C ASN F 135 -11.29 35.50 -19.36
N GLY F 136 -12.35 35.55 -18.56
CA GLY F 136 -12.23 35.87 -17.15
C GLY F 136 -12.25 37.35 -16.82
N CYS F 137 -12.58 38.19 -17.80
CA CYS F 137 -12.67 39.63 -17.61
C CYS F 137 -14.12 40.09 -17.75
N PHE F 138 -14.45 41.18 -17.06
CA PHE F 138 -15.77 41.78 -17.11
C PHE F 138 -15.68 43.16 -17.74
N GLU F 139 -16.41 43.36 -18.83
CA GLU F 139 -16.56 44.69 -19.41
C GLU F 139 -17.55 45.47 -18.57
N ILE F 140 -17.07 46.51 -17.88
CA ILE F 140 -17.90 47.31 -16.99
C ILE F 140 -18.45 48.48 -17.82
N PHE F 141 -19.76 48.48 -18.06
CA PHE F 141 -20.38 49.50 -18.91
C PHE F 141 -20.73 50.76 -18.12
N HIS F 142 -19.75 51.27 -17.36
CA HIS F 142 -19.88 52.57 -16.71
C HIS F 142 -18.50 53.01 -16.25
N GLN F 143 -18.37 54.30 -16.00
CA GLN F 143 -17.12 54.82 -15.44
C GLN F 143 -16.86 54.21 -14.07
N CYS F 144 -15.62 53.78 -13.86
CA CYS F 144 -15.23 53.14 -12.61
C CYS F 144 -13.81 53.62 -12.27
N ASP F 145 -13.72 54.70 -11.50
CA ASP F 145 -12.43 55.19 -11.05
C ASP F 145 -11.83 54.21 -10.04
N ASN F 146 -10.64 54.54 -9.54
CA ASN F 146 -9.89 53.61 -8.71
C ASN F 146 -10.63 53.29 -7.41
N ASN F 147 -11.35 54.28 -6.85
CA ASN F 147 -12.18 54.00 -5.69
C ASN F 147 -13.29 53.02 -6.03
N CYS F 148 -13.90 53.18 -7.21
CA CYS F 148 -14.91 52.22 -7.66
C CYS F 148 -14.29 50.85 -7.88
N ILE F 149 -13.05 50.80 -8.38
CA ILE F 149 -12.38 49.52 -8.57
C ILE F 149 -12.14 48.82 -7.24
N GLU F 150 -11.60 49.56 -6.27
CA GLU F 150 -11.38 49.00 -4.94
C GLU F 150 -12.68 48.51 -4.33
N SER F 151 -13.78 49.22 -4.57
CA SER F 151 -15.07 48.78 -4.05
C SER F 151 -15.49 47.43 -4.62
N ILE F 152 -15.03 47.11 -5.83
CA ILE F 152 -15.28 45.77 -6.38
C ILE F 152 -14.38 44.74 -5.72
N ARG F 153 -13.15 45.11 -5.37
CA ARG F 153 -12.18 44.17 -4.84
C ARG F 153 -12.35 43.91 -3.35
N ASN F 154 -12.96 44.83 -2.61
CA ASN F 154 -13.24 44.61 -1.19
C ASN F 154 -14.73 44.39 -0.93
N GLY F 155 -15.53 44.22 -1.97
CA GLY F 155 -16.91 43.80 -1.79
C GLY F 155 -17.86 44.86 -1.27
N THR F 156 -17.63 46.13 -1.58
CA THR F 156 -18.53 47.21 -1.19
C THR F 156 -19.21 47.86 -2.39
N TYR F 157 -18.96 47.37 -3.60
CA TYR F 157 -19.55 47.94 -4.81
C TYR F 157 -21.06 47.79 -4.79
N ASP F 158 -21.76 48.92 -4.89
CA ASP F 158 -23.22 48.95 -4.97
C ASP F 158 -23.61 49.07 -6.43
N HIS F 159 -24.29 48.05 -6.95
CA HIS F 159 -24.68 48.06 -8.36
C HIS F 159 -25.81 49.06 -8.62
N ASN F 160 -26.66 49.30 -7.62
CA ASN F 160 -27.77 50.24 -7.79
C ASN F 160 -27.30 51.65 -8.08
N ILE F 161 -26.02 51.95 -7.83
CA ILE F 161 -25.50 53.29 -8.04
C ILE F 161 -25.28 53.57 -9.52
N TYR F 162 -24.82 52.56 -10.27
CA TYR F 162 -24.50 52.73 -11.68
C TYR F 162 -25.48 51.98 -12.59
N ARG F 163 -26.60 51.49 -12.06
CA ARG F 163 -27.48 50.63 -12.84
C ARG F 163 -28.10 51.39 -14.01
N ASP F 164 -28.58 52.61 -13.78
CA ASP F 164 -29.15 53.41 -14.85
C ASP F 164 -28.13 53.67 -15.95
N GLU F 165 -26.92 54.08 -15.56
CA GLU F 165 -25.86 54.35 -16.52
C GLU F 165 -25.48 53.11 -17.32
N ALA F 166 -25.32 51.98 -16.63
CA ALA F 166 -24.78 50.78 -17.27
C ALA F 166 -25.77 50.18 -18.26
N ILE F 167 -27.02 49.98 -17.83
CA ILE F 167 -28.02 49.39 -18.71
C ILE F 167 -28.18 50.21 -19.98
N ASN F 168 -28.11 51.54 -19.85
CA ASN F 168 -28.21 52.40 -21.02
C ASN F 168 -27.05 52.17 -21.99
N ASN F 169 -25.84 52.05 -21.46
CA ASN F 169 -24.67 51.84 -22.32
C ASN F 169 -24.63 50.44 -22.93
N ARG F 170 -25.28 49.46 -22.31
CA ARG F 170 -25.34 48.11 -22.89
C ARG F 170 -26.38 48.02 -23.98
N ILE F 171 -27.61 48.45 -23.68
CA ILE F 171 -28.74 48.23 -24.58
C ILE F 171 -28.59 49.07 -25.85
N LYS F 172 -28.06 50.28 -25.74
CA LYS F 172 -27.91 51.14 -26.90
C LYS F 172 -26.44 51.36 -27.26
N GLN G 1 -10.96 -10.17 -45.08
CA GLN G 1 -12.35 -9.74 -45.03
C GLN G 1 -12.47 -8.24 -45.25
N VAL G 2 -12.13 -7.46 -44.22
CA VAL G 2 -12.24 -6.01 -44.28
C VAL G 2 -11.00 -5.44 -44.96
N GLN G 3 -11.21 -4.57 -45.94
CA GLN G 3 -10.12 -3.92 -46.67
C GLN G 3 -10.72 -2.77 -47.49
N LEU G 4 -9.83 -2.01 -48.12
CA LEU G 4 -10.21 -0.88 -48.97
C LEU G 4 -9.51 -1.01 -50.31
N VAL G 5 -10.27 -0.89 -51.39
CA VAL G 5 -9.75 -1.00 -52.75
C VAL G 5 -9.69 0.39 -53.36
N GLU G 6 -8.56 0.73 -53.97
CA GLU G 6 -8.35 2.01 -54.62
C GLU G 6 -8.32 1.84 -56.13
N SER G 7 -8.49 2.96 -56.84
CA SER G 7 -8.50 2.96 -58.29
C SER G 7 -8.45 4.40 -58.77
N GLY G 8 -8.18 4.57 -60.06
CA GLY G 8 -8.17 5.87 -60.71
C GLY G 8 -6.79 6.40 -61.03
N GLY G 9 -5.73 5.80 -60.50
CA GLY G 9 -4.39 6.30 -60.73
C GLY G 9 -3.90 6.05 -62.14
N GLY G 10 -3.52 7.11 -62.84
CA GLY G 10 -2.97 6.98 -64.18
C GLY G 10 -1.92 8.03 -64.47
N VAL G 11 -1.51 8.15 -65.73
CA VAL G 11 -0.57 9.18 -66.16
C VAL G 11 -1.35 10.34 -66.72
N VAL G 12 -1.10 11.55 -66.21
CA VAL G 12 -1.86 12.73 -66.56
C VAL G 12 -0.91 13.91 -66.73
N GLN G 13 -1.32 14.88 -67.57
CA GLN G 13 -0.61 16.11 -67.85
C GLN G 13 -1.03 17.21 -66.86
N PRO G 14 -0.12 18.12 -66.52
CA PRO G 14 -0.46 19.17 -65.55
C PRO G 14 -1.59 20.05 -66.04
N GLY G 15 -2.37 20.55 -65.08
CA GLY G 15 -3.47 21.45 -65.37
C GLY G 15 -4.83 20.79 -65.54
N ARG G 16 -4.86 19.49 -65.81
CA ARG G 16 -6.10 18.78 -66.05
C ARG G 16 -6.59 18.12 -64.77
N SER G 17 -7.60 17.25 -64.89
CA SER G 17 -8.29 16.69 -63.74
C SER G 17 -8.26 15.17 -63.77
N LEU G 18 -8.49 14.58 -62.61
CA LEU G 18 -8.66 13.14 -62.44
C LEU G 18 -9.66 12.89 -61.32
N ARG G 19 -10.10 11.63 -61.20
CA ARG G 19 -10.94 11.23 -60.09
C ARG G 19 -10.50 9.85 -59.62
N LEU G 20 -10.06 9.77 -58.37
CA LEU G 20 -9.69 8.51 -57.75
C LEU G 20 -10.80 8.05 -56.82
N SER G 21 -10.98 6.74 -56.72
CA SER G 21 -12.08 6.15 -55.96
C SER G 21 -11.54 5.11 -54.99
N CYS G 22 -12.23 4.97 -53.86
CA CYS G 22 -11.85 4.03 -52.81
C CYS G 22 -13.10 3.29 -52.35
N ALA G 23 -13.21 2.02 -52.77
CA ALA G 23 -14.37 1.20 -52.41
C ALA G 23 -14.09 0.43 -51.13
N ALA G 24 -14.99 0.58 -50.16
CA ALA G 24 -14.85 -0.09 -48.87
C ALA G 24 -15.51 -1.46 -48.88
N SER G 25 -15.09 -2.31 -47.96
CA SER G 25 -15.63 -3.66 -47.86
C SER G 25 -15.39 -4.20 -46.46
N GLY G 26 -16.46 -4.71 -45.83
CA GLY G 26 -16.33 -5.42 -44.58
C GLY G 26 -16.54 -4.61 -43.32
N PHE G 27 -16.99 -3.37 -43.43
CA PHE G 27 -17.21 -2.53 -42.25
C PHE G 27 -18.26 -1.48 -42.59
N PRO G 28 -18.88 -0.88 -41.56
CA PRO G 28 -19.91 0.15 -41.82
C PRO G 28 -19.32 1.46 -42.31
N PHE G 29 -19.10 1.55 -43.63
CA PHE G 29 -18.41 2.69 -44.22
C PHE G 29 -19.10 4.01 -43.87
N SER G 30 -20.41 4.08 -44.04
CA SER G 30 -21.13 5.32 -43.78
C SER G 30 -21.15 5.71 -42.30
N SER G 31 -20.55 4.91 -41.42
CA SER G 31 -20.44 5.27 -40.02
C SER G 31 -19.11 5.95 -39.69
N TYR G 32 -18.08 5.70 -40.50
CA TYR G 32 -16.76 6.27 -40.30
C TYR G 32 -16.56 7.50 -41.16
N GLY G 33 -15.83 8.48 -40.62
CA GLY G 33 -15.14 9.43 -41.47
C GLY G 33 -13.99 8.77 -42.21
N MET G 34 -13.54 9.40 -43.28
CA MET G 34 -12.50 8.81 -44.11
C MET G 34 -11.48 9.87 -44.50
N HIS G 35 -10.28 9.40 -44.84
CA HIS G 35 -9.17 10.27 -45.19
C HIS G 35 -8.49 9.79 -46.46
N TRP G 36 -7.98 10.74 -47.23
CA TRP G 36 -7.01 10.50 -48.29
C TRP G 36 -5.65 10.97 -47.81
N VAL G 37 -4.65 10.10 -47.89
CA VAL G 37 -3.28 10.44 -47.54
C VAL G 37 -2.39 10.06 -48.72
N ARG G 38 -1.53 10.98 -49.14
CA ARG G 38 -0.67 10.76 -50.29
C ARG G 38 0.78 10.63 -49.82
N GLN G 39 1.48 9.63 -50.36
CA GLN G 39 2.91 9.46 -50.15
C GLN G 39 3.62 10.01 -51.38
N ALA G 40 4.09 11.26 -51.29
CA ALA G 40 4.91 11.83 -52.34
C ALA G 40 6.09 10.92 -52.62
N PRO G 41 6.30 10.50 -53.88
CA PRO G 41 7.28 9.44 -54.14
C PRO G 41 8.70 9.90 -53.85
N GLY G 42 9.29 9.32 -52.80
CA GLY G 42 10.58 9.76 -52.31
C GLY G 42 10.47 10.35 -50.93
N LYS G 43 9.40 11.12 -50.69
CA LYS G 43 9.12 11.69 -49.39
C LYS G 43 8.20 10.76 -48.60
N GLY G 44 7.81 11.21 -47.40
CA GLY G 44 6.96 10.43 -46.53
C GLY G 44 5.48 10.64 -46.82
N LEU G 45 4.66 10.24 -45.85
CA LEU G 45 3.22 10.39 -46.00
C LEU G 45 2.81 11.85 -45.82
N GLU G 46 1.81 12.28 -46.58
CA GLU G 46 1.33 13.65 -46.55
C GLU G 46 -0.19 13.64 -46.62
N TRP G 47 -0.84 13.94 -45.49
CA TRP G 47 -2.29 14.02 -45.47
C TRP G 47 -2.78 15.12 -46.42
N VAL G 48 -3.81 14.81 -47.21
CA VAL G 48 -4.33 15.73 -48.21
C VAL G 48 -5.81 16.05 -47.98
N ALA G 49 -6.63 15.05 -47.68
CA ALA G 49 -8.07 15.28 -47.60
C ALA G 49 -8.70 14.38 -46.55
N GLY G 50 -9.87 14.81 -46.08
CA GLY G 50 -10.64 14.03 -45.11
C GLY G 50 -12.06 14.52 -45.07
N VAL G 51 -12.99 13.61 -44.79
CA VAL G 51 -14.42 13.92 -44.81
C VAL G 51 -15.09 13.25 -43.63
N SER G 52 -16.17 13.86 -43.16
CA SER G 52 -16.94 13.33 -42.04
C SER G 52 -17.82 12.16 -42.51
N TYR G 53 -18.54 11.56 -41.55
CA TYR G 53 -19.35 10.38 -41.88
C TYR G 53 -20.53 10.75 -42.77
N ASP G 54 -21.19 11.88 -42.48
CA ASP G 54 -22.34 12.28 -43.28
C ASP G 54 -21.93 12.95 -44.58
N GLY G 55 -20.79 13.64 -44.59
CA GLY G 55 -20.34 14.36 -45.76
C GLY G 55 -20.62 15.85 -45.76
N SER G 56 -21.01 16.42 -44.63
CA SER G 56 -21.26 17.86 -44.54
C SER G 56 -20.02 18.64 -44.13
N TYR G 57 -19.10 18.00 -43.40
CA TYR G 57 -17.89 18.65 -42.92
C TYR G 57 -16.69 18.02 -43.59
N LYS G 58 -15.99 18.81 -44.40
CA LYS G 58 -14.87 18.35 -45.20
C LYS G 58 -13.62 19.14 -44.82
N TYR G 59 -12.51 18.41 -44.65
CA TYR G 59 -11.26 19.01 -44.20
C TYR G 59 -10.20 18.78 -45.27
N TYR G 60 -9.52 19.85 -45.67
CA TYR G 60 -8.53 19.81 -46.74
C TYR G 60 -7.19 20.31 -46.24
N ALA G 61 -6.13 19.89 -46.93
CA ALA G 61 -4.80 20.41 -46.66
C ALA G 61 -4.61 21.75 -47.37
N ASP G 62 -3.76 22.60 -46.79
CA ASP G 62 -3.58 23.96 -47.30
C ASP G 62 -3.02 24.00 -48.71
N SER G 63 -2.41 22.91 -49.17
CA SER G 63 -1.85 22.87 -50.52
C SER G 63 -2.88 22.53 -51.59
N VAL G 64 -4.07 22.08 -51.21
CA VAL G 64 -5.06 21.60 -52.17
C VAL G 64 -6.41 22.25 -51.94
N LYS G 65 -6.48 23.21 -51.03
CA LYS G 65 -7.74 23.89 -50.77
C LYS G 65 -8.21 24.65 -52.00
N GLY G 66 -9.50 24.50 -52.33
CA GLY G 66 -10.04 25.10 -53.53
C GLY G 66 -9.55 24.49 -54.82
N ARG G 67 -8.79 23.39 -54.74
CA ARG G 67 -8.25 22.72 -55.91
C ARG G 67 -8.75 21.29 -56.03
N PHE G 68 -8.72 20.52 -54.94
CA PHE G 68 -9.27 19.19 -54.88
C PHE G 68 -10.63 19.20 -54.20
N THR G 69 -11.41 18.14 -54.44
CA THR G 69 -12.74 18.03 -53.87
C THR G 69 -12.98 16.58 -53.45
N ILE G 70 -13.18 16.35 -52.17
CA ILE G 70 -13.50 15.02 -51.65
C ILE G 70 -15.01 14.88 -51.60
N SER G 71 -15.48 13.64 -51.73
CA SER G 71 -16.89 13.31 -51.60
C SER G 71 -17.01 11.81 -51.37
N ARG G 72 -18.19 11.39 -50.91
CA ARG G 72 -18.45 9.99 -50.63
C ARG G 72 -19.87 9.67 -51.07
N ASP G 73 -20.20 8.37 -51.04
CA ASP G 73 -21.51 7.90 -51.44
C ASP G 73 -21.91 6.75 -50.53
N SER G 74 -23.06 6.90 -49.87
CA SER G 74 -23.56 5.82 -49.00
C SER G 74 -24.09 4.66 -49.84
N SER G 75 -24.74 4.97 -50.97
CA SER G 75 -25.38 3.92 -51.76
C SER G 75 -24.36 2.96 -52.38
N LYS G 76 -23.18 3.46 -52.77
CA LYS G 76 -22.14 2.61 -53.32
C LYS G 76 -21.02 2.32 -52.32
N SER G 77 -21.03 2.97 -51.15
CA SER G 77 -20.00 2.78 -50.12
C SER G 77 -18.62 3.05 -50.71
N THR G 78 -18.49 4.17 -51.42
CA THR G 78 -17.27 4.51 -52.14
C THR G 78 -16.83 5.92 -51.78
N LEU G 79 -15.52 6.13 -51.80
CA LEU G 79 -14.92 7.42 -51.47
C LEU G 79 -14.33 8.04 -52.73
N TYR G 80 -14.71 9.29 -53.02
CA TYR G 80 -14.30 9.98 -54.24
C TYR G 80 -13.30 11.08 -53.89
N LEU G 81 -12.21 11.15 -54.66
CA LEU G 81 -11.21 12.20 -54.55
C LEU G 81 -11.12 12.89 -55.91
N GLN G 82 -11.96 13.91 -56.11
CA GLN G 82 -11.99 14.64 -57.37
C GLN G 82 -10.86 15.67 -57.36
N MET G 83 -9.88 15.48 -58.23
CA MET G 83 -8.73 16.37 -58.34
C MET G 83 -8.87 17.24 -59.57
N ASN G 84 -8.83 18.55 -59.37
CA ASN G 84 -8.78 19.52 -60.45
C ASN G 84 -7.46 20.29 -60.38
N SER G 85 -7.09 20.89 -61.51
CA SER G 85 -5.89 21.73 -61.62
C SER G 85 -4.66 20.99 -61.12
N LEU G 86 -4.37 19.86 -61.75
CA LEU G 86 -3.24 19.03 -61.36
C LEU G 86 -1.92 19.69 -61.77
N ARG G 87 -0.87 19.34 -61.04
CA ARG G 87 0.48 19.81 -61.34
C ARG G 87 1.47 18.83 -60.74
N PRO G 88 2.71 18.78 -61.25
CA PRO G 88 3.67 17.75 -60.80
C PRO G 88 3.94 17.75 -59.29
N GLU G 89 3.56 18.81 -58.57
CA GLU G 89 3.64 18.74 -57.10
C GLU G 89 2.70 17.68 -56.55
N ASP G 90 1.55 17.49 -57.20
CA ASP G 90 0.56 16.50 -56.76
C ASP G 90 0.93 15.07 -57.15
N THR G 91 2.04 14.88 -57.86
CA THR G 91 2.50 13.52 -58.16
C THR G 91 2.79 12.78 -56.87
N ALA G 92 2.05 11.69 -56.63
CA ALA G 92 2.20 10.94 -55.40
C ALA G 92 1.47 9.60 -55.53
N VAL G 93 1.82 8.68 -54.64
CA VAL G 93 1.10 7.42 -54.50
C VAL G 93 -0.03 7.65 -53.50
N TYR G 94 -1.27 7.59 -53.97
CA TYR G 94 -2.41 7.97 -53.14
C TYR G 94 -2.91 6.79 -52.33
N TYR G 95 -3.26 7.05 -51.07
CA TYR G 95 -3.79 6.04 -50.17
C TYR G 95 -5.08 6.57 -49.56
N CYS G 96 -6.14 5.76 -49.63
CA CYS G 96 -7.35 6.03 -48.86
C CYS G 96 -7.25 5.29 -47.54
N ALA G 97 -7.43 6.01 -46.44
CA ALA G 97 -7.20 5.45 -45.12
C ALA G 97 -8.40 5.70 -44.22
N ARG G 98 -8.51 4.87 -43.19
CA ARG G 98 -9.68 4.86 -42.31
C ARG G 98 -9.26 5.24 -40.89
N PRO G 99 -9.70 6.37 -40.36
CA PRO G 99 -9.36 6.73 -38.98
C PRO G 99 -9.94 5.74 -37.98
N SER G 100 -9.17 5.46 -36.94
CA SER G 100 -9.53 4.41 -35.99
C SER G 100 -10.72 4.82 -35.14
N ALA G 101 -11.59 3.86 -34.88
CA ALA G 101 -12.68 4.06 -33.95
C ALA G 101 -12.20 3.88 -32.52
N ILE G 102 -12.58 4.79 -31.62
CA ILE G 102 -12.05 4.78 -30.22
C ILE G 102 -13.21 4.79 -29.24
N PHE G 103 -13.12 3.97 -28.21
CA PHE G 103 -14.21 3.86 -27.23
C PHE G 103 -15.47 3.56 -28.01
N GLY G 104 -16.47 4.40 -27.97
CA GLY G 104 -17.66 3.99 -28.73
C GLY G 104 -17.89 4.89 -29.91
N ILE G 105 -17.10 5.95 -30.02
CA ILE G 105 -17.34 6.98 -31.06
C ILE G 105 -16.51 6.67 -32.30
N TYR G 106 -17.07 6.91 -33.48
CA TYR G 106 -16.26 6.76 -34.69
C TYR G 106 -15.63 8.09 -35.07
N ILE G 107 -14.62 8.48 -34.29
CA ILE G 107 -14.02 9.79 -34.49
C ILE G 107 -13.32 9.88 -35.84
N ILE G 108 -13.29 11.09 -36.39
CA ILE G 108 -12.58 11.38 -37.63
C ILE G 108 -11.10 11.68 -37.38
N LEU G 109 -10.74 12.10 -36.17
CA LEU G 109 -9.41 12.61 -35.86
C LEU G 109 -8.72 11.60 -34.94
N ASN G 110 -7.98 10.68 -35.53
CA ASN G 110 -7.32 9.60 -34.80
C ASN G 110 -6.26 8.97 -35.70
N GLY G 111 -5.65 7.89 -35.23
CA GLY G 111 -4.81 7.09 -36.08
C GLY G 111 -5.63 6.35 -37.12
N LEU G 112 -4.97 5.97 -38.21
CA LEU G 112 -5.63 5.39 -39.37
C LEU G 112 -5.47 3.88 -39.35
N ASP G 113 -6.61 3.16 -39.26
CA ASP G 113 -6.58 1.71 -39.13
C ASP G 113 -6.23 1.02 -40.43
N VAL G 114 -7.07 1.17 -41.45
CA VAL G 114 -7.00 0.37 -42.67
C VAL G 114 -6.59 1.25 -43.83
N TRP G 115 -5.70 0.74 -44.67
CA TRP G 115 -5.21 1.44 -45.84
C TRP G 115 -5.54 0.65 -47.10
N GLY G 116 -5.57 1.35 -48.23
CA GLY G 116 -5.67 0.70 -49.52
C GLY G 116 -4.31 0.26 -50.04
N GLN G 117 -4.33 -0.45 -51.17
CA GLN G 117 -3.10 -1.00 -51.71
C GLN G 117 -2.12 0.09 -52.15
N GLY G 118 -2.63 1.24 -52.59
CA GLY G 118 -1.80 2.29 -53.13
C GLY G 118 -1.91 2.41 -54.63
N THR G 119 -2.53 3.49 -55.09
CA THR G 119 -2.69 3.76 -56.52
C THR G 119 -1.87 4.98 -56.88
N THR G 120 -0.95 4.81 -57.83
CA THR G 120 0.05 5.82 -58.14
C THR G 120 -0.51 6.85 -59.13
N VAL G 121 -0.27 8.13 -58.83
CA VAL G 121 -0.66 9.23 -59.69
C VAL G 121 0.60 9.89 -60.22
N THR G 122 0.80 9.82 -61.54
CA THR G 122 1.98 10.37 -62.18
C THR G 122 1.59 11.60 -63.01
N VAL G 123 2.29 12.71 -62.79
CA VAL G 123 2.04 13.96 -63.50
C VAL G 123 3.33 14.41 -64.16
N SER G 124 3.39 14.29 -65.48
CA SER G 124 4.56 14.74 -66.22
C SER G 124 4.36 16.14 -66.77
N GLU H 1 0.54 25.05 -38.28
CA GLU H 1 0.54 23.58 -38.26
C GLU H 1 1.22 23.03 -37.02
N ILE H 2 1.39 21.72 -37.00
CA ILE H 2 2.21 21.01 -36.01
C ILE H 2 3.27 20.24 -36.78
N VAL H 3 4.53 20.46 -36.41
CA VAL H 3 5.65 19.87 -37.14
C VAL H 3 6.20 18.69 -36.36
N LEU H 4 6.24 17.52 -36.99
CA LEU H 4 6.84 16.35 -36.39
C LEU H 4 8.30 16.22 -36.80
N THR H 5 9.11 15.67 -35.90
CA THR H 5 10.56 15.54 -36.13
C THR H 5 11.00 14.17 -35.63
N GLN H 6 11.17 13.22 -36.55
CA GLN H 6 11.62 11.89 -36.20
C GLN H 6 13.14 11.84 -36.11
N SER H 7 13.65 11.19 -35.06
CA SER H 7 15.06 11.02 -34.83
C SER H 7 15.35 9.60 -34.37
N PRO H 8 16.39 8.94 -34.93
CA PRO H 8 17.17 9.45 -36.07
C PRO H 8 16.44 9.27 -37.40
N SER H 9 16.99 9.84 -38.47
CA SER H 9 16.34 9.70 -39.77
C SER H 9 16.57 8.33 -40.39
N SER H 10 17.53 7.57 -39.89
CA SER H 10 17.78 6.20 -40.33
C SER H 10 18.74 5.56 -39.35
N VAL H 11 18.74 4.23 -39.32
CA VAL H 11 19.57 3.48 -38.39
C VAL H 11 19.76 2.07 -38.91
N SER H 12 20.95 1.52 -38.69
CA SER H 12 21.26 0.14 -39.02
C SER H 12 21.48 -0.66 -37.74
N ALA H 13 20.91 -1.86 -37.68
CA ALA H 13 21.02 -2.67 -36.48
C ALA H 13 20.88 -4.13 -36.83
N SER H 14 21.44 -4.99 -35.98
CA SER H 14 21.31 -6.43 -36.12
C SER H 14 20.08 -6.94 -35.38
N VAL H 15 19.69 -8.18 -35.69
CA VAL H 15 18.53 -8.78 -35.05
C VAL H 15 18.82 -9.02 -33.58
N GLY H 16 17.92 -8.52 -32.73
CA GLY H 16 18.09 -8.64 -31.30
C GLY H 16 18.54 -7.39 -30.58
N ASP H 17 18.56 -6.25 -31.25
CA ASP H 17 19.01 -5.00 -30.65
C ASP H 17 17.83 -4.21 -30.08
N ARG H 18 18.14 -3.33 -29.14
CA ARG H 18 17.14 -2.51 -28.46
C ARG H 18 17.03 -1.20 -29.22
N VAL H 19 16.08 -1.13 -30.15
CA VAL H 19 15.94 0.00 -31.04
C VAL H 19 15.07 1.07 -30.40
N THR H 20 15.48 2.33 -30.54
CA THR H 20 14.76 3.46 -30.00
C THR H 20 14.57 4.52 -31.07
N ILE H 21 13.34 5.01 -31.23
CA ILE H 21 12.98 6.06 -32.17
C ILE H 21 12.17 7.10 -31.43
N THR H 22 12.27 8.36 -31.87
CA THR H 22 11.56 9.47 -31.25
C THR H 22 10.73 10.22 -32.27
N CYS H 23 9.48 10.53 -31.89
CA CYS H 23 8.66 11.52 -32.58
C CYS H 23 8.59 12.77 -31.72
N ARG H 24 8.57 13.94 -32.36
CA ARG H 24 8.85 15.19 -31.64
C ARG H 24 8.09 16.33 -32.31
N ALA H 25 7.06 16.84 -31.65
CA ALA H 25 6.17 17.84 -32.20
C ALA H 25 6.30 19.17 -31.44
N THR H 26 5.44 20.12 -31.81
CA THR H 26 5.45 21.46 -31.21
C THR H 26 4.33 21.64 -30.18
N GLN H 27 3.07 21.41 -30.59
CA GLN H 27 1.95 21.67 -29.71
C GLN H 27 1.73 20.52 -28.73
N GLY H 28 0.93 20.80 -27.69
CA GLY H 28 0.44 19.76 -26.80
C GLY H 28 -0.55 18.86 -27.52
N ILE H 29 0.00 17.78 -28.05
CA ILE H 29 -0.89 16.86 -28.78
C ILE H 29 -1.28 15.76 -27.82
N SER H 30 -1.44 16.10 -26.54
CA SER H 30 -1.89 15.16 -25.50
C SER H 30 -1.26 13.79 -25.63
N SER H 31 -2.02 12.83 -26.13
CA SER H 31 -1.53 11.44 -26.26
C SER H 31 -1.90 10.90 -27.63
N TRP H 32 -2.15 11.81 -28.57
CA TRP H 32 -2.58 11.43 -29.92
C TRP H 32 -1.38 11.29 -30.84
N LEU H 33 -0.82 10.10 -30.88
CA LEU H 33 0.28 9.70 -31.74
C LEU H 33 0.03 8.29 -32.25
N ALA H 34 0.30 8.08 -33.54
CA ALA H 34 0.08 6.78 -34.19
C ALA H 34 1.34 6.38 -34.95
N TRP H 35 1.98 5.30 -34.50
CA TRP H 35 3.14 4.76 -35.18
C TRP H 35 2.73 3.77 -36.26
N TYR H 36 3.43 3.79 -37.38
CA TYR H 36 3.12 2.95 -38.53
C TYR H 36 4.36 2.20 -39.00
N GLN H 37 4.15 0.98 -39.47
CA GLN H 37 5.16 0.21 -40.18
C GLN H 37 4.93 0.34 -41.68
N GLN H 38 6.03 0.35 -42.44
CA GLN H 38 5.90 0.46 -43.88
C GLN H 38 7.04 -0.29 -44.56
N LYS H 39 6.70 -1.32 -45.33
CA LYS H 39 7.63 -1.99 -46.24
C LYS H 39 7.58 -1.31 -47.61
N PRO H 40 8.68 -1.34 -48.36
CA PRO H 40 8.72 -0.63 -49.64
C PRO H 40 7.61 -1.09 -50.59
N GLY H 41 6.92 -0.12 -51.18
CA GLY H 41 5.84 -0.42 -52.09
C GLY H 41 4.57 -0.89 -51.43
N LYS H 42 4.50 -0.88 -50.10
CA LYS H 42 3.35 -1.39 -49.38
C LYS H 42 2.71 -0.29 -48.53
N PRO H 43 1.40 -0.33 -48.32
CA PRO H 43 0.75 0.67 -47.48
C PRO H 43 1.11 0.48 -46.01
N PRO H 44 0.98 1.54 -45.21
CA PRO H 44 1.34 1.43 -43.79
C PRO H 44 0.39 0.52 -43.03
N LYS H 45 0.86 0.08 -41.86
CA LYS H 45 0.07 -0.69 -40.91
C LYS H 45 0.15 -0.02 -39.55
N LEU H 46 -1.00 0.18 -38.91
CA LEU H 46 -1.02 0.85 -37.62
C LEU H 46 -0.40 -0.05 -36.57
N LEU H 47 0.68 0.42 -35.94
CA LEU H 47 1.37 -0.31 -34.89
C LEU H 47 0.91 0.11 -33.50
N ILE H 48 0.94 1.41 -33.20
CA ILE H 48 0.59 1.93 -31.90
C ILE H 48 -0.37 3.09 -32.08
N PHE H 49 -1.51 3.03 -31.39
CA PHE H 49 -2.39 4.18 -31.27
C PHE H 49 -2.45 4.63 -29.82
N GLY H 50 -2.90 5.85 -29.61
CA GLY H 50 -2.83 6.45 -28.29
C GLY H 50 -1.43 6.64 -27.76
N ALA H 51 -0.41 6.46 -28.61
CA ALA H 51 1.00 6.65 -28.26
C ALA H 51 1.51 5.56 -27.32
N SER H 52 0.62 4.73 -26.80
CA SER H 52 1.07 3.60 -25.99
C SER H 52 0.28 2.33 -26.23
N SER H 53 -0.95 2.41 -26.74
CA SER H 53 -1.81 1.24 -26.85
C SER H 53 -1.37 0.37 -28.00
N LEU H 54 -0.99 -0.86 -27.71
CA LEU H 54 -0.59 -1.81 -28.74
C LEU H 54 -1.79 -2.18 -29.61
N GLN H 55 -1.60 -2.15 -30.92
CA GLN H 55 -2.67 -2.53 -31.84
C GLN H 55 -2.91 -4.04 -31.76
N SER H 56 -4.15 -4.44 -32.02
CA SER H 56 -4.52 -5.85 -31.97
C SER H 56 -3.73 -6.64 -33.01
N GLY H 57 -3.12 -7.74 -32.57
CA GLY H 57 -2.34 -8.58 -33.44
C GLY H 57 -0.89 -8.20 -33.60
N VAL H 58 -0.49 -7.03 -33.11
CA VAL H 58 0.91 -6.59 -33.22
C VAL H 58 1.70 -7.23 -32.08
N PRO H 59 2.88 -7.80 -32.35
CA PRO H 59 3.63 -8.48 -31.30
C PRO H 59 3.96 -7.55 -30.14
N SER H 60 4.11 -8.15 -28.96
CA SER H 60 4.33 -7.40 -27.73
C SER H 60 5.71 -6.73 -27.67
N ARG H 61 6.59 -6.99 -28.63
CA ARG H 61 7.90 -6.34 -28.60
C ARG H 61 7.81 -4.88 -29.00
N PHE H 62 6.87 -4.54 -29.89
CA PHE H 62 6.64 -3.14 -30.22
C PHE H 62 6.01 -2.42 -29.03
N SER H 63 6.57 -1.27 -28.66
CA SER H 63 6.07 -0.51 -27.53
C SER H 63 6.21 0.98 -27.81
N GLY H 64 5.22 1.74 -27.37
CA GLY H 64 5.25 3.18 -27.54
C GLY H 64 5.25 3.91 -26.21
N SER H 65 5.73 5.15 -26.19
CA SER H 65 5.80 5.91 -24.96
C SER H 65 5.71 7.40 -25.30
N GLY H 66 5.71 8.21 -24.25
CA GLY H 66 5.68 9.65 -24.41
C GLY H 66 4.30 10.23 -24.11
N SER H 67 4.29 11.54 -23.89
CA SER H 67 3.07 12.25 -23.55
C SER H 67 3.27 13.74 -23.79
N GLY H 68 2.39 14.33 -24.61
CA GLY H 68 2.36 15.76 -24.79
C GLY H 68 3.45 16.33 -25.65
N THR H 69 4.68 16.24 -25.17
CA THR H 69 5.81 16.90 -25.81
C THR H 69 6.76 15.92 -26.45
N ASP H 70 7.30 14.97 -25.68
CA ASP H 70 8.30 14.04 -26.17
C ASP H 70 7.67 12.68 -26.38
N PHE H 71 7.87 12.11 -27.57
CA PHE H 71 7.34 10.79 -27.91
C PHE H 71 8.48 9.85 -28.29
N THR H 72 8.22 8.55 -28.19
CA THR H 72 9.25 7.55 -28.38
C THR H 72 8.63 6.24 -28.84
N LEU H 73 9.28 5.57 -29.80
CA LEU H 73 8.89 4.23 -30.24
C LEU H 73 10.06 3.29 -29.98
N THR H 74 9.84 2.29 -29.12
CA THR H 74 10.89 1.36 -28.71
C THR H 74 10.55 -0.04 -29.19
N ILE H 75 11.57 -0.76 -29.67
CA ILE H 75 11.44 -2.14 -30.10
C ILE H 75 12.48 -2.96 -29.33
N SER H 76 12.01 -4.01 -28.65
CA SER H 76 12.86 -4.74 -27.71
C SER H 76 13.74 -5.75 -28.42
N SER H 77 13.14 -6.67 -29.16
CA SER H 77 13.88 -7.77 -29.80
C SER H 77 13.53 -7.77 -31.28
N LEU H 78 14.33 -7.06 -32.08
CA LEU H 78 14.05 -6.91 -33.50
C LEU H 78 14.12 -8.26 -34.22
N GLN H 79 13.25 -8.41 -35.21
CA GLN H 79 13.12 -9.62 -36.00
C GLN H 79 13.34 -9.30 -37.47
N PRO H 80 13.65 -10.32 -38.30
CA PRO H 80 13.93 -10.03 -39.72
C PRO H 80 12.81 -9.33 -40.44
N GLU H 81 11.56 -9.68 -40.17
CA GLU H 81 10.44 -9.00 -40.83
C GLU H 81 10.26 -7.58 -40.31
N ASP H 82 10.90 -7.21 -39.21
CA ASP H 82 10.76 -5.87 -38.66
C ASP H 82 11.60 -4.83 -39.39
N PHE H 83 12.36 -5.23 -40.40
CA PHE H 83 13.07 -4.27 -41.25
C PHE H 83 12.05 -3.49 -42.06
N ALA H 84 11.88 -2.21 -41.74
CA ALA H 84 10.89 -1.38 -42.42
C ALA H 84 11.15 0.09 -42.09
N THR H 85 10.41 0.97 -42.76
CA THR H 85 10.44 2.40 -42.50
C THR H 85 9.25 2.74 -41.62
N TYR H 86 9.49 3.57 -40.61
CA TYR H 86 8.49 3.84 -39.58
C TYR H 86 8.10 5.31 -39.58
N PHE H 87 6.80 5.56 -39.46
CA PHE H 87 6.24 6.91 -39.46
C PHE H 87 5.36 7.10 -38.22
N CYS H 88 5.41 8.31 -37.66
CA CYS H 88 4.53 8.70 -36.57
C CYS H 88 3.51 9.71 -37.06
N GLN H 89 2.35 9.73 -36.42
CA GLN H 89 1.24 10.56 -36.87
C GLN H 89 0.72 11.42 -35.73
N GLN H 90 0.55 12.71 -35.99
CA GLN H 90 -0.17 13.58 -35.08
C GLN H 90 -1.67 13.47 -35.34
N ALA H 91 -2.46 13.40 -34.26
CA ALA H 91 -3.91 13.28 -34.41
C ALA H 91 -4.65 14.17 -33.42
N HIS H 92 -4.04 15.28 -32.98
CA HIS H 92 -4.71 16.16 -32.02
C HIS H 92 -5.71 17.07 -32.72
N SER H 93 -5.33 17.65 -33.85
CA SER H 93 -6.23 18.51 -34.61
C SER H 93 -5.79 18.50 -36.07
N PHE H 94 -6.70 18.94 -36.93
CA PHE H 94 -6.39 19.04 -38.34
C PHE H 94 -5.43 20.20 -38.57
N PRO H 95 -4.54 20.10 -39.57
CA PRO H 95 -4.37 18.96 -40.49
C PRO H 95 -3.54 17.83 -39.88
N LEU H 96 -3.69 16.62 -40.43
CA LEU H 96 -2.91 15.49 -39.95
C LEU H 96 -1.47 15.60 -40.45
N THR H 97 -0.53 15.45 -39.52
CA THR H 97 0.89 15.54 -39.80
C THR H 97 1.55 14.17 -39.66
N PHE H 98 2.58 13.94 -40.45
CA PHE H 98 3.40 12.74 -40.38
C PHE H 98 4.86 13.15 -40.17
N GLY H 99 5.73 12.15 -40.01
CA GLY H 99 7.14 12.38 -39.82
C GLY H 99 7.95 12.18 -41.08
N GLY H 100 9.25 12.40 -40.95
CA GLY H 100 10.16 12.25 -42.06
C GLY H 100 10.58 10.83 -42.37
N GLY H 101 10.14 9.85 -41.58
CA GLY H 101 10.50 8.47 -41.82
C GLY H 101 11.77 8.04 -41.12
N THR H 102 11.73 6.88 -40.46
CA THR H 102 12.88 6.33 -39.77
C THR H 102 13.03 4.88 -40.24
N LYS H 103 13.97 4.64 -41.14
CA LYS H 103 14.17 3.32 -41.73
C LYS H 103 15.20 2.53 -40.94
N VAL H 104 14.97 1.22 -40.84
CA VAL H 104 15.88 0.30 -40.18
C VAL H 104 16.55 -0.54 -41.25
N GLU H 105 17.88 -0.45 -41.33
CA GLU H 105 18.65 -1.17 -42.32
C GLU H 105 19.35 -2.37 -41.67
N ILE H 106 20.09 -3.12 -42.48
CA ILE H 106 20.78 -4.32 -42.04
C ILE H 106 22.21 -3.98 -41.69
N LYS H 107 22.66 -4.45 -40.52
CA LYS H 107 24.03 -4.22 -40.09
C LYS H 107 24.81 -5.52 -40.04
N GLN I 1 23.24 33.86 8.58
CA GLN I 1 23.08 34.42 7.25
C GLN I 1 21.92 35.41 7.20
N VAL I 2 20.70 34.89 7.21
CA VAL I 2 19.51 35.72 7.09
C VAL I 2 19.14 36.27 8.46
N GLN I 3 18.91 37.57 8.53
CA GLN I 3 18.52 38.24 9.77
C GLN I 3 18.09 39.66 9.46
N LEU I 4 17.42 40.29 10.42
CA LEU I 4 16.91 41.64 10.30
C LEU I 4 17.50 42.49 11.42
N VAL I 5 18.08 43.63 11.05
CA VAL I 5 18.74 44.53 12.00
C VAL I 5 17.82 45.73 12.24
N GLU I 6 17.61 46.05 13.51
CA GLU I 6 16.76 47.16 13.90
C GLU I 6 17.60 48.32 14.43
N SER I 7 17.03 49.51 14.38
CA SER I 7 17.68 50.72 14.87
C SER I 7 16.65 51.83 14.98
N GLY I 8 16.94 52.81 15.82
CA GLY I 8 16.10 53.98 16.02
C GLY I 8 15.58 54.16 17.44
N GLY I 9 15.58 53.11 18.25
CA GLY I 9 15.08 53.20 19.60
C GLY I 9 15.87 54.12 20.50
N GLY I 10 15.19 55.10 21.10
CA GLY I 10 15.86 56.01 22.01
C GLY I 10 14.86 56.63 22.96
N VAL I 11 15.38 57.45 23.87
CA VAL I 11 14.55 58.12 24.87
C VAL I 11 13.95 59.37 24.25
N VAL I 12 12.63 59.51 24.33
CA VAL I 12 11.90 60.60 23.71
C VAL I 12 10.81 61.06 24.66
N GLN I 13 10.28 62.29 24.40
CA GLN I 13 9.23 62.94 25.17
C GLN I 13 7.88 62.82 24.47
N PRO I 14 6.79 62.83 25.23
CA PRO I 14 5.46 62.68 24.61
C PRO I 14 5.13 63.86 23.72
N GLY I 15 4.45 63.56 22.60
CA GLY I 15 4.04 64.55 21.64
C GLY I 15 4.96 64.70 20.44
N ARG I 16 6.22 64.29 20.57
CA ARG I 16 7.18 64.43 19.48
C ARG I 16 7.21 63.17 18.62
N SER I 17 8.23 63.04 17.79
CA SER I 17 8.29 62.01 16.77
C SER I 17 9.60 61.24 16.86
N LEU I 18 9.60 60.06 16.23
CA LEU I 18 10.80 59.25 16.05
C LEU I 18 10.65 58.47 14.76
N ARG I 19 11.76 57.88 14.32
CA ARG I 19 11.74 56.95 13.20
C ARG I 19 12.66 55.78 13.51
N LEU I 20 12.11 54.58 13.42
CA LEU I 20 12.89 53.35 13.54
C LEU I 20 13.05 52.71 12.17
N SER I 21 14.09 51.88 12.04
CA SER I 21 14.44 51.28 10.76
C SER I 21 14.79 49.81 10.96
N CYS I 22 14.51 49.01 9.95
CA CYS I 22 14.79 47.58 9.96
C CYS I 22 15.42 47.19 8.63
N ALA I 23 16.73 46.96 8.63
CA ALA I 23 17.46 46.60 7.42
C ALA I 23 17.49 45.09 7.26
N ALA I 24 17.06 44.61 6.10
CA ALA I 24 17.00 43.19 5.84
C ALA I 24 18.32 42.68 5.28
N SER I 25 18.57 41.38 5.46
CA SER I 25 19.80 40.77 4.99
C SER I 25 19.58 39.28 4.78
N GLY I 26 19.88 38.80 3.58
CA GLY I 26 19.88 37.38 3.30
C GLY I 26 18.63 36.81 2.67
N PHE I 27 17.70 37.65 2.23
CA PHE I 27 16.47 37.17 1.60
C PHE I 27 15.92 38.26 0.70
N PRO I 28 15.05 37.90 -0.26
CA PRO I 28 14.47 38.93 -1.14
C PRO I 28 13.45 39.81 -0.46
N PHE I 29 13.93 40.87 0.20
CA PHE I 29 13.07 41.73 1.01
C PHE I 29 11.93 42.31 0.20
N SER I 30 12.22 42.83 -0.99
CA SER I 30 11.19 43.46 -1.82
C SER I 30 10.10 42.48 -2.25
N SER I 31 10.30 41.18 -2.08
CA SER I 31 9.27 40.21 -2.43
C SER I 31 8.26 40.02 -1.30
N TYR I 32 8.70 40.19 -0.05
CA TYR I 32 7.86 39.97 1.12
C TYR I 32 7.15 41.24 1.53
N GLY I 33 5.94 41.07 2.06
CA GLY I 33 5.38 42.07 2.96
C GLY I 33 6.04 42.00 4.32
N MET I 34 5.94 43.08 5.08
CA MET I 34 6.64 43.16 6.36
C MET I 34 5.73 43.72 7.43
N HIS I 35 6.05 43.39 8.68
CA HIS I 35 5.27 43.80 9.83
C HIS I 35 6.15 44.44 10.89
N TRP I 36 5.57 45.38 11.63
CA TRP I 36 6.13 45.87 12.88
C TRP I 36 5.24 45.38 14.02
N VAL I 37 5.85 44.72 14.99
CA VAL I 37 5.13 44.20 16.16
C VAL I 37 5.82 44.72 17.41
N ARG I 38 5.05 45.32 18.31
CA ARG I 38 5.59 45.93 19.52
C ARG I 38 5.20 45.10 20.74
N GLN I 39 6.18 44.79 21.57
CA GLN I 39 5.95 44.14 22.87
C GLN I 39 5.94 45.25 23.92
N ALA I 40 4.75 45.71 24.28
CA ALA I 40 4.59 46.67 25.35
C ALA I 40 5.26 46.12 26.61
N PRO I 41 6.20 46.85 27.22
CA PRO I 41 7.02 46.27 28.29
C PRO I 41 6.19 45.93 29.53
N GLY I 42 6.05 44.64 29.79
CA GLY I 42 5.18 44.16 30.85
C GLY I 42 4.06 43.31 30.30
N LYS I 43 3.54 43.70 29.15
CA LYS I 43 2.50 42.96 28.45
C LYS I 43 3.14 42.06 27.38
N GLY I 44 2.30 41.47 26.54
CA GLY I 44 2.75 40.61 25.47
C GLY I 44 3.02 41.36 24.18
N LEU I 45 2.97 40.62 23.08
CA LEU I 45 3.18 41.19 21.76
C LEU I 45 1.94 41.91 21.28
N GLU I 46 2.13 43.03 20.57
CA GLU I 46 1.04 43.81 20.01
C GLU I 46 1.41 44.20 18.59
N TRP I 47 0.62 43.74 17.62
CA TRP I 47 0.83 44.10 16.23
C TRP I 47 0.39 45.55 16.01
N VAL I 48 1.26 46.35 15.37
CA VAL I 48 1.03 47.77 15.19
C VAL I 48 0.92 48.15 13.72
N ALA I 49 1.82 47.64 12.88
CA ALA I 49 1.88 48.07 11.49
C ALA I 49 2.29 46.91 10.58
N GLY I 50 1.85 46.99 9.33
CA GLY I 50 2.16 46.00 8.32
C GLY I 50 1.95 46.52 6.92
N VAL I 51 2.90 46.26 6.01
CA VAL I 51 2.87 46.81 4.66
C VAL I 51 3.01 45.69 3.65
N SER I 52 2.46 45.90 2.46
CA SER I 52 2.56 44.93 1.38
C SER I 52 3.93 45.01 0.70
N TYR I 53 4.15 44.11 -0.26
CA TYR I 53 5.46 44.02 -0.90
C TYR I 53 5.76 45.26 -1.72
N ASP I 54 4.77 45.78 -2.44
CA ASP I 54 5.00 46.96 -3.28
C ASP I 54 5.00 48.24 -2.48
N GLY I 55 4.18 48.31 -1.44
CA GLY I 55 4.01 49.52 -0.67
C GLY I 55 2.75 50.30 -0.98
N SER I 56 1.83 49.72 -1.75
CA SER I 56 0.59 50.40 -2.08
C SER I 56 -0.48 50.17 -1.03
N TYR I 57 -0.53 48.98 -0.45
CA TYR I 57 -1.53 48.61 0.55
C TYR I 57 -0.85 48.51 1.91
N LYS I 58 -1.25 49.39 2.83
CA LYS I 58 -0.65 49.48 4.15
C LYS I 58 -1.72 49.23 5.21
N TYR I 59 -1.39 48.42 6.21
CA TYR I 59 -2.33 48.02 7.24
C TYR I 59 -1.82 48.50 8.60
N TYR I 60 -2.69 49.14 9.36
CA TYR I 60 -2.34 49.71 10.65
C TYR I 60 -3.29 49.20 11.72
N ALA I 61 -2.81 49.23 12.97
CA ALA I 61 -3.66 48.92 14.10
C ALA I 61 -4.51 50.12 14.47
N ASP I 62 -5.67 49.85 15.08
CA ASP I 62 -6.63 50.91 15.41
C ASP I 62 -6.05 51.94 16.38
N SER I 63 -5.01 51.58 17.14
CA SER I 63 -4.46 52.52 18.11
C SER I 63 -3.61 53.59 17.45
N VAL I 64 -3.04 53.32 16.28
CA VAL I 64 -2.07 54.20 15.66
C VAL I 64 -2.52 54.73 14.30
N LYS I 65 -3.78 54.48 13.93
CA LYS I 65 -4.26 54.92 12.64
C LYS I 65 -4.27 56.44 12.55
N GLY I 66 -3.63 56.97 11.50
CA GLY I 66 -3.47 58.41 11.37
C GLY I 66 -2.46 59.01 12.31
N ARG I 67 -1.68 58.19 13.00
CA ARG I 67 -0.66 58.66 13.93
C ARG I 67 0.73 58.16 13.59
N PHE I 68 0.86 56.91 13.16
CA PHE I 68 2.11 56.35 12.66
C PHE I 68 2.02 56.18 11.15
N THR I 69 3.18 55.99 10.53
CA THR I 69 3.24 55.80 9.08
C THR I 69 4.37 54.84 8.76
N ILE I 70 4.04 53.74 8.08
CA ILE I 70 5.02 52.75 7.66
C ILE I 70 5.39 53.02 6.21
N SER I 71 6.60 52.59 5.84
CA SER I 71 7.07 52.69 4.47
C SER I 71 8.22 51.70 4.30
N ARG I 72 8.73 51.60 3.08
CA ARG I 72 9.81 50.68 2.79
C ARG I 72 10.57 51.15 1.56
N ASP I 73 11.86 50.82 1.52
CA ASP I 73 12.75 51.20 0.43
C ASP I 73 13.28 49.95 -0.25
N SER I 74 13.18 49.92 -1.58
CA SER I 74 13.72 48.78 -2.33
C SER I 74 15.20 48.98 -2.63
N SER I 75 15.63 50.22 -2.91
CA SER I 75 17.02 50.48 -3.21
C SER I 75 17.91 50.21 -2.00
N LYS I 76 17.42 50.50 -0.80
CA LYS I 76 18.17 50.26 0.43
C LYS I 76 17.78 48.97 1.13
N SER I 77 16.64 48.37 0.76
CA SER I 77 16.14 47.16 1.40
C SER I 77 15.95 47.38 2.90
N THR I 78 15.22 48.44 3.24
CA THR I 78 15.05 48.86 4.63
C THR I 78 13.58 49.18 4.89
N LEU I 79 13.15 48.91 6.11
CA LEU I 79 11.76 49.10 6.54
C LEU I 79 11.70 50.27 7.52
N TYR I 80 10.92 51.28 7.19
CA TYR I 80 10.83 52.50 7.99
C TYR I 80 9.54 52.52 8.79
N LEU I 81 9.65 52.87 10.07
CA LEU I 81 8.50 53.04 10.96
C LEU I 81 8.53 54.47 11.47
N GLN I 82 7.88 55.38 10.74
CA GLN I 82 7.84 56.78 11.10
C GLN I 82 6.73 57.01 12.11
N MET I 83 7.10 57.37 13.33
CA MET I 83 6.16 57.58 14.42
C MET I 83 5.94 59.07 14.63
N ASN I 84 4.68 59.50 14.60
CA ASN I 84 4.29 60.85 14.94
C ASN I 84 3.37 60.84 16.15
N SER I 85 3.29 61.98 16.82
CA SER I 85 2.37 62.20 17.95
C SER I 85 2.53 61.10 19.01
N LEU I 86 3.77 60.89 19.43
CA LEU I 86 4.08 59.86 20.42
C LEU I 86 3.42 60.18 21.77
N ARG I 87 3.31 59.15 22.59
CA ARG I 87 2.82 59.28 23.96
C ARG I 87 3.22 58.03 24.73
N PRO I 88 3.25 58.09 26.06
CA PRO I 88 3.72 56.92 26.84
C PRO I 88 2.95 55.64 26.59
N GLU I 89 1.76 55.70 25.98
CA GLU I 89 1.09 54.47 25.57
C GLU I 89 1.88 53.73 24.51
N ASP I 90 2.63 54.46 23.68
CA ASP I 90 3.43 53.86 22.62
C ASP I 90 4.78 53.36 23.10
N THR I 91 5.09 53.51 24.39
CA THR I 91 6.32 52.94 24.94
C THR I 91 6.29 51.42 24.79
N ALA I 92 7.27 50.88 24.06
CA ALA I 92 7.31 49.45 23.81
C ALA I 92 8.68 49.07 23.26
N VAL I 93 8.97 47.77 23.33
CA VAL I 93 10.13 47.19 22.67
C VAL I 93 9.69 46.80 21.26
N TYR I 94 10.20 47.51 20.26
CA TYR I 94 9.71 47.37 18.90
C TYR I 94 10.44 46.24 18.18
N TYR I 95 9.69 45.46 17.41
CA TYR I 95 10.23 44.35 16.64
C TYR I 95 9.78 44.48 15.20
N CYS I 96 10.70 44.33 14.26
CA CYS I 96 10.36 44.18 12.85
C CYS I 96 10.30 42.70 12.52
N ALA I 97 9.18 42.24 11.97
CA ALA I 97 8.94 40.84 11.78
C ALA I 97 8.55 40.55 10.33
N ARG I 98 8.95 39.37 9.86
CA ARG I 98 8.74 38.97 8.47
C ARG I 98 7.69 37.88 8.41
N PRO I 99 6.52 38.13 7.84
CA PRO I 99 5.51 37.07 7.70
C PRO I 99 6.03 35.92 6.85
N SER I 100 5.66 34.70 7.25
CA SER I 100 6.20 33.50 6.62
C SER I 100 5.73 33.37 5.18
N ALA I 101 6.55 32.73 4.38
CA ALA I 101 6.21 32.41 2.99
C ALA I 101 5.62 31.01 2.93
N ILE I 102 4.60 30.85 2.09
CA ILE I 102 3.93 29.57 1.94
C ILE I 102 4.22 29.05 0.53
N PHE I 103 3.69 27.87 0.21
CA PHE I 103 4.17 27.01 -0.88
C PHE I 103 4.73 27.80 -2.07
N GLY I 104 3.88 28.61 -2.70
CA GLY I 104 4.30 29.38 -3.85
C GLY I 104 4.50 30.86 -3.62
N ILE I 105 3.61 31.46 -2.83
CA ILE I 105 3.49 32.90 -2.75
C ILE I 105 3.97 33.42 -1.41
N TYR I 106 4.23 34.73 -1.38
CA TYR I 106 4.76 35.41 -0.21
C TYR I 106 3.65 36.22 0.44
N ILE I 107 2.77 35.51 1.15
CA ILE I 107 1.59 36.16 1.72
C ILE I 107 1.98 37.11 2.84
N ILE I 108 1.23 38.21 2.95
CA ILE I 108 1.42 39.16 4.03
C ILE I 108 0.75 38.69 5.32
N LEU I 109 -0.23 37.81 5.23
CA LEU I 109 -1.09 37.42 6.35
C LEU I 109 -0.78 35.99 6.74
N ASN I 110 0.15 35.82 7.67
CA ASN I 110 0.58 34.50 8.12
C ASN I 110 1.39 34.70 9.40
N GLY I 111 1.99 33.61 9.90
CA GLY I 111 2.94 33.72 10.99
C GLY I 111 4.22 34.41 10.54
N LEU I 112 4.97 34.88 11.52
CA LEU I 112 6.13 35.74 11.28
C LEU I 112 7.40 34.94 11.48
N ASP I 113 8.17 34.76 10.39
CA ASP I 113 9.34 33.88 10.44
C ASP I 113 10.48 34.50 11.24
N VAL I 114 11.00 35.63 10.79
CA VAL I 114 12.24 36.19 11.30
C VAL I 114 11.94 37.51 12.02
N TRP I 115 12.59 37.70 13.16
CA TRP I 115 12.45 38.90 13.97
C TRP I 115 13.80 39.59 14.11
N GLY I 116 13.75 40.87 14.47
CA GLY I 116 14.94 41.61 14.79
C GLY I 116 15.35 41.38 16.24
N GLN I 117 16.47 42.02 16.62
CA GLN I 117 16.96 41.87 17.98
C GLN I 117 16.03 42.52 18.99
N GLY I 118 15.26 43.53 18.56
CA GLY I 118 14.38 44.24 19.46
C GLY I 118 15.00 45.53 19.96
N THR I 119 14.52 46.67 19.46
CA THR I 119 15.01 47.97 19.86
C THR I 119 13.94 48.66 20.71
N THR I 120 14.34 49.13 21.88
CA THR I 120 13.42 49.64 22.89
C THR I 120 13.10 51.10 22.64
N VAL I 121 11.83 51.47 22.78
CA VAL I 121 11.36 52.84 22.64
C VAL I 121 10.77 53.26 23.98
N THR I 122 11.45 54.18 24.66
CA THR I 122 11.02 54.67 25.97
C THR I 122 10.47 56.08 25.83
N VAL I 123 9.28 56.31 26.37
CA VAL I 123 8.62 57.61 26.34
C VAL I 123 8.34 58.04 27.77
N SER I 124 9.12 59.00 28.27
CA SER I 124 8.94 59.49 29.63
C SER I 124 7.86 60.57 29.67
N GLU J 1 -13.04 43.07 15.99
CA GLU J 1 -11.78 42.33 15.96
C GLU J 1 -12.00 40.87 16.32
N ILE J 2 -10.89 40.13 16.42
CA ILE J 2 -10.88 38.74 16.85
C ILE J 2 -10.05 38.68 18.13
N VAL J 3 -10.64 38.17 19.21
CA VAL J 3 -10.01 38.15 20.52
C VAL J 3 -9.48 36.75 20.81
N LEU J 4 -8.20 36.68 21.18
CA LEU J 4 -7.56 35.43 21.54
C LEU J 4 -7.53 35.28 23.06
N THR J 5 -7.83 34.07 23.53
CA THR J 5 -7.86 33.78 24.97
C THR J 5 -7.00 32.55 25.23
N GLN J 6 -5.82 32.76 25.81
CA GLN J 6 -4.90 31.68 26.12
C GLN J 6 -5.20 31.14 27.53
N SER J 7 -5.35 29.81 27.62
CA SER J 7 -5.63 29.16 28.88
C SER J 7 -4.67 27.96 29.05
N PRO J 8 -4.02 27.82 30.20
CA PRO J 8 -4.08 28.77 31.32
C PRO J 8 -3.15 29.96 31.12
N SER J 9 -3.25 30.95 32.01
CA SER J 9 -2.39 32.13 31.89
C SER J 9 -0.94 31.80 32.25
N SER J 10 -0.73 30.78 33.08
CA SER J 10 0.60 30.34 33.45
C SER J 10 0.50 28.93 34.00
N VAL J 11 1.64 28.25 34.08
CA VAL J 11 1.68 26.88 34.54
C VAL J 11 3.11 26.55 34.98
N SER J 12 3.22 25.76 36.04
CA SER J 12 4.50 25.24 36.52
C SER J 12 4.52 23.73 36.32
N ALA J 13 5.67 23.21 35.90
CA ALA J 13 5.80 21.79 35.62
C ALA J 13 7.26 21.39 35.67
N SER J 14 7.49 20.11 35.91
CA SER J 14 8.82 19.54 35.91
C SER J 14 9.18 19.03 34.52
N VAL J 15 10.46 18.75 34.31
CA VAL J 15 10.94 18.29 33.01
C VAL J 15 10.37 16.90 32.73
N GLY J 16 9.73 16.75 31.58
CA GLY J 16 9.13 15.48 31.19
C GLY J 16 7.62 15.44 31.28
N ASP J 17 6.97 16.54 31.62
CA ASP J 17 5.53 16.58 31.77
C ASP J 17 4.84 16.82 30.44
N ARG J 18 3.60 16.33 30.33
CA ARG J 18 2.79 16.51 29.13
C ARG J 18 2.03 17.84 29.28
N VAL J 19 2.56 18.89 28.66
CA VAL J 19 2.05 20.24 28.81
C VAL J 19 1.00 20.51 27.76
N THR J 20 -0.11 21.13 28.17
CA THR J 20 -1.22 21.45 27.28
C THR J 20 -1.55 22.93 27.39
N ILE J 21 -1.64 23.61 26.25
CA ILE J 21 -1.98 25.03 26.18
C ILE J 21 -3.05 25.19 25.11
N THR J 22 -3.96 26.14 25.32
CA THR J 22 -5.05 26.41 24.40
C THR J 22 -5.04 27.86 23.93
N CYS J 23 -5.32 28.07 22.65
CA CYS J 23 -5.61 29.38 22.09
C CYS J 23 -7.07 29.34 21.61
N ARG J 24 -7.78 30.45 21.84
CA ARG J 24 -9.25 30.41 21.76
C ARG J 24 -9.74 31.75 21.24
N ALA J 25 -10.37 31.75 20.06
CA ALA J 25 -10.80 32.96 19.39
C ALA J 25 -12.31 32.94 19.14
N THR J 26 -12.78 33.92 18.37
CA THR J 26 -14.21 34.11 18.11
C THR J 26 -14.63 33.73 16.71
N GLN J 27 -13.98 34.27 15.68
CA GLN J 27 -14.37 34.01 14.31
C GLN J 27 -13.81 32.67 13.82
N GLY J 28 -14.29 32.24 12.66
CA GLY J 28 -13.70 31.13 11.95
C GLY J 28 -12.36 31.53 11.35
N ILE J 29 -11.28 31.03 11.94
CA ILE J 29 -9.92 31.39 11.56
C ILE J 29 -9.21 30.10 11.17
N SER J 30 -9.94 29.20 10.51
CA SER J 30 -9.74 27.76 10.54
C SER J 30 -8.32 27.29 10.81
N SER J 31 -7.36 27.69 9.96
CA SER J 31 -6.01 27.13 10.05
C SER J 31 -4.94 28.19 10.31
N TRP J 32 -5.31 29.43 10.57
CA TRP J 32 -4.36 30.53 10.61
C TRP J 32 -4.00 30.87 12.06
N LEU J 33 -3.22 29.97 12.65
CA LEU J 33 -2.69 30.16 13.99
C LEU J 33 -1.18 29.97 13.97
N ALA J 34 -0.46 30.77 14.74
CA ALA J 34 0.99 30.72 14.82
C ALA J 34 1.42 30.76 16.28
N TRP J 35 2.12 29.72 16.72
CA TRP J 35 2.62 29.64 18.09
C TRP J 35 4.07 30.11 18.13
N TYR J 36 4.38 30.92 19.14
CA TYR J 36 5.71 31.51 19.28
C TYR J 36 6.31 31.18 20.64
N GLN J 37 7.60 30.90 20.65
CA GLN J 37 8.37 30.75 21.88
C GLN J 37 9.04 32.09 22.21
N GLN J 38 9.13 32.42 23.50
CA GLN J 38 9.71 33.68 23.91
C GLN J 38 10.46 33.52 25.22
N LYS J 39 11.76 33.85 25.21
CA LYS J 39 12.59 33.99 26.39
C LYS J 39 12.67 35.45 26.80
N PRO J 40 12.79 35.74 28.10
CA PRO J 40 12.75 37.14 28.56
C PRO J 40 13.83 37.98 27.91
N GLY J 41 13.41 39.09 27.31
CA GLY J 41 14.31 40.00 26.63
C GLY J 41 14.70 39.60 25.23
N LYS J 42 14.12 38.52 24.70
CA LYS J 42 14.47 38.01 23.39
C LYS J 42 13.27 38.08 22.44
N PRO J 43 13.52 38.19 21.13
CA PRO J 43 12.40 38.18 20.19
C PRO J 43 11.82 36.78 20.06
N PRO J 44 10.56 36.67 19.63
CA PRO J 44 9.94 35.34 19.49
C PRO J 44 10.58 34.53 18.39
N LYS J 45 10.26 33.24 18.39
CA LYS J 45 10.67 32.31 17.34
C LYS J 45 9.45 31.50 16.93
N LEU J 46 9.11 31.54 15.65
CA LEU J 46 7.93 30.84 15.16
C LEU J 46 8.08 29.34 15.37
N LEU J 47 7.14 28.76 16.12
CA LEU J 47 7.15 27.33 16.42
C LEU J 47 6.24 26.55 15.49
N ILE J 48 4.97 26.94 15.38
CA ILE J 48 3.97 26.22 14.61
C ILE J 48 3.20 27.20 13.74
N PHE J 49 3.33 27.07 12.42
CA PHE J 49 2.47 27.79 11.49
C PHE J 49 1.43 26.84 10.93
N GLY J 50 0.33 27.42 10.44
CA GLY J 50 -0.77 26.60 10.00
C GLY J 50 -1.50 25.86 11.10
N ALA J 51 -1.15 26.12 12.37
CA ALA J 51 -1.79 25.58 13.56
C ALA J 51 -1.44 24.11 13.80
N SER J 52 -0.72 23.49 12.85
CA SER J 52 -0.15 22.17 13.07
C SER J 52 1.19 21.94 12.39
N SER J 53 1.54 22.69 11.36
CA SER J 53 2.77 22.45 10.62
C SER J 53 3.98 22.82 11.47
N LEU J 54 4.83 21.85 11.73
CA LEU J 54 6.03 22.07 12.53
C LEU J 54 7.04 22.90 11.74
N GLN J 55 7.59 23.92 12.38
CA GLN J 55 8.57 24.78 11.73
C GLN J 55 9.88 24.03 11.51
N SER J 56 10.59 24.41 10.46
CA SER J 56 11.86 23.75 10.11
C SER J 56 12.88 23.95 11.22
N GLY J 57 13.42 22.86 11.74
CA GLY J 57 14.39 22.89 12.81
C GLY J 57 13.82 22.75 14.20
N VAL J 58 12.53 23.02 14.39
CA VAL J 58 11.91 22.89 15.70
C VAL J 58 11.76 21.42 16.05
N PRO J 59 12.11 20.99 17.26
CA PRO J 59 12.01 19.56 17.61
C PRO J 59 10.59 19.04 17.45
N SER J 60 10.49 17.73 17.16
CA SER J 60 9.20 17.09 16.91
C SER J 60 8.32 17.02 18.16
N ARG J 61 8.86 17.29 19.34
CA ARG J 61 8.03 17.26 20.54
C ARG J 61 7.02 18.40 20.57
N PHE J 62 7.33 19.53 19.93
CA PHE J 62 6.36 20.61 19.81
C PHE J 62 5.30 20.23 18.79
N SER J 63 4.04 20.28 19.20
CA SER J 63 2.93 19.88 18.34
C SER J 63 1.76 20.84 18.54
N GLY J 64 1.15 21.24 17.43
CA GLY J 64 -0.03 22.08 17.48
C GLY J 64 -1.25 21.38 16.93
N SER J 65 -2.44 21.79 17.36
CA SER J 65 -3.68 21.18 16.90
C SER J 65 -4.79 22.22 16.95
N GLY J 66 -6.00 21.79 16.59
CA GLY J 66 -7.15 22.66 16.56
C GLY J 66 -7.48 23.12 15.15
N SER J 67 -8.73 23.52 14.97
CA SER J 67 -9.21 23.92 13.64
C SER J 67 -10.46 24.76 13.80
N GLY J 68 -10.40 26.02 13.38
CA GLY J 68 -11.57 26.88 13.35
C GLY J 68 -11.90 27.56 14.66
N THR J 69 -12.28 26.78 15.67
CA THR J 69 -12.80 27.32 16.92
C THR J 69 -11.88 27.06 18.10
N ASP J 70 -11.52 25.80 18.36
CA ASP J 70 -10.74 25.41 19.52
C ASP J 70 -9.34 25.01 19.07
N PHE J 71 -8.33 25.76 19.52
CA PHE J 71 -6.95 25.48 19.21
C PHE J 71 -6.21 24.98 20.45
N THR J 72 -5.07 24.34 20.21
CA THR J 72 -4.31 23.70 21.29
C THR J 72 -2.85 23.61 20.90
N LEU J 73 -1.96 23.86 21.87
CA LEU J 73 -0.53 23.66 21.72
C LEU J 73 -0.08 22.62 22.74
N THR J 74 0.45 21.50 22.25
CA THR J 74 0.86 20.39 23.08
C THR J 74 2.37 20.19 23.00
N ILE J 75 2.98 19.93 24.14
CA ILE J 75 4.41 19.61 24.24
C ILE J 75 4.55 18.30 24.98
N SER J 76 5.17 17.31 24.32
CA SER J 76 5.19 15.96 24.87
C SER J 76 6.19 15.84 26.02
N SER J 77 7.47 16.08 25.73
CA SER J 77 8.54 15.89 26.71
C SER J 77 9.29 17.21 26.87
N LEU J 78 8.93 17.96 27.91
CA LEU J 78 9.53 19.27 28.13
C LEU J 78 11.01 19.14 28.46
N GLN J 79 11.79 20.11 28.02
CA GLN J 79 13.23 20.18 28.20
C GLN J 79 13.61 21.46 28.92
N PRO J 80 14.79 21.52 29.55
CA PRO J 80 15.16 22.72 30.32
C PRO J 80 15.19 24.00 29.50
N GLU J 81 15.54 23.94 28.21
CA GLU J 81 15.55 25.14 27.40
C GLU J 81 14.16 25.57 26.99
N ASP J 82 13.13 24.74 27.21
CA ASP J 82 11.77 25.05 26.80
C ASP J 82 11.05 25.96 27.79
N PHE J 83 11.68 26.33 28.91
CA PHE J 83 11.08 27.25 29.85
C PHE J 83 10.94 28.62 29.20
N ALA J 84 9.72 28.99 28.82
CA ALA J 84 9.52 30.20 28.03
C ALA J 84 8.04 30.59 28.07
N THR J 85 7.76 31.78 27.58
CA THR J 85 6.41 32.30 27.46
C THR J 85 5.93 32.12 26.02
N TYR J 86 4.71 31.60 25.86
CA TYR J 86 4.23 31.16 24.56
C TYR J 86 3.04 32.01 24.12
N PHE J 87 3.09 32.47 22.87
CA PHE J 87 2.09 33.36 22.31
C PHE J 87 1.52 32.76 21.03
N CYS J 88 0.20 32.78 20.89
CA CYS J 88 -0.46 32.38 19.66
C CYS J 88 -0.84 33.61 18.84
N GLN J 89 -0.95 33.43 17.53
CA GLN J 89 -1.20 34.53 16.61
C GLN J 89 -2.34 34.17 15.68
N GLN J 90 -3.36 35.03 15.63
CA GLN J 90 -4.39 34.94 14.61
C GLN J 90 -3.86 35.49 13.29
N ALA J 91 -4.19 34.81 12.19
CA ALA J 91 -3.71 35.25 10.88
C ALA J 91 -4.79 35.16 9.81
N HIS J 92 -6.07 35.14 10.18
CA HIS J 92 -7.13 35.06 9.19
C HIS J 92 -7.28 36.38 8.43
N SER J 93 -7.50 37.47 9.16
CA SER J 93 -7.68 38.77 8.53
C SER J 93 -7.20 39.86 9.48
N PHE J 94 -6.76 40.97 8.90
CA PHE J 94 -6.28 42.10 9.67
C PHE J 94 -7.38 42.60 10.61
N PRO J 95 -7.01 43.11 11.80
CA PRO J 95 -5.63 43.22 12.32
C PRO J 95 -5.13 41.93 12.98
N LEU J 96 -3.81 41.77 13.05
CA LEU J 96 -3.22 40.59 13.67
C LEU J 96 -3.40 40.63 15.18
N THR J 97 -3.97 39.58 15.73
CA THR J 97 -4.17 39.45 17.16
C THR J 97 -3.13 38.52 17.78
N PHE J 98 -2.83 38.76 19.05
CA PHE J 98 -1.95 37.90 19.83
C PHE J 98 -2.62 37.60 21.17
N GLY J 99 -2.10 36.58 21.85
CA GLY J 99 -2.66 36.15 23.11
C GLY J 99 -2.05 36.85 24.31
N GLY J 100 -2.58 36.52 25.49
CA GLY J 100 -2.12 37.12 26.72
C GLY J 100 -0.86 36.51 27.30
N GLY J 101 -0.35 35.43 26.72
CA GLY J 101 0.88 34.83 27.18
C GLY J 101 0.68 33.66 28.12
N THR J 102 1.35 32.55 27.85
CA THR J 102 1.30 31.35 28.68
C THR J 102 2.73 30.95 29.02
N LYS J 103 3.17 31.28 30.24
CA LYS J 103 4.52 31.01 30.68
C LYS J 103 4.62 29.63 31.33
N VAL J 104 5.82 29.05 31.29
CA VAL J 104 6.09 27.76 31.91
C VAL J 104 7.20 27.98 32.93
N GLU J 105 6.85 27.97 34.21
CA GLU J 105 7.81 28.16 35.28
C GLU J 105 8.43 26.82 35.68
N ILE J 106 9.17 26.81 36.78
CA ILE J 106 9.83 25.61 37.28
C ILE J 106 9.05 25.06 38.46
N LYS J 107 8.94 23.74 38.53
CA LYS J 107 8.26 23.10 39.64
C LYS J 107 9.19 22.12 40.37
C1 NAG K . -12.23 1.95 21.65
C2 NAG K . -11.58 1.62 23.00
C3 NAG K . -12.14 2.51 24.11
C4 NAG K . -12.04 3.98 23.72
C5 NAG K . -12.72 4.21 22.38
C6 NAG K . -12.57 5.63 21.88
C7 NAG K . -10.75 -0.68 23.27
C8 NAG K . -11.10 -2.08 23.66
N2 NAG K . -11.74 0.22 23.34
O3 NAG K . -11.43 2.27 25.33
O4 NAG K . -12.66 4.79 24.71
O5 NAG K . -12.12 3.36 21.39
O6 NAG K . -13.30 5.84 20.68
O7 NAG K . -9.63 -0.37 22.89
C1 NAG K . -13.02 5.89 25.46
C2 NAG K . -14.32 6.20 26.21
C3 NAG K . -14.34 7.66 26.65
C4 NAG K . -13.08 7.98 27.46
C5 NAG K . -11.84 7.61 26.66
C6 NAG K . -10.56 7.80 27.44
C7 NAG K . -15.96 4.68 25.18
C8 NAG K . -17.16 4.56 24.29
N2 NAG K . -15.48 5.91 25.37
O3 NAG K . -15.50 7.89 27.45
O4 NAG K . -13.05 9.37 27.76
O5 NAG K . -11.90 6.22 26.30
O6 NAG K . -9.42 7.51 26.64
O7 NAG K . -15.44 3.69 25.71
C1 NAG L . -14.13 -15.90 -12.22
C2 NAG L . -14.44 -17.37 -11.97
C3 NAG L . -15.52 -17.85 -12.93
C4 NAG L . -16.76 -16.97 -12.81
C5 NAG L . -16.38 -15.51 -13.04
C6 NAG L . -17.54 -14.57 -12.81
C7 NAG L . -12.79 -18.98 -11.11
C8 NAG L . -11.55 -19.76 -11.41
N2 NAG L . -13.24 -18.18 -12.09
O3 NAG L . -15.84 -19.21 -12.64
O4 NAG L . -17.74 -17.37 -13.77
O5 NAG L . -15.35 -15.12 -12.12
O6 NAG L . -17.13 -13.21 -12.89
O7 NAG L . -13.36 -19.05 -10.03
C1 NAG L . -19.04 -17.51 -14.19
C2 NAG L . -19.47 -17.73 -15.65
C3 NAG L . -20.97 -17.55 -15.80
C4 NAG L . -21.72 -18.43 -14.79
C5 NAG L . -21.20 -18.17 -13.38
C6 NAG L . -21.82 -19.08 -12.34
C7 NAG L . -17.51 -17.04 -16.96
C8 NAG L . -16.93 -16.00 -17.88
N2 NAG L . -18.76 -16.83 -16.55
O3 NAG L . -21.36 -17.88 -17.12
O4 NAG L . -23.11 -18.17 -14.86
O5 NAG L . -19.79 -18.37 -13.34
O6 NAG L . -21.57 -18.61 -11.03
O7 NAG L . -16.87 -18.03 -16.62
C1 NAG M . 39.80 -35.96 10.64
C2 NAG M . 40.91 -36.09 11.70
C3 NAG M . 41.46 -34.73 12.08
C4 NAG M . 41.92 -33.97 10.83
C5 NAG M . 40.75 -33.87 9.85
C6 NAG M . 41.15 -33.24 8.53
C7 NAG M . 41.05 -37.76 13.51
C8 NAG M . 40.39 -38.32 14.73
N2 NAG M . 40.40 -36.77 12.88
O3 NAG M . 42.54 -34.88 12.98
O4 NAG M . 42.38 -32.67 11.17
O5 NAG M . 40.29 -35.19 9.53
O6 NAG M . 41.19 -34.21 7.50
O7 NAG M . 42.14 -38.18 13.11
C1 NAG M . 43.41 -31.82 10.87
C2 NAG M . 42.82 -30.41 10.76
C3 NAG M . 43.91 -29.39 10.36
C4 NAG M . 45.13 -29.52 11.26
C5 NAG M . 45.62 -30.96 11.27
C6 NAG M . 46.80 -31.19 12.19
C7 NAG M . 40.53 -29.85 10.07
C8 NAG M . 39.53 -29.91 8.95
N2 NAG M . 41.73 -30.37 9.80
O3 NAG M . 43.37 -28.08 10.47
O4 NAG M . 46.17 -28.68 10.79
O5 NAG M . 44.55 -31.81 11.74
O6 NAG M . 47.96 -30.56 11.67
O7 NAG M . 40.26 -29.36 11.15
C1 NAG N . 15.91 6.40 -4.06
C2 NAG N . 17.17 5.61 -4.40
C3 NAG N . 18.15 6.46 -5.19
C4 NAG N . 17.46 7.04 -6.42
C5 NAG N . 16.19 7.80 -6.01
C6 NAG N . 15.40 8.29 -7.19
C7 NAG N . 17.82 3.79 -2.87
C8 NAG N . 18.54 3.44 -1.60
N2 NAG N . 17.82 5.09 -3.19
O3 NAG N . 19.27 5.69 -5.59
O4 NAG N . 18.33 7.93 -7.11
O5 NAG N . 15.33 6.93 -5.26
O6 NAG N . 14.19 8.92 -6.78
O7 NAG N . 17.25 2.94 -3.55
C1 NAG N . 18.78 8.71 -8.15
C2 NAG N . 19.65 9.97 -8.09
C3 NAG N . 19.89 10.52 -9.50
C4 NAG N . 20.46 9.43 -10.40
C5 NAG N . 19.53 8.22 -10.38
C6 NAG N . 20.07 7.06 -11.19
C7 NAG N . 19.12 10.98 -5.91
C8 NAG N . 18.42 12.11 -5.21
N2 NAG N . 19.03 10.97 -7.25
O3 NAG N . 20.81 11.61 -9.42
O4 NAG N . 20.56 9.92 -11.74
O5 NAG N . 19.39 7.75 -9.03
O6 NAG N . 19.02 6.20 -11.61
O7 NAG N . 19.73 10.12 -5.30
C1 NAG O . 16.90 -34.99 42.62
C2 NAG O . 16.46 -36.17 43.50
C3 NAG O . 14.97 -36.07 43.82
C4 NAG O . 14.62 -34.70 44.39
C5 NAG O . 15.10 -33.61 43.44
C6 NAG O . 14.88 -32.21 43.97
C7 NAG O . 17.97 -38.01 42.90
C8 NAG O . 18.10 -39.33 42.18
N2 NAG O . 16.76 -37.44 42.87
O3 NAG O . 14.62 -37.09 44.76
O4 NAG O . 13.22 -34.59 44.57
O5 NAG O . 16.51 -33.76 43.23
O6 NAG O . 15.09 -31.25 42.96
O7 NAG O . 18.92 -37.49 43.47
#